data_8HNJ
#
_entry.id   8HNJ
#
_cell.length_a   235.100
_cell.length_b   69.590
_cell.length_c   83.740
_cell.angle_alpha   90.000
_cell.angle_beta   90.711
_cell.angle_gamma   90.000
#
_symmetry.space_group_name_H-M   'C 1 2 1'
#
loop_
_entity.id
_entity.type
_entity.pdbx_description
1 polymer 'Glutamine ABC transporter, periplasmic glutamine-binding protein GlnH'
2 non-polymer GLUTAMINE
3 water water
#
_entity_poly.entity_id   1
_entity_poly.type   'polypeptide(L)'
_entity_poly.pdbx_seq_one_letter_code
;MLVVATDTAFVPFEFKQGDLYVGFDVDLWAAIAKELKLDYELKPMDFSGIIPALQTKNVDLALAGITITDERKKAIDFSD
GYYKSGLLVMVKADNDDIKSVKDLDGKVVAVKSGTGSVDYAKANIKTKDLRQFPNIDNAYMELGTGRADAVLHDTPNILY
FIKTAGNGQFKAVGDSLEAQQYGIAFPKGSDELRDKVNGALKTLRENGTYNEIYKKWFGTEALEHHHHHH
;
_entity_poly.pdbx_strand_id   A,B,C,D,E,F
#
# COMPACT_ATOMS: atom_id res chain seq x y z
N MET A 1 32.05 -16.22 -26.37
CA MET A 1 31.84 -14.79 -26.13
C MET A 1 30.48 -14.60 -25.47
N LEU A 2 30.11 -13.34 -25.30
CA LEU A 2 28.76 -13.00 -24.86
C LEU A 2 27.84 -12.97 -26.07
N VAL A 3 26.64 -13.51 -25.90
CA VAL A 3 25.59 -13.41 -26.89
C VAL A 3 24.60 -12.35 -26.39
N VAL A 4 24.39 -11.34 -27.22
CA VAL A 4 23.60 -10.16 -26.92
C VAL A 4 22.34 -10.16 -27.79
N ALA A 5 21.18 -10.38 -27.16
CA ALA A 5 19.91 -10.25 -27.88
C ALA A 5 19.61 -8.78 -28.19
N THR A 6 19.02 -8.58 -29.35
CA THR A 6 18.42 -7.29 -29.68
C THR A 6 17.13 -7.50 -30.49
N ASP A 7 16.45 -6.39 -30.74
CA ASP A 7 15.14 -6.43 -31.40
C ASP A 7 15.30 -6.58 -32.91
N THR A 8 14.36 -7.33 -33.52
CA THR A 8 14.34 -7.45 -34.99
C THR A 8 14.33 -6.07 -35.63
N ALA A 9 13.51 -5.14 -35.10
CA ALA A 9 13.33 -3.81 -35.72
C ALA A 9 12.66 -2.82 -34.76
N PHE A 10 13.47 -2.00 -34.09
CA PHE A 10 12.95 -1.00 -33.17
C PHE A 10 13.77 0.29 -33.47
N VAL A 11 13.36 1.05 -34.49
CA VAL A 11 14.13 2.25 -34.85
C VAL A 11 13.97 3.31 -33.75
N PRO A 12 14.97 4.12 -33.46
CA PRO A 12 16.34 4.16 -33.99
C PRO A 12 17.30 3.38 -33.10
N PHE A 13 16.80 2.46 -32.28
CA PHE A 13 17.69 1.76 -31.36
C PHE A 13 18.40 0.57 -31.98
N GLU A 14 17.71 -0.22 -32.79
CA GLU A 14 18.36 -1.30 -33.50
C GLU A 14 17.52 -1.56 -34.74
N PHE A 15 18.15 -1.62 -35.90
CA PHE A 15 17.40 -1.94 -37.11
C PHE A 15 18.40 -2.32 -38.19
N LYS A 16 17.93 -3.12 -39.15
CA LYS A 16 18.79 -3.54 -40.24
C LYS A 16 18.95 -2.41 -41.25
N GLN A 17 20.19 -2.10 -41.57
CA GLN A 17 20.54 -1.12 -42.60
C GLN A 17 21.59 -1.73 -43.50
N GLY A 18 21.26 -1.96 -44.76
CA GLY A 18 22.20 -2.67 -45.58
C GLY A 18 22.03 -4.11 -45.14
N ASP A 19 23.10 -4.74 -44.67
CA ASP A 19 22.98 -6.07 -44.07
C ASP A 19 23.54 -6.08 -42.66
N LEU A 20 23.75 -4.90 -42.07
CA LEU A 20 24.29 -4.71 -40.74
C LEU A 20 23.21 -4.13 -39.84
N TYR A 21 23.27 -4.46 -38.57
CA TYR A 21 22.42 -3.78 -37.62
C TYR A 21 23.09 -2.50 -37.16
N VAL A 22 22.31 -1.42 -37.12
CA VAL A 22 22.75 -0.12 -36.66
C VAL A 22 21.72 0.38 -35.64
N GLY A 23 22.12 1.39 -34.88
CA GLY A 23 21.20 2.06 -33.95
C GLY A 23 21.86 2.56 -32.68
N PHE A 24 21.08 3.30 -31.91
CA PHE A 24 21.55 3.79 -30.61
C PHE A 24 21.94 2.62 -29.70
N ASP A 25 21.08 1.59 -29.60
CA ASP A 25 21.41 0.47 -28.76
C ASP A 25 22.65 -0.23 -29.28
N VAL A 26 22.76 -0.39 -30.60
CA VAL A 26 23.95 -1.03 -31.18
C VAL A 26 25.22 -0.24 -30.88
N ASP A 27 25.15 1.08 -31.07
CA ASP A 27 26.32 1.92 -30.82
C ASP A 27 26.64 1.95 -29.32
N LEU A 28 25.62 2.08 -28.48
CA LEU A 28 25.89 2.14 -27.05
C LEU A 28 26.52 0.83 -26.57
N TRP A 29 26.01 -0.31 -27.03
CA TRP A 29 26.52 -1.60 -26.55
C TRP A 29 27.99 -1.79 -27.03
N ALA A 30 28.29 -1.40 -28.26
CA ALA A 30 29.66 -1.48 -28.79
C ALA A 30 30.62 -0.65 -27.96
N ALA A 31 30.23 0.57 -27.57
CA ALA A 31 31.10 1.39 -26.72
C ALA A 31 31.27 0.79 -25.33
N ILE A 32 30.20 0.18 -24.77
CA ILE A 32 30.34 -0.49 -23.47
C ILE A 32 31.31 -1.66 -23.59
N ALA A 33 31.18 -2.45 -24.68
CA ALA A 33 31.95 -3.67 -24.81
C ALA A 33 33.43 -3.35 -25.00
N LYS A 34 33.72 -2.25 -25.74
CA LYS A 34 35.11 -1.74 -25.86
C LYS A 34 35.70 -1.35 -24.53
N GLU A 35 34.94 -0.58 -23.79
CA GLU A 35 35.38 -0.05 -22.52
C GLU A 35 35.72 -1.18 -21.57
N LEU A 36 34.94 -2.25 -21.64
CA LEU A 36 35.11 -3.40 -20.77
C LEU A 36 35.92 -4.52 -21.39
N LYS A 37 36.37 -4.35 -22.63
CA LYS A 37 37.15 -5.35 -23.37
C LYS A 37 36.42 -6.69 -23.42
N LEU A 38 35.15 -6.66 -23.81
CA LEU A 38 34.38 -7.89 -23.95
C LEU A 38 34.11 -8.19 -25.42
N ASP A 39 34.25 -9.45 -25.78
CA ASP A 39 33.88 -9.93 -27.09
C ASP A 39 32.41 -10.37 -27.07
N TYR A 40 31.72 -10.17 -28.19
CA TYR A 40 30.31 -10.54 -28.20
C TYR A 40 29.83 -10.77 -29.61
N GLU A 41 28.63 -11.35 -29.68
CA GLU A 41 27.84 -11.53 -30.88
C GLU A 41 26.46 -10.91 -30.66
N LEU A 42 25.96 -10.18 -31.65
CA LEU A 42 24.63 -9.61 -31.66
C LEU A 42 23.58 -10.55 -32.26
N LYS A 43 22.47 -10.77 -31.55
CA LYS A 43 21.45 -11.69 -32.03
C LYS A 43 20.06 -11.05 -32.10
N PRO A 44 19.73 -10.41 -33.22
CA PRO A 44 18.39 -9.85 -33.39
C PRO A 44 17.35 -10.95 -33.30
N MET A 45 16.20 -10.62 -32.68
CA MET A 45 15.08 -11.55 -32.58
C MET A 45 13.81 -10.75 -32.24
N ASP A 46 12.65 -11.35 -32.48
CA ASP A 46 11.42 -10.63 -32.16
C ASP A 46 11.35 -10.39 -30.66
N PHE A 47 10.83 -9.24 -30.28
CA PHE A 47 10.91 -8.80 -28.89
C PHE A 47 10.29 -9.78 -27.89
N SER A 48 9.12 -10.35 -28.22
CA SER A 48 8.41 -11.22 -27.31
C SER A 48 9.28 -12.38 -26.85
N GLY A 49 10.25 -12.81 -27.65
CA GLY A 49 11.11 -13.88 -27.19
C GLY A 49 12.30 -13.46 -26.33
N ILE A 50 12.49 -12.15 -26.16
CA ILE A 50 13.74 -11.73 -25.54
C ILE A 50 13.76 -12.05 -24.06
N ILE A 51 12.76 -11.65 -23.32
CA ILE A 51 12.80 -11.87 -21.88
C ILE A 51 12.85 -13.40 -21.57
N PRO A 52 11.99 -14.20 -22.18
CA PRO A 52 12.18 -15.66 -22.08
C PRO A 52 13.57 -16.17 -22.44
N ALA A 53 14.14 -15.67 -23.53
CA ALA A 53 15.50 -16.09 -23.88
C ALA A 53 16.47 -15.81 -22.73
N LEU A 54 16.30 -14.69 -22.03
CA LEU A 54 17.15 -14.40 -20.88
C LEU A 54 16.88 -15.36 -19.72
N GLN A 55 15.59 -15.63 -19.44
CA GLN A 55 15.22 -16.51 -18.36
C GLN A 55 15.83 -17.89 -18.51
N THR A 56 15.95 -18.36 -19.74
CA THR A 56 16.50 -19.69 -19.96
C THR A 56 17.99 -19.67 -20.29
N LYS A 57 18.65 -18.52 -20.15
CA LYS A 57 20.09 -18.35 -20.41
C LYS A 57 20.44 -18.75 -21.82
N ASN A 58 19.54 -18.48 -22.72
CA ASN A 58 19.91 -18.62 -24.12
C ASN A 58 20.75 -17.47 -24.63
N VAL A 59 20.77 -16.33 -23.95
CA VAL A 59 21.59 -15.18 -24.34
C VAL A 59 22.15 -14.65 -23.03
N ASP A 60 23.23 -13.87 -23.12
CA ASP A 60 23.86 -13.36 -21.90
C ASP A 60 23.31 -12.02 -21.43
N LEU A 61 22.80 -11.21 -22.33
CA LEU A 61 22.15 -9.95 -21.98
C LEU A 61 21.39 -9.51 -23.21
N ALA A 62 20.69 -8.37 -23.11
CA ALA A 62 19.90 -7.83 -24.18
C ALA A 62 19.76 -6.31 -24.15
N LEU A 63 19.71 -5.73 -25.32
CA LEU A 63 19.37 -4.34 -25.51
C LEU A 63 18.32 -4.32 -26.62
N ALA A 64 17.14 -3.83 -26.31
CA ALA A 64 16.09 -3.76 -27.29
C ALA A 64 15.09 -2.70 -26.82
N GLY A 65 15.65 -1.58 -26.40
CA GLY A 65 14.85 -0.54 -25.78
C GLY A 65 13.97 -1.12 -24.69
N ILE A 66 14.56 -1.94 -23.80
CA ILE A 66 13.74 -2.68 -22.84
C ILE A 66 13.42 -1.84 -21.59
N THR A 67 12.13 -1.59 -21.36
CA THR A 67 11.68 -0.79 -20.23
C THR A 67 11.85 -1.54 -18.91
N ILE A 68 12.46 -0.85 -17.93
CA ILE A 68 12.64 -1.33 -16.58
C ILE A 68 11.29 -1.23 -15.87
N THR A 69 10.79 -2.37 -15.39
CA THR A 69 9.56 -2.44 -14.63
C THR A 69 9.73 -3.38 -13.43
N ASP A 70 8.91 -3.15 -12.42
CA ASP A 70 8.97 -4.01 -11.23
C ASP A 70 8.57 -5.44 -11.54
N GLU A 71 7.58 -5.62 -12.42
CA GLU A 71 7.18 -6.98 -12.80
C GLU A 71 8.30 -7.73 -13.53
N ARG A 72 9.00 -7.06 -14.43
CA ARG A 72 10.06 -7.78 -15.12
C ARG A 72 11.23 -8.04 -14.19
N LYS A 73 11.40 -7.21 -13.18
CA LYS A 73 12.48 -7.45 -12.24
C LYS A 73 12.25 -8.71 -11.45
N LYS A 74 11.04 -9.25 -11.45
CA LYS A 74 10.84 -10.55 -10.83
C LYS A 74 11.48 -11.63 -11.63
N ALA A 75 11.63 -11.44 -12.95
CA ALA A 75 12.16 -12.46 -13.84
C ALA A 75 13.61 -12.22 -14.28
N ILE A 76 14.04 -10.96 -14.42
CA ILE A 76 15.36 -10.64 -14.92
C ILE A 76 15.94 -9.44 -14.15
N ASP A 77 17.23 -9.15 -14.42
CA ASP A 77 17.89 -7.99 -13.83
C ASP A 77 18.17 -6.94 -14.90
N PHE A 78 18.33 -5.73 -14.45
CA PHE A 78 18.46 -4.58 -15.32
C PHE A 78 19.67 -3.77 -14.90
N SER A 79 20.30 -3.18 -15.89
CA SER A 79 21.28 -2.15 -15.66
C SER A 79 20.60 -0.91 -15.16
N ASP A 80 21.45 0.07 -14.85
CA ASP A 80 20.94 1.42 -14.64
C ASP A 80 20.31 1.89 -15.93
N GLY A 81 19.28 2.72 -15.79
CA GLY A 81 18.57 3.20 -16.96
C GLY A 81 19.47 4.01 -17.86
N TYR A 82 19.32 3.84 -19.17
CA TYR A 82 20.15 4.58 -20.10
C TYR A 82 19.42 5.45 -21.11
N TYR A 83 18.10 5.55 -21.02
CA TYR A 83 17.33 6.39 -21.91
C TYR A 83 15.93 6.59 -21.30
N LYS A 84 15.47 7.83 -21.25
CA LYS A 84 14.17 8.20 -20.71
C LYS A 84 13.17 8.29 -21.87
N SER A 85 12.09 7.52 -21.78
CA SER A 85 11.14 7.37 -22.89
C SER A 85 9.70 7.50 -22.41
N GLY A 86 8.78 7.14 -23.29
CA GLY A 86 7.37 7.10 -23.01
C GLY A 86 6.67 6.40 -24.16
N LEU A 87 5.38 6.67 -24.28
CA LEU A 87 4.55 6.15 -25.35
C LEU A 87 3.84 7.33 -25.97
N LEU A 88 3.58 7.20 -27.24
CA LEU A 88 2.96 8.23 -28.04
C LEU A 88 1.88 7.57 -28.89
N VAL A 89 0.81 8.29 -29.14
CA VAL A 89 -0.21 7.81 -30.05
C VAL A 89 0.10 8.29 -31.44
N MET A 90 -0.02 7.41 -32.43
CA MET A 90 0.15 7.78 -33.83
C MET A 90 -1.10 7.38 -34.62
N VAL A 91 -1.55 8.28 -35.50
CA VAL A 91 -2.73 8.10 -36.32
C VAL A 91 -2.38 8.48 -37.75
N LYS A 92 -3.27 8.14 -38.69
CA LYS A 92 -3.14 8.60 -40.08
C LYS A 92 -3.20 10.13 -40.13
N ALA A 93 -2.45 10.72 -41.04
CA ALA A 93 -2.28 12.18 -40.99
C ALA A 93 -3.58 12.95 -41.25
N ASP A 94 -4.54 12.35 -41.96
CA ASP A 94 -5.84 12.95 -42.27
C ASP A 94 -6.83 12.85 -41.12
N ASN A 95 -6.43 12.31 -39.97
CA ASN A 95 -7.36 12.00 -38.89
C ASN A 95 -7.67 13.25 -38.06
N ASP A 96 -8.96 13.41 -37.69
CA ASP A 96 -9.35 14.50 -36.80
C ASP A 96 -10.03 14.08 -35.50
N ASP A 97 -10.53 12.86 -35.46
CA ASP A 97 -11.20 12.19 -34.34
C ASP A 97 -10.28 11.89 -33.14
N ILE A 98 -8.99 11.71 -33.36
CA ILE A 98 -8.09 11.28 -32.30
C ILE A 98 -7.07 12.40 -32.02
N LYS A 99 -7.22 13.10 -30.88
CA LYS A 99 -6.32 14.16 -30.44
C LYS A 99 -5.41 13.76 -29.29
N SER A 100 -5.74 12.70 -28.57
CA SER A 100 -4.93 12.26 -27.45
C SER A 100 -5.27 10.79 -27.22
N VAL A 101 -4.59 10.19 -26.25
CA VAL A 101 -4.93 8.81 -25.94
C VAL A 101 -6.40 8.66 -25.45
N LYS A 102 -6.99 9.72 -24.88
CA LYS A 102 -8.37 9.62 -24.40
C LYS A 102 -9.34 9.21 -25.50
N ASP A 103 -9.11 9.69 -26.71
CA ASP A 103 -9.96 9.40 -27.85
C ASP A 103 -9.78 8.01 -28.40
N LEU A 104 -8.94 7.16 -27.80
CA LEU A 104 -8.81 5.77 -28.24
C LEU A 104 -9.89 4.88 -27.66
N ASP A 105 -10.63 5.35 -26.67
CA ASP A 105 -11.77 4.59 -26.19
C ASP A 105 -12.69 4.29 -27.36
N GLY A 106 -13.00 3.02 -27.53
CA GLY A 106 -13.87 2.63 -28.63
C GLY A 106 -13.23 2.57 -30.01
N LYS A 107 -11.91 2.51 -30.10
CA LYS A 107 -11.25 2.47 -31.39
C LYS A 107 -10.43 1.19 -31.55
N VAL A 108 -10.02 0.91 -32.78
CA VAL A 108 -9.10 -0.20 -33.04
C VAL A 108 -7.68 0.32 -32.95
N VAL A 109 -6.91 -0.21 -32.01
CA VAL A 109 -5.53 0.19 -31.80
C VAL A 109 -4.64 -1.00 -32.13
N ALA A 110 -3.58 -0.73 -32.89
CA ALA A 110 -2.56 -1.72 -33.19
C ALA A 110 -1.31 -1.48 -32.33
N VAL A 111 -0.77 -2.57 -31.82
CA VAL A 111 0.38 -2.55 -30.91
C VAL A 111 1.21 -3.78 -31.17
N LYS A 112 2.38 -3.82 -30.53
CA LYS A 112 3.37 -4.86 -30.72
C LYS A 112 3.34 -5.86 -29.57
N SER A 113 3.22 -7.15 -29.90
CA SER A 113 3.13 -8.18 -28.89
C SER A 113 4.31 -8.17 -27.93
N GLY A 114 4.02 -8.39 -26.64
CA GLY A 114 5.07 -8.58 -25.68
C GLY A 114 5.67 -7.30 -25.11
N THR A 115 5.18 -6.14 -25.51
CA THR A 115 5.72 -4.86 -25.11
C THR A 115 4.78 -4.19 -24.14
N GLY A 116 5.30 -3.17 -23.47
CA GLY A 116 4.54 -2.37 -22.52
C GLY A 116 3.40 -1.57 -23.14
N SER A 117 3.40 -1.35 -24.44
CA SER A 117 2.24 -0.68 -25.02
C SER A 117 0.97 -1.54 -24.89
N VAL A 118 1.12 -2.87 -25.02
CA VAL A 118 -0.01 -3.77 -24.84
C VAL A 118 -0.52 -3.69 -23.41
N ASP A 119 0.41 -3.74 -22.44
CA ASP A 119 0.04 -3.63 -21.03
C ASP A 119 -0.64 -2.31 -20.76
N TYR A 120 -0.17 -1.23 -21.36
CA TYR A 120 -0.81 0.05 -21.14
C TYR A 120 -2.22 0.08 -21.73
N ALA A 121 -2.39 -0.43 -22.95
CA ALA A 121 -3.69 -0.37 -23.62
C ALA A 121 -4.72 -1.17 -22.83
N LYS A 122 -4.36 -2.37 -22.38
CA LYS A 122 -5.24 -3.21 -21.59
C LYS A 122 -5.63 -2.54 -20.27
N ALA A 123 -4.70 -1.77 -19.68
CA ALA A 123 -4.95 -1.14 -18.39
C ALA A 123 -5.79 0.13 -18.47
N ASN A 124 -5.73 0.87 -19.57
CA ASN A 124 -6.24 2.24 -19.56
C ASN A 124 -7.09 2.66 -20.74
N ILE A 125 -7.31 1.80 -21.73
CA ILE A 125 -7.95 2.21 -22.96
C ILE A 125 -9.03 1.18 -23.24
N LYS A 126 -10.27 1.65 -23.29
CA LYS A 126 -11.43 0.79 -23.57
C LYS A 126 -11.52 0.66 -25.07
N THR A 127 -10.63 -0.18 -25.62
CA THR A 127 -10.57 -0.38 -27.05
C THR A 127 -11.74 -1.22 -27.56
N LYS A 128 -12.13 -0.96 -28.80
CA LYS A 128 -12.99 -1.86 -29.56
C LYS A 128 -12.25 -3.15 -29.94
N ASP A 129 -10.96 -3.00 -30.30
CA ASP A 129 -10.10 -4.09 -30.77
C ASP A 129 -8.66 -3.63 -30.56
N LEU A 130 -7.87 -4.48 -29.91
CA LEU A 130 -6.43 -4.28 -29.69
C LEU A 130 -5.78 -5.38 -30.51
N ARG A 131 -5.24 -5.00 -31.65
CA ARG A 131 -4.64 -5.93 -32.60
C ARG A 131 -3.11 -5.96 -32.41
N GLN A 132 -2.60 -7.11 -32.02
CA GLN A 132 -1.20 -7.26 -31.66
C GLN A 132 -0.37 -7.88 -32.77
N PHE A 133 0.87 -7.41 -32.92
CA PHE A 133 1.74 -7.87 -33.98
C PHE A 133 3.14 -8.14 -33.45
N PRO A 134 3.86 -9.05 -34.10
CA PRO A 134 5.20 -9.39 -33.60
C PRO A 134 6.19 -8.25 -33.73
N ASN A 135 6.03 -7.42 -34.74
CA ASN A 135 6.88 -6.28 -34.95
C ASN A 135 6.10 -5.03 -35.23
N ILE A 136 6.73 -3.90 -34.93
CA ILE A 136 5.95 -2.67 -34.91
C ILE A 136 5.65 -2.19 -36.29
N ASP A 137 6.50 -2.51 -37.27
CA ASP A 137 6.16 -2.10 -38.65
C ASP A 137 4.92 -2.85 -39.17
N ASN A 138 4.61 -4.08 -38.68
CA ASN A 138 3.30 -4.67 -38.95
C ASN A 138 2.17 -3.77 -38.44
N ALA A 139 2.31 -3.24 -37.22
CA ALA A 139 1.28 -2.32 -36.72
C ALA A 139 1.20 -1.02 -37.52
N TYR A 140 2.34 -0.48 -37.97
CA TYR A 140 2.27 0.73 -38.80
C TYR A 140 1.49 0.46 -40.10
N MET A 141 1.68 -0.73 -40.67
CA MET A 141 0.94 -1.05 -41.89
C MET A 141 -0.55 -1.23 -41.63
N GLU A 142 -0.91 -1.82 -40.48
CA GLU A 142 -2.30 -1.98 -40.12
C GLU A 142 -2.99 -0.63 -40.01
N LEU A 143 -2.27 0.36 -39.49
CA LEU A 143 -2.75 1.72 -39.46
C LEU A 143 -2.84 2.30 -40.85
N GLY A 144 -1.80 2.11 -41.65
CA GLY A 144 -1.78 2.74 -42.96
C GLY A 144 -2.92 2.29 -43.86
N THR A 145 -3.36 1.02 -43.74
CA THR A 145 -4.47 0.44 -44.50
C THR A 145 -5.84 0.73 -43.90
N GLY A 146 -5.90 1.47 -42.79
CA GLY A 146 -7.17 1.73 -42.18
C GLY A 146 -7.73 0.53 -41.47
N ARG A 147 -6.93 -0.49 -41.18
CA ARG A 147 -7.46 -1.58 -40.38
C ARG A 147 -7.37 -1.32 -38.89
N ALA A 148 -6.75 -0.23 -38.49
CA ALA A 148 -6.75 0.24 -37.12
C ALA A 148 -6.80 1.75 -37.21
N ASP A 149 -7.28 2.35 -36.15
CA ASP A 149 -7.43 3.80 -36.07
C ASP A 149 -6.19 4.49 -35.51
N ALA A 150 -5.35 3.77 -34.77
CA ALA A 150 -4.13 4.35 -34.22
C ALA A 150 -3.16 3.23 -33.89
N VAL A 151 -1.92 3.65 -33.69
CA VAL A 151 -0.86 2.83 -33.11
C VAL A 151 -0.37 3.52 -31.85
N LEU A 152 -0.11 2.73 -30.80
CA LEU A 152 0.48 3.18 -29.54
C LEU A 152 1.83 2.50 -29.45
N HIS A 153 2.91 3.27 -29.37
CA HIS A 153 4.21 2.65 -29.15
C HIS A 153 5.22 3.68 -28.65
N ASP A 154 6.43 3.22 -28.37
CA ASP A 154 7.43 4.07 -27.74
C ASP A 154 7.64 5.36 -28.52
N THR A 155 7.64 6.47 -27.78
CA THR A 155 7.78 7.83 -28.29
C THR A 155 8.93 8.01 -29.28
N PRO A 156 10.18 7.67 -28.91
CA PRO A 156 11.28 7.87 -29.86
C PRO A 156 11.10 7.03 -31.10
N ASN A 157 10.42 5.87 -31.00
CA ASN A 157 10.17 5.03 -32.19
C ASN A 157 9.14 5.68 -33.12
N ILE A 158 7.98 6.12 -32.57
CA ILE A 158 6.96 6.78 -33.37
C ILE A 158 7.55 8.02 -34.04
N LEU A 159 8.31 8.82 -33.27
CA LEU A 159 8.87 10.04 -33.85
C LEU A 159 9.94 9.74 -34.91
N TYR A 160 10.81 8.77 -34.70
CA TYR A 160 11.84 8.55 -35.73
C TYR A 160 11.22 7.99 -36.99
N PHE A 161 10.24 7.09 -36.85
CA PHE A 161 9.55 6.56 -38.01
C PHE A 161 8.87 7.64 -38.82
N ILE A 162 8.15 8.54 -38.15
CA ILE A 162 7.48 9.62 -38.88
C ILE A 162 8.53 10.42 -39.65
N LYS A 163 9.58 10.81 -38.96
CA LYS A 163 10.65 11.59 -39.57
C LYS A 163 11.33 10.87 -40.74
N THR A 164 11.46 9.55 -40.71
CA THR A 164 12.30 8.88 -41.71
C THR A 164 11.56 8.08 -42.77
N ALA A 165 10.47 7.38 -42.44
CA ALA A 165 9.81 6.46 -43.35
C ALA A 165 8.31 6.65 -43.44
N GLY A 166 7.73 7.54 -42.65
CA GLY A 166 6.29 7.71 -42.66
C GLY A 166 5.78 8.28 -43.96
N ASN A 167 6.59 9.10 -44.63
CA ASN A 167 6.22 9.69 -45.92
C ASN A 167 4.93 10.46 -45.83
N GLY A 168 4.82 11.27 -44.78
CA GLY A 168 3.68 12.13 -44.61
C GLY A 168 2.37 11.40 -44.42
N GLN A 169 2.40 10.09 -44.25
CA GLN A 169 1.13 9.39 -44.11
C GLN A 169 0.67 9.26 -42.68
N PHE A 170 1.52 9.61 -41.70
CA PHE A 170 1.19 9.47 -40.29
C PHE A 170 1.55 10.71 -39.49
N LYS A 171 0.93 10.85 -38.32
CA LYS A 171 1.25 11.92 -37.40
C LYS A 171 1.10 11.43 -35.98
N ALA A 172 1.83 12.08 -35.07
CA ALA A 172 1.72 11.82 -33.64
C ALA A 172 0.74 12.80 -33.02
N VAL A 173 -0.06 12.35 -32.07
CA VAL A 173 -0.95 13.28 -31.41
C VAL A 173 -0.78 13.16 -29.90
N GLY A 174 -1.09 14.27 -29.21
CA GLY A 174 -0.96 14.30 -27.80
C GLY A 174 0.52 14.37 -27.39
N ASP A 175 0.75 14.06 -26.13
CA ASP A 175 2.07 14.09 -25.53
C ASP A 175 2.53 12.67 -25.16
N SER A 176 3.83 12.58 -24.87
CA SER A 176 4.46 11.33 -24.46
C SER A 176 3.87 10.85 -23.14
N LEU A 177 3.32 9.65 -23.13
CA LEU A 177 2.68 9.06 -21.96
C LEU A 177 3.64 8.18 -21.19
N GLU A 178 3.34 7.97 -19.91
CA GLU A 178 3.96 6.88 -19.13
C GLU A 178 5.50 6.92 -19.21
N ALA A 179 6.00 7.98 -18.61
CA ALA A 179 7.43 8.16 -18.47
C ALA A 179 8.07 6.88 -17.97
N GLN A 180 9.15 6.46 -18.64
CA GLN A 180 9.73 5.15 -18.36
C GLN A 180 11.20 5.22 -18.77
N GLN A 181 11.98 4.25 -18.32
CA GLN A 181 13.38 4.22 -18.68
C GLN A 181 13.72 2.87 -19.29
N TYR A 182 14.66 2.85 -20.24
CA TYR A 182 15.17 1.59 -20.78
C TYR A 182 16.43 1.16 -20.03
N GLY A 183 16.59 -0.15 -19.86
CA GLY A 183 17.79 -0.70 -19.29
C GLY A 183 18.30 -1.88 -20.10
N ILE A 184 19.58 -2.16 -19.92
CA ILE A 184 20.17 -3.39 -20.40
C ILE A 184 19.69 -4.50 -19.50
N ALA A 185 19.21 -5.57 -20.10
CA ALA A 185 18.63 -6.70 -19.39
C ALA A 185 19.60 -7.89 -19.35
N PHE A 186 19.58 -8.60 -18.23
CA PHE A 186 20.41 -9.74 -17.90
C PHE A 186 19.57 -10.84 -17.28
N PRO A 187 19.98 -12.10 -17.43
CA PRO A 187 19.38 -13.14 -16.61
C PRO A 187 19.80 -12.94 -15.16
N LYS A 188 18.96 -13.45 -14.27
CA LYS A 188 19.30 -13.44 -12.86
C LYS A 188 20.66 -14.10 -12.71
N GLY A 189 21.43 -13.66 -11.72
CA GLY A 189 22.69 -14.29 -11.44
C GLY A 189 23.84 -13.77 -12.27
N SER A 190 23.65 -12.68 -12.99
CA SER A 190 24.72 -12.05 -13.76
C SER A 190 25.22 -10.81 -13.06
N ASP A 191 25.22 -10.82 -11.72
CA ASP A 191 25.50 -9.58 -10.99
C ASP A 191 26.86 -9.01 -11.31
N GLU A 192 27.88 -9.86 -11.47
CA GLU A 192 29.23 -9.31 -11.70
C GLU A 192 29.26 -8.55 -13.02
N LEU A 193 28.70 -9.15 -14.07
CA LEU A 193 28.65 -8.47 -15.36
C LEU A 193 27.79 -7.21 -15.29
N ARG A 194 26.62 -7.32 -14.65
CA ARG A 194 25.72 -6.17 -14.60
C ARG A 194 26.37 -4.97 -13.92
N ASP A 195 27.11 -5.19 -12.82
CA ASP A 195 27.76 -4.07 -12.15
C ASP A 195 28.90 -3.52 -13.01
N LYS A 196 29.63 -4.38 -13.71
CA LYS A 196 30.61 -3.87 -14.66
C LYS A 196 29.97 -3.02 -15.74
N VAL A 197 28.81 -3.44 -16.26
CA VAL A 197 28.18 -2.64 -17.30
C VAL A 197 27.70 -1.32 -16.72
N ASN A 198 27.15 -1.32 -15.50
CA ASN A 198 26.74 -0.06 -14.89
C ASN A 198 27.93 0.89 -14.74
N GLY A 199 29.10 0.36 -14.34
CA GLY A 199 30.31 1.17 -14.28
C GLY A 199 30.72 1.72 -15.63
N ALA A 200 30.65 0.90 -16.67
CA ALA A 200 31.04 1.41 -17.97
C ALA A 200 30.06 2.44 -18.46
N LEU A 201 28.77 2.31 -18.10
CA LEU A 201 27.79 3.29 -18.53
C LEU A 201 28.05 4.65 -17.88
N LYS A 202 28.37 4.66 -16.59
CA LYS A 202 28.73 5.90 -15.90
C LYS A 202 29.92 6.54 -16.60
N THR A 203 30.90 5.74 -17.00
CA THR A 203 32.07 6.28 -17.70
C THR A 203 31.66 6.95 -18.99
N LEU A 204 30.83 6.28 -19.78
CA LEU A 204 30.45 6.86 -21.08
C LEU A 204 29.69 8.15 -20.92
N ARG A 205 28.95 8.28 -19.83
CA ARG A 205 28.22 9.51 -19.60
C ARG A 205 29.16 10.63 -19.17
N GLU A 206 30.27 10.31 -18.55
CA GLU A 206 31.17 11.37 -18.08
C GLU A 206 32.20 11.79 -19.11
N ASN A 207 32.58 10.87 -20.02
CA ASN A 207 33.62 11.12 -21.02
C ASN A 207 33.10 11.62 -22.37
N GLY A 208 31.79 11.81 -22.56
CA GLY A 208 31.26 12.36 -23.81
C GLY A 208 30.79 11.36 -24.84
N THR A 209 31.11 10.08 -24.66
CA THR A 209 30.68 9.11 -25.65
C THR A 209 29.16 8.93 -25.64
N TYR A 210 28.53 8.86 -24.45
CA TYR A 210 27.06 8.78 -24.40
C TYR A 210 26.44 9.96 -25.14
N ASN A 211 26.88 11.19 -24.83
CA ASN A 211 26.30 12.33 -25.49
C ASN A 211 26.55 12.30 -27.00
N GLU A 212 27.69 11.80 -27.45
CA GLU A 212 27.92 11.72 -28.88
C GLU A 212 26.92 10.77 -29.54
N ILE A 213 26.74 9.60 -28.92
CA ILE A 213 25.80 8.64 -29.49
C ILE A 213 24.39 9.22 -29.44
N TYR A 214 23.99 9.85 -28.31
CA TYR A 214 22.65 10.43 -28.22
C TYR A 214 22.44 11.47 -29.32
N LYS A 215 23.44 12.33 -29.55
CA LYS A 215 23.27 13.34 -30.61
C LYS A 215 23.24 12.72 -32.00
N LYS A 216 24.01 11.67 -32.23
CA LYS A 216 23.97 11.06 -33.56
C LYS A 216 22.55 10.59 -33.95
N TRP A 217 21.76 10.01 -33.00
CA TRP A 217 20.45 9.38 -33.33
C TRP A 217 19.28 10.30 -33.06
N PHE A 218 19.44 11.27 -32.17
CA PHE A 218 18.35 12.10 -31.69
C PHE A 218 18.56 13.57 -32.00
N GLY A 219 19.73 13.97 -32.50
CA GLY A 219 20.05 15.36 -32.81
C GLY A 219 19.48 16.41 -31.88
N MET B 1 -16.91 -13.19 24.63
CA MET B 1 -16.32 -12.09 25.45
C MET B 1 -14.84 -11.93 25.20
N LEU B 2 -14.45 -10.67 25.01
CA LEU B 2 -13.08 -10.32 24.67
C LEU B 2 -12.19 -10.11 25.87
N VAL B 3 -10.96 -10.59 25.77
CA VAL B 3 -9.96 -10.31 26.78
C VAL B 3 -9.03 -9.23 26.22
N VAL B 4 -8.93 -8.12 26.91
CA VAL B 4 -8.21 -6.96 26.42
C VAL B 4 -6.96 -6.77 27.28
N ALA B 5 -5.78 -7.02 26.70
CA ALA B 5 -4.51 -6.77 27.38
C ALA B 5 -4.31 -5.26 27.51
N THR B 6 -3.73 -4.85 28.61
CA THR B 6 -3.31 -3.48 28.81
C THR B 6 -1.99 -3.55 29.58
N ASP B 7 -1.36 -2.40 29.74
CA ASP B 7 -0.06 -2.29 30.37
C ASP B 7 -0.22 -2.33 31.87
N THR B 8 0.73 -2.98 32.53
CA THR B 8 0.75 -2.95 33.99
C THR B 8 0.70 -1.52 34.47
N ALA B 9 1.52 -0.63 33.85
CA ALA B 9 1.63 0.76 34.33
C ALA B 9 2.23 1.68 33.26
N PHE B 10 1.37 2.45 32.55
CA PHE B 10 1.83 3.39 31.52
C PHE B 10 0.94 4.64 31.68
N VAL B 11 1.35 5.50 32.61
CA VAL B 11 0.56 6.71 32.88
C VAL B 11 0.64 7.65 31.69
N PRO B 12 -0.44 8.37 31.33
CA PRO B 12 -1.79 8.27 31.90
C PRO B 12 -2.73 7.39 31.11
N PHE B 13 -2.18 6.48 30.31
CA PHE B 13 -2.98 5.64 29.43
C PHE B 13 -3.67 4.53 30.21
N GLU B 14 -2.94 3.91 31.13
CA GLU B 14 -3.52 2.89 31.99
C GLU B 14 -2.65 2.78 33.24
N PHE B 15 -3.26 2.85 34.41
CA PHE B 15 -2.52 2.65 35.65
C PHE B 15 -3.47 2.31 36.79
N LYS B 16 -2.91 1.60 37.78
CA LYS B 16 -3.65 1.18 38.97
C LYS B 16 -3.84 2.36 39.90
N GLN B 17 -5.11 2.65 40.24
CA GLN B 17 -5.47 3.73 41.17
C GLN B 17 -6.44 3.14 42.19
N GLY B 18 -6.00 3.05 43.43
CA GLY B 18 -6.76 2.32 44.41
C GLY B 18 -6.45 0.92 44.03
N ASP B 19 -7.44 0.15 43.57
CA ASP B 19 -7.12 -1.14 42.98
C ASP B 19 -7.77 -1.33 41.60
N LEU B 20 -8.26 -0.25 41.01
CA LEU B 20 -8.88 -0.31 39.70
C LEU B 20 -8.07 0.46 38.65
N TYR B 21 -8.04 -0.06 37.45
CA TYR B 21 -7.29 0.59 36.39
C TYR B 21 -8.11 1.73 35.78
N VAL B 22 -7.46 2.89 35.66
CA VAL B 22 -8.03 4.09 35.09
C VAL B 22 -7.07 4.57 34.01
N GLY B 23 -7.56 5.48 33.18
CA GLY B 23 -6.69 6.08 32.20
C GLY B 23 -7.31 6.35 30.88
N PHE B 24 -6.55 7.06 30.05
CA PHE B 24 -7.04 7.41 28.73
C PHE B 24 -7.36 6.16 27.93
N ASP B 25 -6.47 5.17 27.96
CA ASP B 25 -6.74 3.97 27.21
C ASP B 25 -7.94 3.26 27.77
N VAL B 26 -8.05 3.23 29.10
CA VAL B 26 -9.17 2.56 29.76
C VAL B 26 -10.48 3.21 29.36
N ASP B 27 -10.52 4.52 29.43
CA ASP B 27 -11.74 5.26 29.11
C ASP B 27 -12.08 5.13 27.64
N LEU B 28 -11.05 5.16 26.78
CA LEU B 28 -11.28 5.07 25.35
C LEU B 28 -11.83 3.71 25.00
N TRP B 29 -11.20 2.64 25.52
CA TRP B 29 -11.74 1.32 25.26
C TRP B 29 -13.15 1.17 25.89
N ALA B 30 -13.38 1.70 27.08
CA ALA B 30 -14.74 1.57 27.64
C ALA B 30 -15.76 2.21 26.71
N ALA B 31 -15.44 3.39 26.17
CA ALA B 31 -16.34 4.10 25.26
C ALA B 31 -16.57 3.32 23.96
N ILE B 32 -15.52 2.70 23.42
CA ILE B 32 -15.64 1.92 22.20
C ILE B 32 -16.52 0.70 22.44
N ALA B 33 -16.34 0.05 23.61
CA ALA B 33 -17.06 -1.18 23.90
C ALA B 33 -18.55 -0.91 24.11
N LYS B 34 -18.88 0.22 24.73
CA LYS B 34 -20.28 0.64 24.90
C LYS B 34 -20.91 0.98 23.54
N GLU B 35 -20.15 1.65 22.68
CA GLU B 35 -20.62 1.94 21.32
C GLU B 35 -20.82 0.67 20.51
N LEU B 36 -19.99 -0.35 20.69
CA LEU B 36 -20.14 -1.59 19.96
C LEU B 36 -20.89 -2.65 20.74
N LYS B 37 -21.31 -2.34 21.97
CA LYS B 37 -22.02 -3.28 22.83
C LYS B 37 -21.24 -4.59 22.98
N LEU B 38 -19.98 -4.45 23.40
CA LEU B 38 -19.13 -5.59 23.67
C LEU B 38 -18.82 -5.72 25.16
N ASP B 39 -18.93 -6.93 25.65
CA ASP B 39 -18.49 -7.26 26.99
C ASP B 39 -17.02 -7.64 26.87
N TYR B 40 -16.25 -7.38 27.90
CA TYR B 40 -14.82 -7.60 27.83
C TYR B 40 -14.28 -7.70 29.24
N GLU B 41 -13.04 -8.18 29.34
CA GLU B 41 -12.27 -8.22 30.57
C GLU B 41 -10.93 -7.55 30.31
N LEU B 42 -10.49 -6.66 31.19
CA LEU B 42 -9.16 -6.11 31.11
C LEU B 42 -8.15 -7.02 31.78
N LYS B 43 -7.05 -7.35 31.07
CA LYS B 43 -5.99 -8.22 31.57
C LYS B 43 -4.69 -7.41 31.56
N PRO B 44 -4.45 -6.64 32.60
CA PRO B 44 -3.19 -5.91 32.70
C PRO B 44 -2.00 -6.84 32.63
N MET B 45 -0.94 -6.37 31.98
CA MET B 45 0.30 -7.13 31.98
C MET B 45 1.48 -6.23 31.59
N ASP B 46 2.68 -6.72 31.93
CA ASP B 46 3.91 -6.03 31.58
C ASP B 46 4.04 -5.97 30.07
N PHE B 47 4.56 -4.85 29.58
CA PHE B 47 4.45 -4.64 28.14
C PHE B 47 5.06 -5.77 27.33
N SER B 48 6.19 -6.31 27.80
CA SER B 48 6.96 -7.23 26.99
C SER B 48 6.17 -8.42 26.58
N GLY B 49 5.18 -8.81 27.37
CA GLY B 49 4.38 -9.95 27.01
C GLY B 49 3.19 -9.65 26.12
N ILE B 50 2.90 -8.36 25.89
CA ILE B 50 1.64 -8.01 25.26
C ILE B 50 1.63 -8.50 23.82
N ILE B 51 2.66 -8.18 23.06
CA ILE B 51 2.63 -8.60 21.66
C ILE B 51 2.75 -10.12 21.48
N PRO B 52 3.66 -10.79 22.16
CA PRO B 52 3.66 -12.26 22.16
C PRO B 52 2.29 -12.81 22.56
N ALA B 53 1.65 -12.22 23.59
CA ALA B 53 0.31 -12.63 23.99
C ALA B 53 -0.70 -12.44 22.84
N LEU B 54 -0.56 -11.36 22.07
CA LEU B 54 -1.42 -11.20 20.91
C LEU B 54 -1.14 -12.25 19.85
N GLN B 55 0.14 -12.51 19.59
CA GLN B 55 0.56 -13.45 18.54
C GLN B 55 0.05 -14.88 18.78
N THR B 56 -0.03 -15.31 20.03
CA THR B 56 -0.49 -16.64 20.39
C THR B 56 -1.98 -16.69 20.76
N LYS B 57 -2.70 -15.58 20.57
CA LYS B 57 -4.15 -15.48 20.79
C LYS B 57 -4.55 -15.73 22.22
N ASN B 58 -3.66 -15.36 23.12
CA ASN B 58 -4.01 -15.31 24.52
C ASN B 58 -4.89 -14.11 24.85
N VAL B 59 -4.97 -13.10 23.99
CA VAL B 59 -5.89 -11.98 24.15
C VAL B 59 -6.51 -11.68 22.81
N ASP B 60 -7.64 -10.96 22.83
CA ASP B 60 -8.30 -10.63 21.58
C ASP B 60 -7.84 -9.32 20.99
N LEU B 61 -7.39 -8.39 21.81
CA LEU B 61 -6.85 -7.10 21.39
C LEU B 61 -6.10 -6.52 22.58
N ALA B 62 -5.49 -5.35 22.37
CA ALA B 62 -4.70 -4.72 23.42
C ALA B 62 -4.66 -3.22 23.18
N LEU B 63 -4.70 -2.46 24.28
CA LEU B 63 -4.43 -1.02 24.32
C LEU B 63 -3.39 -0.81 25.41
N ALA B 64 -2.20 -0.38 25.02
CA ALA B 64 -1.13 -0.14 25.99
C ALA B 64 -0.21 0.93 25.46
N GLY B 65 -0.77 1.98 24.89
CA GLY B 65 -0.01 2.97 24.18
C GLY B 65 0.93 2.33 23.17
N ILE B 66 0.42 1.41 22.37
CA ILE B 66 1.24 0.56 21.49
C ILE B 66 1.48 1.26 20.14
N THR B 67 2.74 1.53 19.88
CA THR B 67 3.13 2.28 18.69
C THR B 67 2.93 1.45 17.43
N ILE B 68 2.29 2.05 16.44
CA ILE B 68 2.14 1.44 15.13
C ILE B 68 3.50 1.50 14.43
N THR B 69 4.02 0.33 14.04
CA THR B 69 5.26 0.28 13.29
C THR B 69 5.14 -0.77 12.20
N ASP B 70 5.93 -0.61 11.12
CA ASP B 70 5.91 -1.58 10.03
C ASP B 70 6.43 -2.96 10.47
N GLU B 71 7.49 -2.99 11.28
CA GLU B 71 7.98 -4.28 11.73
C GLU B 71 6.92 -5.02 12.52
N ARG B 72 6.21 -4.29 13.39
CA ARG B 72 5.16 -4.94 14.17
C ARG B 72 3.99 -5.35 13.30
N LYS B 73 3.77 -4.66 12.19
CA LYS B 73 2.64 -5.05 11.37
C LYS B 73 2.86 -6.37 10.67
N LYS B 74 4.11 -6.84 10.64
CA LYS B 74 4.41 -8.18 10.17
C LYS B 74 3.90 -9.21 11.15
N ALA B 75 3.76 -8.85 12.43
CA ALA B 75 3.34 -9.82 13.42
C ALA B 75 1.90 -9.67 13.89
N ILE B 76 1.34 -8.46 13.94
CA ILE B 76 0.00 -8.21 14.47
C ILE B 76 -0.62 -7.12 13.59
N ASP B 77 -1.90 -6.84 13.81
CA ASP B 77 -2.63 -5.79 13.10
C ASP B 77 -2.98 -4.65 14.04
N PHE B 78 -3.27 -3.48 13.46
CA PHE B 78 -3.49 -2.25 14.22
C PHE B 78 -4.78 -1.58 13.80
N SER B 79 -5.49 -1.00 14.77
CA SER B 79 -6.54 -0.06 14.40
C SER B 79 -5.91 1.20 13.78
N ASP B 80 -6.77 2.11 13.32
CA ASP B 80 -6.28 3.45 12.96
C ASP B 80 -5.65 4.11 14.19
N GLY B 81 -4.71 5.03 13.96
CA GLY B 81 -4.03 5.66 15.08
C GLY B 81 -4.98 6.43 15.96
N TYR B 82 -4.77 6.36 17.28
CA TYR B 82 -5.62 7.12 18.15
C TYR B 82 -4.90 8.17 18.97
N TYR B 83 -3.60 8.34 18.79
CA TYR B 83 -2.86 9.28 19.61
C TYR B 83 -1.47 9.53 19.00
N LYS B 84 -1.08 10.80 18.87
CA LYS B 84 0.17 11.17 18.23
C LYS B 84 1.19 11.40 19.33
N SER B 85 2.26 10.64 19.31
CA SER B 85 3.21 10.63 20.42
C SER B 85 4.64 10.80 19.89
N GLY B 86 5.61 10.57 20.77
CA GLY B 86 7.01 10.58 20.43
C GLY B 86 7.80 10.09 21.63
N LEU B 87 9.08 10.43 21.68
CA LEU B 87 9.93 10.01 22.78
C LEU B 87 10.62 11.24 23.34
N LEU B 88 10.93 11.18 24.61
CA LEU B 88 11.51 12.32 25.31
C LEU B 88 12.59 11.79 26.22
N VAL B 89 13.61 12.59 26.43
CA VAL B 89 14.66 12.29 27.39
C VAL B 89 14.35 12.95 28.72
N MET B 90 14.52 12.20 29.79
CA MET B 90 14.33 12.69 31.15
C MET B 90 15.61 12.49 31.91
N VAL B 91 16.02 13.51 32.67
CA VAL B 91 17.20 13.46 33.52
C VAL B 91 16.82 13.99 34.90
N LYS B 92 17.73 13.78 35.86
CA LYS B 92 17.55 14.38 37.18
C LYS B 92 17.54 15.90 37.03
N ALA B 93 16.72 16.56 37.83
CA ALA B 93 16.56 17.99 37.68
C ALA B 93 17.85 18.74 38.01
N ASP B 94 18.73 18.13 38.80
CA ASP B 94 20.00 18.72 39.19
C ASP B 94 21.07 18.62 38.10
N ASN B 95 20.73 18.07 36.93
CA ASN B 95 21.69 17.78 35.86
C ASN B 95 21.89 18.96 34.92
N ASP B 96 23.15 19.25 34.57
CA ASP B 96 23.44 20.31 33.60
C ASP B 96 24.15 19.85 32.34
N ASP B 97 24.69 18.63 32.36
CA ASP B 97 25.40 17.99 31.24
C ASP B 97 24.49 17.55 30.06
N ILE B 98 23.26 17.13 30.28
CA ILE B 98 22.52 16.48 29.18
C ILE B 98 21.44 17.45 28.71
N LYS B 99 21.62 18.00 27.50
CA LYS B 99 20.68 18.96 26.95
C LYS B 99 19.77 18.35 25.90
N SER B 100 20.16 17.22 25.32
CA SER B 100 19.36 16.55 24.29
C SER B 100 19.78 15.08 24.20
N VAL B 101 19.13 14.34 23.31
CA VAL B 101 19.47 12.93 23.15
C VAL B 101 20.90 12.75 22.64
N LYS B 102 21.44 13.73 21.92
CA LYS B 102 22.80 13.61 21.43
C LYS B 102 23.79 13.41 22.58
N ASP B 103 23.54 14.06 23.71
CA ASP B 103 24.44 13.98 24.86
C ASP B 103 24.32 12.66 25.59
N LEU B 104 23.47 11.75 25.12
CA LEU B 104 23.37 10.45 25.74
C LEU B 104 24.47 9.51 25.28
N ASP B 105 25.22 9.86 24.23
CA ASP B 105 26.41 9.12 23.82
C ASP B 105 27.35 9.07 25.01
N GLY B 106 27.77 7.87 25.39
CA GLY B 106 28.64 7.71 26.54
C GLY B 106 27.96 7.79 27.89
N LYS B 107 26.65 7.67 27.96
CA LYS B 107 25.93 7.74 29.21
C LYS B 107 25.19 6.42 29.48
N VAL B 108 24.81 6.24 30.76
CA VAL B 108 23.98 5.12 31.21
C VAL B 108 22.52 5.54 31.10
N VAL B 109 21.76 4.84 30.27
CA VAL B 109 20.35 5.13 30.00
C VAL B 109 19.47 3.99 30.50
N ALA B 110 18.41 4.33 31.23
CA ALA B 110 17.40 3.37 31.67
C ALA B 110 16.18 3.46 30.76
N VAL B 111 15.68 2.30 30.35
CA VAL B 111 14.55 2.15 29.43
C VAL B 111 13.73 0.94 29.86
N LYS B 112 12.55 0.80 29.24
CA LYS B 112 11.57 -0.25 29.58
C LYS B 112 11.66 -1.34 28.51
N SER B 113 11.92 -2.56 28.92
CA SER B 113 12.09 -3.66 27.98
C SER B 113 10.83 -3.86 27.14
N GLY B 114 11.07 -4.16 25.88
CA GLY B 114 10.07 -4.52 24.92
C GLY B 114 9.43 -3.33 24.22
N THR B 115 9.83 -2.11 24.57
CA THR B 115 9.25 -0.92 23.97
C THR B 115 10.18 -0.34 22.91
N GLY B 116 9.59 0.52 22.07
CA GLY B 116 10.32 1.22 21.03
C GLY B 116 11.43 2.11 21.56
N SER B 117 11.42 2.46 22.84
CA SER B 117 12.54 3.22 23.36
C SER B 117 13.83 2.42 23.32
N VAL B 118 13.72 1.11 23.54
CA VAL B 118 14.90 0.23 23.46
C VAL B 118 15.42 0.19 22.03
N ASP B 119 14.50 0.01 21.07
CA ASP B 119 14.88 0.01 19.66
C ASP B 119 15.55 1.31 19.26
N TYR B 120 15.06 2.45 19.76
CA TYR B 120 15.66 3.72 19.39
C TYR B 120 17.05 3.85 19.98
N ALA B 121 17.19 3.51 21.24
CA ALA B 121 18.49 3.62 21.88
C ALA B 121 19.51 2.73 21.20
N LYS B 122 19.12 1.50 20.86
CA LYS B 122 20.10 0.57 20.26
C LYS B 122 20.54 1.08 18.91
N ALA B 123 19.60 1.66 18.17
CA ALA B 123 19.86 2.15 16.82
C ALA B 123 20.58 3.50 16.79
N ASN B 124 20.42 4.36 17.80
CA ASN B 124 20.80 5.74 17.64
C ASN B 124 21.67 6.31 18.75
N ILE B 125 21.94 5.58 19.82
CA ILE B 125 22.65 6.17 20.95
C ILE B 125 23.77 5.24 21.38
N LYS B 126 25.02 5.75 21.35
CA LYS B 126 26.19 4.96 21.78
C LYS B 126 26.32 5.15 23.28
N THR B 127 25.44 4.45 24.00
CA THR B 127 25.39 4.52 25.45
C THR B 127 26.63 3.83 26.04
N LYS B 128 27.01 4.28 27.25
CA LYS B 128 27.90 3.53 28.17
C LYS B 128 27.23 2.23 28.63
N ASP B 129 25.93 2.28 28.94
CA ASP B 129 25.15 1.16 29.45
C ASP B 129 23.65 1.37 29.22
N LEU B 130 22.98 0.38 28.66
CA LEU B 130 21.53 0.46 28.43
C LEU B 130 20.85 -0.50 29.39
N ARG B 131 20.26 0.05 30.45
CA ARG B 131 19.66 -0.70 31.55
C ARG B 131 18.15 -0.85 31.36
N GLN B 132 17.73 -2.08 31.14
CA GLN B 132 16.34 -2.39 30.83
C GLN B 132 15.60 -2.87 32.07
N PHE B 133 14.33 -2.48 32.17
CA PHE B 133 13.48 -2.81 33.29
C PHE B 133 12.09 -3.23 32.82
N PRO B 134 11.36 -3.99 33.65
CA PRO B 134 10.03 -4.44 33.22
C PRO B 134 9.04 -3.32 33.11
N ASN B 135 9.14 -2.34 33.98
CA ASN B 135 8.21 -1.24 33.96
C ASN B 135 8.95 0.06 34.04
N ILE B 136 8.28 1.10 33.54
CA ILE B 136 8.94 2.38 33.39
C ILE B 136 9.16 3.04 34.74
N ASP B 137 8.32 2.73 35.75
CA ASP B 137 8.60 3.32 37.05
C ASP B 137 9.87 2.73 37.68
N ASN B 138 10.25 1.49 37.35
CA ASN B 138 11.57 1.01 37.70
C ASN B 138 12.64 1.90 37.10
N ALA B 139 12.49 2.27 35.82
CA ALA B 139 13.48 3.12 35.17
C ALA B 139 13.50 4.50 35.77
N TYR B 140 12.35 5.06 36.16
CA TYR B 140 12.41 6.37 36.77
C TYR B 140 13.23 6.31 38.03
N MET B 141 13.03 5.27 38.84
CA MET B 141 13.70 5.23 40.12
C MET B 141 15.20 4.98 40.00
N GLU B 142 15.61 4.18 39.02
CA GLU B 142 17.02 4.02 38.71
C GLU B 142 17.68 5.38 38.41
N LEU B 143 17.00 6.23 37.66
CA LEU B 143 17.50 7.58 37.45
C LEU B 143 17.55 8.33 38.76
N GLY B 144 16.47 8.25 39.53
CA GLY B 144 16.44 8.95 40.80
C GLY B 144 17.50 8.47 41.76
N THR B 145 17.90 7.20 41.62
CA THR B 145 18.93 6.67 42.51
C THR B 145 20.34 7.10 42.11
N GLY B 146 20.49 7.74 40.95
CA GLY B 146 21.78 7.99 40.36
C GLY B 146 22.42 6.79 39.71
N ARG B 147 21.68 5.71 39.46
CA ARG B 147 22.21 4.55 38.77
C ARG B 147 22.09 4.64 37.27
N ALA B 148 21.44 5.67 36.76
CA ALA B 148 21.45 5.92 35.32
C ALA B 148 21.42 7.42 35.16
N ASP B 149 21.86 7.88 33.99
CA ASP B 149 21.92 9.34 33.76
C ASP B 149 20.65 9.86 33.11
N ALA B 150 19.91 9.03 32.41
CA ALA B 150 18.69 9.49 31.77
C ALA B 150 17.75 8.33 31.59
N VAL B 151 16.51 8.69 31.37
CA VAL B 151 15.48 7.77 30.92
C VAL B 151 15.01 8.30 29.59
N LEU B 152 14.78 7.40 28.65
CA LEU B 152 14.17 7.70 27.37
C LEU B 152 12.83 6.99 27.34
N HIS B 153 11.72 7.70 27.13
CA HIS B 153 10.45 6.99 26.98
C HIS B 153 9.44 7.92 26.35
N ASP B 154 8.23 7.37 26.11
CA ASP B 154 7.17 8.09 25.42
C ASP B 154 6.89 9.46 26.04
N THR B 155 6.82 10.46 25.17
CA THR B 155 6.63 11.84 25.60
C THR B 155 5.48 12.02 26.58
N PRO B 156 4.25 11.54 26.31
CA PRO B 156 3.16 11.81 27.27
C PRO B 156 3.36 11.18 28.62
N ASN B 157 4.02 10.03 28.66
CA ASN B 157 4.29 9.38 29.92
C ASN B 157 5.31 10.17 30.73
N ILE B 158 6.40 10.58 30.09
CA ILE B 158 7.40 11.38 30.79
C ILE B 158 6.77 12.65 31.32
N LEU B 159 5.98 13.34 30.50
CA LEU B 159 5.43 14.61 30.95
C LEU B 159 4.39 14.42 32.04
N TYR B 160 3.57 13.37 31.95
CA TYR B 160 2.55 13.17 32.98
C TYR B 160 3.20 12.80 34.31
N PHE B 161 4.20 11.92 34.28
CA PHE B 161 4.90 11.54 35.50
C PHE B 161 5.54 12.74 36.17
N ILE B 162 6.20 13.59 35.39
CA ILE B 162 6.74 14.80 35.99
C ILE B 162 5.61 15.65 36.57
N LYS B 163 4.55 15.87 35.78
CA LYS B 163 3.48 16.77 36.24
C LYS B 163 2.85 16.28 37.54
N THR B 164 2.71 14.97 37.71
CA THR B 164 1.91 14.40 38.80
C THR B 164 2.70 13.73 39.91
N ALA B 165 3.75 12.96 39.60
CA ALA B 165 4.44 12.17 40.61
C ALA B 165 5.94 12.37 40.70
N GLY B 166 6.53 13.22 39.86
CA GLY B 166 7.99 13.39 39.87
C GLY B 166 8.53 14.08 41.11
N ASN B 167 7.72 14.94 41.74
CA ASN B 167 8.13 15.71 42.92
C ASN B 167 9.34 16.57 42.64
N GLY B 168 9.35 17.22 41.49
CA GLY B 168 10.41 18.14 41.13
C GLY B 168 11.82 17.56 41.03
N GLN B 169 11.96 16.24 41.14
CA GLN B 169 13.27 15.60 41.06
C GLN B 169 13.68 15.19 39.63
N PHE B 170 12.79 15.34 38.64
CA PHE B 170 13.13 15.01 37.26
C PHE B 170 12.71 16.13 36.33
N LYS B 171 13.36 16.17 35.15
CA LYS B 171 12.98 17.13 34.13
C LYS B 171 13.19 16.54 32.74
N ALA B 172 12.40 17.02 31.80
CA ALA B 172 12.57 16.64 30.41
C ALA B 172 13.46 17.65 29.73
N VAL B 173 14.33 17.17 28.83
CA VAL B 173 15.18 18.04 28.03
C VAL B 173 15.05 17.68 26.55
N GLY B 174 15.35 18.65 25.72
CA GLY B 174 15.28 18.42 24.30
C GLY B 174 13.82 18.37 23.86
N ASP B 175 13.62 17.88 22.64
CA ASP B 175 12.28 17.84 22.06
C ASP B 175 11.80 16.42 21.88
N SER B 176 10.52 16.31 21.65
CA SER B 176 9.87 15.02 21.42
C SER B 176 10.44 14.41 20.14
N LEU B 177 11.01 13.22 20.26
CA LEU B 177 11.64 12.54 19.14
C LEU B 177 10.70 11.56 18.47
N GLU B 178 11.03 11.17 17.25
CA GLU B 178 10.41 10.01 16.61
C GLU B 178 8.88 10.05 16.68
N ALA B 179 8.35 11.01 15.96
CA ALA B 179 6.92 11.14 15.80
C ALA B 179 6.32 9.80 15.46
N GLN B 180 5.30 9.39 16.21
CA GLN B 180 4.74 8.05 16.08
C GLN B 180 3.31 8.09 16.59
N GLN B 181 2.53 7.09 16.24
CA GLN B 181 1.14 7.03 16.62
C GLN B 181 0.85 5.75 17.39
N TYR B 182 -0.09 5.81 18.35
CA TYR B 182 -0.51 4.60 19.05
C TYR B 182 -1.70 4.01 18.31
N GLY B 183 -1.77 2.69 18.30
CA GLY B 183 -2.92 2.00 17.80
C GLY B 183 -3.40 0.93 18.76
N ILE B 184 -4.69 0.60 18.66
CA ILE B 184 -5.22 -0.59 19.28
C ILE B 184 -4.70 -1.79 18.50
N ALA B 185 -4.18 -2.78 19.19
CA ALA B 185 -3.56 -3.92 18.54
C ALA B 185 -4.43 -5.18 18.58
N PHE B 186 -4.33 -5.96 17.52
CA PHE B 186 -5.07 -7.19 17.35
C PHE B 186 -4.17 -8.31 16.87
N PRO B 187 -4.52 -9.55 17.18
CA PRO B 187 -3.85 -10.68 16.51
C PRO B 187 -4.22 -10.69 15.04
N LYS B 188 -3.34 -11.23 14.22
CA LYS B 188 -3.68 -11.38 12.81
C LYS B 188 -4.98 -12.18 12.70
N GLY B 189 -5.80 -11.84 11.70
CA GLY B 189 -7.06 -12.49 11.49
C GLY B 189 -8.24 -11.92 12.23
N SER B 190 -8.11 -10.73 12.82
CA SER B 190 -9.25 -10.13 13.52
C SER B 190 -9.89 -9.02 12.70
N ASP B 191 -9.85 -9.11 11.37
CA ASP B 191 -10.22 -7.97 10.55
C ASP B 191 -11.65 -7.53 10.81
N GLU B 192 -12.54 -8.47 11.10
CA GLU B 192 -13.91 -8.07 11.34
C GLU B 192 -14.02 -7.15 12.54
N LEU B 193 -13.36 -7.54 13.64
CA LEU B 193 -13.38 -6.74 14.85
C LEU B 193 -12.60 -5.44 14.67
N ARG B 194 -11.44 -5.49 14.04
CA ARG B 194 -10.68 -4.26 13.86
C ARG B 194 -11.53 -3.23 13.12
N ASP B 195 -12.28 -3.69 12.11
CA ASP B 195 -13.10 -2.77 11.31
C ASP B 195 -14.27 -2.22 12.11
N LYS B 196 -14.89 -3.04 12.93
CA LYS B 196 -15.88 -2.47 13.84
C LYS B 196 -15.24 -1.43 14.75
N VAL B 197 -14.04 -1.70 15.26
CA VAL B 197 -13.38 -0.77 16.17
C VAL B 197 -12.99 0.51 15.46
N ASN B 198 -12.46 0.41 14.25
CA ASN B 198 -12.14 1.60 13.48
C ASN B 198 -13.38 2.46 13.27
N GLY B 199 -14.53 1.81 13.03
CA GLY B 199 -15.78 2.54 12.89
C GLY B 199 -16.17 3.25 14.17
N ALA B 200 -16.03 2.57 15.32
CA ALA B 200 -16.40 3.23 16.56
C ALA B 200 -15.46 4.39 16.92
N LEU B 201 -14.18 4.29 16.55
CA LEU B 201 -13.26 5.39 16.85
C LEU B 201 -13.68 6.65 16.10
N LYS B 202 -14.06 6.49 14.84
CA LYS B 202 -14.63 7.57 14.05
C LYS B 202 -15.85 8.16 14.73
N THR B 203 -16.73 7.33 15.28
CA THR B 203 -17.93 7.85 15.93
C THR B 203 -17.55 8.72 17.14
N LEU B 204 -16.66 8.21 18.00
CA LEU B 204 -16.29 8.96 19.19
C LEU B 204 -15.57 10.25 18.85
N ARG B 205 -14.81 10.23 17.76
CA ARG B 205 -14.15 11.45 17.32
C ARG B 205 -15.17 12.46 16.80
N GLU B 206 -16.30 12.01 16.28
CA GLU B 206 -17.31 12.95 15.79
C GLU B 206 -18.37 13.33 16.80
N ASN B 207 -18.64 12.47 17.78
CA ASN B 207 -19.75 12.75 18.69
C ASN B 207 -19.26 13.50 19.93
N GLY B 208 -17.96 13.82 20.02
CA GLY B 208 -17.43 14.58 21.12
C GLY B 208 -16.85 13.75 22.24
N THR B 209 -17.04 12.44 22.22
CA THR B 209 -16.57 11.62 23.32
C THR B 209 -15.04 11.58 23.36
N TYR B 210 -14.39 11.39 22.23
CA TYR B 210 -12.93 11.36 22.26
C TYR B 210 -12.36 12.64 22.84
N ASN B 211 -12.83 13.78 22.35
CA ASN B 211 -12.31 15.05 22.85
C ASN B 211 -12.61 15.23 24.33
N GLU B 212 -13.73 14.70 24.82
CA GLU B 212 -13.96 14.71 26.26
C GLU B 212 -12.90 13.90 27.00
N ILE B 213 -12.58 12.72 26.49
CA ILE B 213 -11.57 11.89 27.16
C ILE B 213 -10.20 12.52 27.06
N TYR B 214 -9.87 13.09 25.90
CA TYR B 214 -8.58 13.77 25.75
C TYR B 214 -8.42 14.89 26.75
N LYS B 215 -9.47 15.71 26.94
CA LYS B 215 -9.39 16.84 27.88
C LYS B 215 -9.27 16.33 29.30
N LYS B 216 -9.95 15.24 29.63
CA LYS B 216 -9.84 14.71 30.97
C LYS B 216 -8.40 14.38 31.33
N TRP B 217 -7.62 13.81 30.39
CA TRP B 217 -6.30 13.31 30.78
C TRP B 217 -5.16 14.25 30.37
N PHE B 218 -5.38 15.14 29.40
CA PHE B 218 -4.33 16.00 28.86
C PHE B 218 -4.60 17.49 29.01
N GLY B 219 -5.82 17.88 29.34
CA GLY B 219 -6.17 19.27 29.51
C GLY B 219 -5.60 19.86 30.78
N MET C 1 21.33 -48.10 21.90
CA MET C 1 20.79 -46.82 21.36
C MET C 1 19.54 -46.41 22.11
N LEU C 2 19.27 -45.11 22.22
CA LEU C 2 17.99 -44.65 22.73
C LEU C 2 17.02 -44.58 21.56
N VAL C 3 15.82 -45.09 21.74
CA VAL C 3 14.78 -44.94 20.73
C VAL C 3 13.85 -43.85 21.24
N VAL C 4 13.71 -42.81 20.43
CA VAL C 4 13.02 -41.58 20.80
C VAL C 4 11.78 -41.53 19.95
N ALA C 5 10.62 -41.71 20.56
CA ALA C 5 9.39 -41.61 19.81
C ALA C 5 9.06 -40.17 19.50
N THR C 6 8.50 -39.95 18.33
CA THR C 6 7.92 -38.66 18.01
C THR C 6 6.63 -38.88 17.23
N ASP C 7 5.91 -37.80 17.03
CA ASP C 7 4.61 -37.79 16.38
C ASP C 7 4.79 -37.90 14.87
N THR C 8 3.86 -38.62 14.23
CA THR C 8 3.83 -38.71 12.77
C THR C 8 3.84 -37.33 12.15
N ALA C 9 3.05 -36.39 12.71
CA ALA C 9 2.87 -35.05 12.12
C ALA C 9 2.20 -34.10 13.12
N PHE C 10 3.02 -33.21 13.75
CA PHE C 10 2.55 -32.21 14.70
C PHE C 10 3.40 -30.95 14.44
N VAL C 11 3.02 -30.20 13.41
CA VAL C 11 3.74 -29.00 13.06
C VAL C 11 3.56 -27.94 14.13
N PRO C 12 4.57 -27.11 14.40
CA PRO C 12 5.94 -27.14 13.88
C PRO C 12 6.91 -27.90 14.79
N PHE C 13 6.42 -28.81 15.65
CA PHE C 13 7.29 -29.55 16.57
C PHE C 13 7.96 -30.73 15.90
N GLU C 14 7.27 -31.45 15.04
CA GLU C 14 7.90 -32.52 14.27
C GLU C 14 7.05 -32.80 13.03
N PHE C 15 7.68 -32.80 11.86
CA PHE C 15 6.98 -33.10 10.62
C PHE C 15 8.02 -33.49 9.56
N LYS C 16 7.55 -34.25 8.57
CA LYS C 16 8.42 -34.66 7.47
C LYS C 16 8.61 -33.51 6.52
N GLN C 17 9.88 -33.22 6.21
CA GLN C 17 10.29 -32.22 5.24
C GLN C 17 11.19 -33.01 4.31
N GLY C 18 10.62 -33.51 3.22
CA GLY C 18 11.36 -34.32 2.30
C GLY C 18 11.73 -35.69 2.82
N ASP C 19 13.01 -35.90 3.08
CA ASP C 19 13.44 -37.20 3.58
C ASP C 19 13.69 -37.20 5.08
N LEU C 20 13.68 -36.03 5.71
CA LEU C 20 14.03 -35.83 7.11
C LEU C 20 12.88 -35.28 7.95
N TYR C 21 12.85 -35.63 9.22
CA TYR C 21 11.95 -35.02 10.17
C TYR C 21 12.65 -33.78 10.69
N VAL C 22 11.92 -32.68 10.70
CA VAL C 22 12.41 -31.39 11.17
C VAL C 22 11.41 -30.88 12.18
N GLY C 23 11.78 -29.84 12.90
CA GLY C 23 10.86 -29.21 13.80
C GLY C 23 11.48 -28.75 15.11
N PHE C 24 10.68 -28.05 15.91
CA PHE C 24 11.13 -27.57 17.20
C PHE C 24 11.54 -28.72 18.11
N ASP C 25 10.72 -29.78 18.21
CA ASP C 25 11.09 -30.91 19.08
C ASP C 25 12.32 -31.63 18.54
N VAL C 26 12.41 -31.79 17.22
CA VAL C 26 13.57 -32.45 16.61
C VAL C 26 14.83 -31.68 16.95
N ASP C 27 14.79 -30.36 16.80
CA ASP C 27 15.97 -29.54 17.05
C ASP C 27 16.32 -29.52 18.54
N LEU C 28 15.30 -29.39 19.42
CA LEU C 28 15.54 -29.37 20.86
C LEU C 28 16.12 -30.69 21.30
N TRP C 29 15.53 -31.80 20.87
CA TRP C 29 16.08 -33.09 21.27
C TRP C 29 17.51 -33.23 20.72
N ALA C 30 17.77 -32.75 19.50
CA ALA C 30 19.15 -32.86 19.00
C ALA C 30 20.14 -32.12 19.90
N ALA C 31 19.79 -30.90 20.32
CA ALA C 31 20.69 -30.14 21.19
C ALA C 31 20.85 -30.82 22.54
N ILE C 32 19.77 -31.41 23.05
CA ILE C 32 19.88 -32.10 24.33
C ILE C 32 20.83 -33.30 24.20
N ALA C 33 20.68 -34.08 23.12
CA ALA C 33 21.49 -35.29 22.97
C ALA C 33 22.95 -34.95 22.71
N LYS C 34 23.21 -33.86 21.98
CA LYS C 34 24.60 -33.42 21.78
C LYS C 34 25.23 -32.99 23.10
N GLU C 35 24.49 -32.25 23.93
CA GLU C 35 25.00 -31.83 25.24
C GLU C 35 25.29 -33.03 26.14
N LEU C 36 24.45 -34.06 26.09
CA LEU C 36 24.62 -35.23 26.95
C LEU C 36 25.39 -36.36 26.27
N LYS C 37 25.87 -36.14 25.03
CA LYS C 37 26.61 -37.13 24.25
C LYS C 37 25.86 -38.45 24.15
N LEU C 38 24.58 -38.37 23.81
CA LEU C 38 23.72 -39.54 23.68
C LEU C 38 23.45 -39.85 22.21
N ASP C 39 23.60 -41.11 21.86
CA ASP C 39 23.25 -41.60 20.53
C ASP C 39 21.80 -42.04 20.51
N TYR C 40 21.14 -41.85 19.38
CA TYR C 40 19.71 -42.12 19.36
C TYR C 40 19.19 -42.31 17.96
N GLU C 41 17.98 -42.83 17.90
CA GLU C 41 17.16 -43.00 16.72
C GLU C 41 15.81 -42.34 16.98
N LEU C 42 15.34 -41.55 16.02
CA LEU C 42 14.01 -40.98 16.05
C LEU C 42 13.03 -41.94 15.40
N LYS C 43 11.93 -42.23 16.09
CA LYS C 43 10.92 -43.16 15.60
C LYS C 43 9.53 -42.50 15.58
N PRO C 44 9.17 -41.80 14.50
CA PRO C 44 7.80 -41.25 14.38
C PRO C 44 6.73 -42.32 14.43
N MET C 45 5.62 -41.99 15.10
CA MET C 45 4.44 -42.85 15.18
C MET C 45 3.19 -42.02 15.54
N ASP C 46 2.03 -42.62 15.32
CA ASP C 46 0.77 -41.94 15.58
C ASP C 46 0.65 -41.64 17.06
N PHE C 47 0.16 -40.45 17.39
CA PHE C 47 0.26 -40.03 18.80
C PHE C 47 -0.39 -41.05 19.74
N SER C 48 -1.52 -41.65 19.33
CA SER C 48 -2.27 -42.55 20.20
C SER C 48 -1.41 -43.72 20.68
N GLY C 49 -0.41 -44.11 19.92
CA GLY C 49 0.45 -45.20 20.35
C GLY C 49 1.65 -44.79 21.19
N ILE C 50 1.87 -43.48 21.40
CA ILE C 50 3.12 -43.10 22.02
C ILE C 50 3.12 -43.49 23.49
N ILE C 51 2.09 -43.13 24.22
CA ILE C 51 2.14 -43.38 25.67
C ILE C 51 2.13 -44.87 25.95
N PRO C 52 1.27 -45.67 25.33
CA PRO C 52 1.42 -47.14 25.44
C PRO C 52 2.84 -47.63 25.15
N ALA C 53 3.48 -47.18 24.05
CA ALA C 53 4.85 -47.60 23.78
C ALA C 53 5.77 -47.23 24.93
N LEU C 54 5.55 -46.08 25.54
CA LEU C 54 6.36 -45.72 26.70
C LEU C 54 6.07 -46.67 27.87
N GLN C 55 4.79 -46.97 28.12
CA GLN C 55 4.46 -47.83 29.26
C GLN C 55 5.04 -49.24 29.12
N THR C 56 5.11 -49.78 27.92
CA THR C 56 5.66 -51.13 27.74
C THR C 56 7.15 -51.11 27.41
N LYS C 57 7.82 -49.96 27.55
CA LYS C 57 9.24 -49.80 27.24
C LYS C 57 9.57 -50.18 25.80
N ASN C 58 8.69 -49.94 24.84
CA ASN C 58 9.13 -50.09 23.46
C ASN C 58 10.03 -48.94 22.99
N VAL C 59 9.99 -47.79 23.67
CA VAL C 59 10.81 -46.64 23.32
C VAL C 59 11.34 -46.11 24.64
N ASP C 60 12.43 -45.35 24.57
CA ASP C 60 13.09 -44.87 25.76
C ASP C 60 12.61 -43.52 26.25
N LEU C 61 12.09 -42.68 25.35
CA LEU C 61 11.49 -41.39 25.71
C LEU C 61 10.66 -40.93 24.50
N ALA C 62 9.94 -39.82 24.65
CA ALA C 62 9.19 -39.29 23.52
C ALA C 62 9.08 -37.77 23.60
N LEU C 63 9.14 -37.16 22.42
CA LEU C 63 8.85 -35.74 22.21
C LEU C 63 7.79 -35.73 21.16
N ALA C 64 6.60 -35.30 21.52
CA ALA C 64 5.52 -35.22 20.57
C ALA C 64 4.60 -34.13 21.02
N GLY C 65 5.18 -33.03 21.47
CA GLY C 65 4.32 -31.99 22.03
C GLY C 65 3.37 -32.54 23.07
N ILE C 66 3.90 -33.36 23.99
CA ILE C 66 3.06 -34.12 24.92
C ILE C 66 2.76 -33.29 26.16
N THR C 67 1.49 -33.04 26.39
CA THR C 67 1.05 -32.26 27.53
C THR C 67 1.19 -33.05 28.83
N ILE C 68 1.79 -32.40 29.81
CA ILE C 68 1.96 -32.93 31.16
C ILE C 68 0.61 -32.87 31.86
N THR C 69 0.11 -34.01 32.27
CA THR C 69 -1.16 -34.01 32.99
C THR C 69 -1.02 -34.93 34.20
N ASP C 70 -1.80 -34.64 35.24
CA ASP C 70 -1.74 -35.51 36.42
C ASP C 70 -2.13 -36.95 36.08
N GLU C 71 -3.16 -37.14 35.23
CA GLU C 71 -3.59 -38.50 34.88
C GLU C 71 -2.51 -39.27 34.11
N ARG C 72 -1.83 -38.60 33.18
CA ARG C 72 -0.76 -39.26 32.50
C ARG C 72 0.43 -39.52 33.43
N LYS C 73 0.62 -38.68 34.47
CA LYS C 73 1.75 -38.94 35.36
C LYS C 73 1.56 -40.20 36.19
N LYS C 74 0.36 -40.79 36.17
CA LYS C 74 0.18 -42.09 36.81
C LYS C 74 0.81 -43.21 36.02
N ALA C 75 0.91 -43.05 34.70
CA ALA C 75 1.38 -44.07 33.81
C ALA C 75 2.80 -43.84 33.34
N ILE C 76 3.25 -42.58 33.24
CA ILE C 76 4.58 -42.23 32.73
C ILE C 76 5.14 -41.06 33.55
N ASP C 77 6.42 -40.76 33.29
CA ASP C 77 7.13 -39.65 33.90
C ASP C 77 7.45 -38.58 32.85
N PHE C 78 7.63 -37.34 33.30
CA PHE C 78 7.83 -36.20 32.43
C PHE C 78 9.04 -35.39 32.88
N SER C 79 9.72 -34.80 31.91
CA SER C 79 10.70 -33.77 32.18
C SER C 79 10.03 -32.47 32.66
N ASP C 80 10.86 -31.48 33.02
CA ASP C 80 10.34 -30.13 33.20
C ASP C 80 9.69 -29.65 31.90
N GLY C 81 8.72 -28.75 32.03
CA GLY C 81 8.07 -28.20 30.84
C GLY C 81 9.08 -27.49 29.94
N TYR C 82 8.89 -27.64 28.65
CA TYR C 82 9.72 -26.93 27.69
C TYR C 82 8.93 -26.05 26.75
N TYR C 83 7.63 -25.93 26.92
CA TYR C 83 6.84 -25.09 26.02
C TYR C 83 5.45 -24.84 26.63
N LYS C 84 4.97 -23.59 26.64
CA LYS C 84 3.66 -23.23 27.20
C LYS C 84 2.64 -23.14 26.08
N SER C 85 1.59 -23.95 26.17
CA SER C 85 0.66 -24.06 25.04
C SER C 85 -0.80 -23.96 25.52
N GLY C 86 -1.74 -24.23 24.63
CA GLY C 86 -3.14 -24.27 24.95
C GLY C 86 -3.88 -24.86 23.79
N LEU C 87 -5.16 -24.57 23.67
CA LEU C 87 -5.94 -25.09 22.59
C LEU C 87 -6.67 -23.95 21.91
N LEU C 88 -6.93 -24.12 20.62
CA LEU C 88 -7.50 -23.10 19.77
C LEU C 88 -8.56 -23.72 18.86
N VAL C 89 -9.61 -22.97 18.59
CA VAL C 89 -10.65 -23.44 17.68
C VAL C 89 -10.29 -23.00 16.28
N MET C 90 -10.39 -23.92 15.33
CA MET C 90 -10.19 -23.53 13.95
C MET C 90 -11.41 -23.93 13.12
N VAL C 91 -11.84 -23.02 12.25
CA VAL C 91 -13.02 -23.21 11.41
C VAL C 91 -12.68 -22.85 9.96
N LYS C 92 -13.54 -23.29 9.03
CA LYS C 92 -13.35 -22.86 7.65
C LYS C 92 -13.44 -21.33 7.64
N ALA C 93 -12.58 -20.70 6.84
CA ALA C 93 -12.47 -19.25 6.89
C ALA C 93 -13.74 -18.56 6.39
N ASP C 94 -14.52 -19.25 5.56
CA ASP C 94 -15.80 -18.79 5.07
C ASP C 94 -16.91 -19.00 6.09
N ASN C 95 -16.59 -19.04 7.39
CA ASN C 95 -17.57 -19.35 8.42
C ASN C 95 -17.78 -18.14 9.31
N ASP C 96 -19.07 -17.80 9.56
CA ASP C 96 -19.48 -16.74 10.46
C ASP C 96 -20.25 -17.27 11.65
N ASP C 97 -20.65 -18.55 11.61
CA ASP C 97 -21.43 -19.14 12.69
C ASP C 97 -20.65 -19.22 14.00
N ILE C 98 -19.32 -19.37 13.96
CA ILE C 98 -18.54 -19.72 15.15
C ILE C 98 -17.63 -18.58 15.56
N LYS C 99 -17.89 -18.00 16.73
CA LYS C 99 -17.04 -16.93 17.24
C LYS C 99 -16.09 -17.38 18.35
N SER C 100 -16.39 -18.49 19.02
CA SER C 100 -15.55 -19.01 20.09
C SER C 100 -15.97 -20.45 20.33
N VAL C 101 -15.33 -21.09 21.31
CA VAL C 101 -15.67 -22.48 21.62
C VAL C 101 -17.10 -22.60 22.15
N LYS C 102 -17.64 -21.53 22.74
CA LYS C 102 -19.03 -21.60 23.19
C LYS C 102 -19.95 -21.95 22.03
N ASP C 103 -19.63 -21.51 20.82
CA ASP C 103 -20.49 -21.77 19.67
C ASP C 103 -20.39 -23.18 19.09
N LEU C 104 -19.52 -24.04 19.61
CA LEU C 104 -19.42 -25.38 19.06
C LEU C 104 -20.48 -26.32 19.59
N ASP C 105 -21.21 -25.91 20.61
CA ASP C 105 -22.29 -26.73 21.13
C ASP C 105 -23.23 -27.10 20.01
N GLY C 106 -23.50 -28.39 19.91
CA GLY C 106 -24.40 -28.88 18.89
C GLY C 106 -23.84 -28.96 17.49
N LYS C 107 -22.51 -28.86 17.31
CA LYS C 107 -21.87 -28.88 15.99
C LYS C 107 -20.91 -30.07 15.88
N VAL C 108 -20.51 -30.36 14.66
CA VAL C 108 -19.58 -31.47 14.45
C VAL C 108 -18.16 -30.96 14.61
N VAL C 109 -17.42 -31.56 15.53
CA VAL C 109 -16.05 -31.15 15.79
C VAL C 109 -15.13 -32.31 15.43
N ALA C 110 -14.09 -32.02 14.66
CA ALA C 110 -13.08 -33.03 14.33
C ALA C 110 -11.82 -32.83 15.19
N VAL C 111 -11.34 -33.93 15.78
CA VAL C 111 -10.23 -33.90 16.72
C VAL C 111 -9.34 -35.13 16.50
N LYS C 112 -8.21 -35.15 17.20
CA LYS C 112 -7.18 -36.18 16.99
C LYS C 112 -7.14 -37.18 18.12
N SER C 113 -7.31 -38.46 17.77
CA SER C 113 -7.44 -39.50 18.78
C SER C 113 -6.24 -39.50 19.72
N GLY C 114 -6.52 -39.75 20.98
CA GLY C 114 -5.46 -39.94 21.94
C GLY C 114 -4.91 -38.65 22.52
N THR C 115 -5.40 -37.51 22.08
CA THR C 115 -4.87 -36.25 22.56
C THR C 115 -5.83 -35.56 23.53
N GLY C 116 -5.26 -34.59 24.24
CA GLY C 116 -6.02 -33.76 25.15
C GLY C 116 -7.15 -32.98 24.51
N SER C 117 -7.13 -32.79 23.19
CA SER C 117 -8.27 -32.12 22.56
C SER C 117 -9.57 -32.94 22.69
N VAL C 118 -9.45 -34.26 22.66
CA VAL C 118 -10.59 -35.14 22.79
C VAL C 118 -11.17 -35.04 24.19
N ASP C 119 -10.32 -35.08 25.21
CA ASP C 119 -10.81 -34.93 26.58
C ASP C 119 -11.49 -33.58 26.78
N TYR C 120 -10.94 -32.52 26.21
CA TYR C 120 -11.54 -31.20 26.39
C TYR C 120 -12.91 -31.14 25.72
N ALA C 121 -13.01 -31.64 24.49
CA ALA C 121 -14.30 -31.62 23.79
C ALA C 121 -15.33 -32.44 24.55
N LYS C 122 -14.96 -33.64 25.01
CA LYS C 122 -15.90 -34.48 25.75
C LYS C 122 -16.34 -33.82 27.06
N ALA C 123 -15.46 -33.06 27.73
CA ALA C 123 -15.85 -32.43 28.99
C ALA C 123 -16.66 -31.16 28.80
N ASN C 124 -16.45 -30.39 27.74
CA ASN C 124 -16.95 -29.03 27.74
C ASN C 124 -17.78 -28.65 26.55
N ILE C 125 -17.97 -29.53 25.59
CA ILE C 125 -18.67 -29.16 24.38
C ILE C 125 -19.74 -30.21 24.15
N LYS C 126 -20.99 -29.74 24.10
CA LYS C 126 -22.14 -30.58 23.82
C LYS C 126 -22.18 -30.69 22.29
N THR C 127 -21.27 -31.53 21.79
CA THR C 127 -21.15 -31.66 20.35
C THR C 127 -22.35 -32.41 19.82
N LYS C 128 -22.71 -32.11 18.58
CA LYS C 128 -23.57 -33.01 17.83
C LYS C 128 -22.84 -34.31 17.55
N ASP C 129 -21.54 -34.21 17.27
CA ASP C 129 -20.72 -35.37 16.93
C ASP C 129 -19.23 -35.02 17.06
N LEU C 130 -18.49 -35.87 17.75
CA LEU C 130 -17.06 -35.71 17.93
C LEU C 130 -16.37 -36.78 17.09
N ARG C 131 -15.82 -36.33 15.95
CA ARG C 131 -15.16 -37.22 14.99
C ARG C 131 -13.65 -37.30 15.24
N GLN C 132 -13.19 -38.45 15.72
CA GLN C 132 -11.82 -38.61 16.11
C GLN C 132 -10.99 -39.19 14.98
N PHE C 133 -9.76 -38.72 14.87
CA PHE C 133 -8.89 -39.17 13.81
C PHE C 133 -7.46 -39.43 14.27
N PRO C 134 -6.76 -40.33 13.57
CA PRO C 134 -5.40 -40.68 14.01
C PRO C 134 -4.42 -39.54 13.88
N ASN C 135 -4.55 -38.68 12.89
CA ASN C 135 -3.65 -37.55 12.75
C ASN C 135 -4.39 -36.26 12.48
N ILE C 136 -3.75 -35.15 12.82
CA ILE C 136 -4.41 -33.85 12.80
C ILE C 136 -4.65 -33.40 11.37
N ASP C 137 -3.89 -33.96 10.42
CA ASP C 137 -4.09 -33.69 8.99
C ASP C 137 -5.41 -34.29 8.48
N ASN C 138 -5.81 -35.45 8.99
CA ASN C 138 -7.15 -35.96 8.73
C ASN C 138 -8.23 -35.03 9.28
N ALA C 139 -8.04 -34.50 10.49
CA ALA C 139 -9.04 -33.60 11.06
C ALA C 139 -9.12 -32.32 10.26
N TYR C 140 -7.99 -31.75 9.84
CA TYR C 140 -8.12 -30.60 8.96
C TYR C 140 -8.85 -31.01 7.69
N MET C 141 -8.59 -32.22 7.16
CA MET C 141 -9.26 -32.62 5.91
C MET C 141 -10.76 -32.82 6.14
N GLU C 142 -11.15 -33.35 7.29
CA GLU C 142 -12.56 -33.45 7.61
C GLU C 142 -13.20 -32.08 7.62
N LEU C 143 -12.47 -31.07 8.08
CA LEU C 143 -13.01 -29.71 8.12
C LEU C 143 -13.10 -29.05 6.75
N GLY C 144 -12.00 -29.04 6.00
CA GLY C 144 -12.00 -28.34 4.72
C GLY C 144 -13.01 -28.88 3.72
N THR C 145 -13.30 -30.19 3.80
CA THR C 145 -14.30 -30.85 2.97
C THR C 145 -15.72 -30.61 3.51
N GLY C 146 -15.89 -29.82 4.55
CA GLY C 146 -17.21 -29.56 5.02
C GLY C 146 -17.88 -30.70 5.75
N ARG C 147 -17.12 -31.70 6.19
CA ARG C 147 -17.65 -32.82 6.97
C ARG C 147 -17.64 -32.60 8.47
N ALA C 148 -17.06 -31.48 8.94
CA ALA C 148 -17.12 -31.06 10.34
C ALA C 148 -17.14 -29.54 10.37
N ASP C 149 -17.63 -28.97 11.49
CA ASP C 149 -17.72 -27.52 11.55
C ASP C 149 -16.48 -26.86 12.12
N ALA C 150 -15.73 -27.58 12.93
CA ALA C 150 -14.54 -26.97 13.51
C ALA C 150 -13.54 -28.07 13.88
N VAL C 151 -12.29 -27.64 14.07
CA VAL C 151 -11.21 -28.45 14.65
C VAL C 151 -10.71 -27.73 15.91
N LEU C 152 -10.46 -28.52 16.93
CA LEU C 152 -9.94 -28.02 18.19
C LEU C 152 -8.59 -28.69 18.35
N HIS C 153 -7.53 -27.92 18.46
CA HIS C 153 -6.24 -28.57 18.71
C HIS C 153 -5.27 -27.54 19.24
N ASP C 154 -4.06 -28.01 19.53
CA ASP C 154 -3.07 -27.16 20.18
C ASP C 154 -2.82 -25.87 19.45
N THR C 155 -2.81 -24.79 20.20
CA THR C 155 -2.62 -23.45 19.66
C THR C 155 -1.44 -23.34 18.70
N PRO C 156 -0.20 -23.72 19.07
CA PRO C 156 0.92 -23.53 18.11
C PRO C 156 0.76 -24.31 16.82
N ASN C 157 0.12 -25.47 16.88
CA ASN C 157 -0.12 -26.29 15.70
C ASN C 157 -1.14 -25.63 14.79
N ILE C 158 -2.25 -25.16 15.37
CA ILE C 158 -3.30 -24.53 14.59
C ILE C 158 -2.76 -23.32 13.85
N LEU C 159 -2.02 -22.46 14.55
CA LEU C 159 -1.54 -21.23 13.93
C LEU C 159 -0.47 -21.52 12.89
N TYR C 160 0.43 -22.44 13.19
CA TYR C 160 1.45 -22.74 12.22
C TYR C 160 0.83 -23.39 11.00
N PHE C 161 -0.15 -24.26 11.19
CA PHE C 161 -0.78 -24.91 10.06
C PHE C 161 -1.44 -23.90 9.14
N ILE C 162 -2.14 -22.94 9.73
CA ILE C 162 -2.77 -21.89 8.93
C ILE C 162 -1.71 -21.20 8.08
N LYS C 163 -0.61 -20.80 8.72
CA LYS C 163 0.39 -20.01 8.03
C LYS C 163 1.03 -20.74 6.84
N THR C 164 1.20 -22.04 6.93
CA THR C 164 2.07 -22.75 6.01
C THR C 164 1.36 -23.65 5.04
N ALA C 165 0.36 -24.42 5.47
CA ALA C 165 -0.31 -25.36 4.58
C ALA C 165 -1.79 -25.09 4.50
N GLY C 166 -2.28 -24.16 5.31
CA GLY C 166 -3.69 -23.86 5.28
C GLY C 166 -4.15 -23.25 3.97
N ASN C 167 -3.32 -22.46 3.29
CA ASN C 167 -3.79 -21.86 2.03
C ASN C 167 -5.09 -21.08 2.19
N GLY C 168 -5.10 -20.33 3.27
CA GLY C 168 -6.13 -19.36 3.54
C GLY C 168 -7.45 -20.00 3.70
N GLN C 169 -7.50 -21.33 3.76
CA GLN C 169 -8.79 -22.01 3.80
C GLN C 169 -9.37 -22.12 5.19
N PHE C 170 -8.59 -21.79 6.22
CA PHE C 170 -9.01 -21.90 7.62
C PHE C 170 -8.61 -20.65 8.38
N LYS C 171 -9.31 -20.42 9.51
CA LYS C 171 -9.00 -19.32 10.41
C LYS C 171 -9.27 -19.76 11.85
N ALA C 172 -8.56 -19.15 12.79
CA ALA C 172 -8.69 -19.41 14.21
C ALA C 172 -9.56 -18.36 14.89
N VAL C 173 -10.39 -18.80 15.84
CA VAL C 173 -11.30 -17.88 16.53
C VAL C 173 -11.23 -18.05 18.04
N GLY C 174 -11.62 -17.00 18.76
CA GLY C 174 -11.56 -17.07 20.19
C GLY C 174 -10.12 -16.95 20.68
N ASP C 175 -9.92 -17.33 21.94
CA ASP C 175 -8.62 -17.30 22.57
C ASP C 175 -8.12 -18.70 22.89
N SER C 176 -6.83 -18.74 23.24
CA SER C 176 -6.15 -19.98 23.60
C SER C 176 -6.76 -20.52 24.88
N LEU C 177 -7.29 -21.72 24.80
CA LEU C 177 -7.93 -22.35 25.94
C LEU C 177 -6.97 -23.25 26.72
N GLU C 178 -7.34 -23.52 27.97
CA GLU C 178 -6.70 -24.58 28.73
C GLU C 178 -5.19 -24.49 28.67
N ALA C 179 -4.68 -23.44 29.28
CA ALA C 179 -3.24 -23.28 29.41
C ALA C 179 -2.59 -24.56 29.91
N GLN C 180 -1.52 -24.99 29.24
CA GLN C 180 -0.91 -26.31 29.51
C GLN C 180 0.54 -26.27 29.07
N GLN C 181 1.33 -27.26 29.51
CA GLN C 181 2.75 -27.30 29.21
C GLN C 181 3.11 -28.64 28.60
N TYR C 182 4.05 -28.65 27.66
CA TYR C 182 4.57 -29.87 27.07
C TYR C 182 5.81 -30.34 27.83
N GLY C 183 5.97 -31.66 27.90
CA GLY C 183 7.15 -32.23 28.49
C GLY C 183 7.69 -33.40 27.69
N ILE C 184 8.97 -33.65 27.87
CA ILE C 184 9.57 -34.87 27.37
C ILE C 184 9.05 -36.01 28.22
N ALA C 185 8.62 -37.09 27.59
CA ALA C 185 7.99 -38.19 28.30
C ALA C 185 8.92 -39.37 28.38
N PHE C 186 8.81 -40.10 29.48
CA PHE C 186 9.65 -41.24 29.78
C PHE C 186 8.81 -42.37 30.33
N PRO C 187 9.25 -43.62 30.16
CA PRO C 187 8.62 -44.71 30.90
C PRO C 187 8.90 -44.54 32.38
N LYS C 188 8.01 -45.05 33.22
CA LYS C 188 8.29 -45.05 34.65
C LYS C 188 9.61 -45.76 34.86
N GLY C 189 10.38 -45.28 35.84
CA GLY C 189 11.64 -45.90 36.18
C GLY C 189 12.85 -45.41 35.43
N SER C 190 12.76 -44.31 34.68
CA SER C 190 13.93 -43.76 33.97
C SER C 190 14.48 -42.53 34.67
N ASP C 191 14.49 -42.50 36.02
CA ASP C 191 14.82 -41.27 36.71
C ASP C 191 16.21 -40.75 36.35
N GLU C 192 17.19 -41.63 36.14
CA GLU C 192 18.53 -41.15 35.84
C GLU C 192 18.58 -40.39 34.52
N LEU C 193 17.97 -40.97 33.48
CA LEU C 193 17.93 -40.28 32.20
C LEU C 193 17.10 -39.00 32.32
N ARG C 194 15.96 -39.08 33.03
CA ARG C 194 15.09 -37.91 33.13
C ARG C 194 15.82 -36.74 33.76
N ASP C 195 16.58 -37.01 34.82
CA ASP C 195 17.29 -35.93 35.51
C ASP C 195 18.47 -35.42 34.66
N LYS C 196 19.17 -36.29 33.92
CA LYS C 196 20.17 -35.76 32.97
C LYS C 196 19.50 -34.89 31.91
N VAL C 197 18.32 -35.30 31.42
CA VAL C 197 17.64 -34.47 30.42
C VAL C 197 17.21 -33.15 31.02
N ASN C 198 16.61 -33.17 32.23
CA ASN C 198 16.25 -31.91 32.88
C ASN C 198 17.46 -31.01 33.02
N GLY C 199 18.61 -31.59 33.37
CA GLY C 199 19.83 -30.82 33.45
C GLY C 199 20.26 -30.23 32.13
N ALA C 200 20.14 -31.00 31.05
CA ALA C 200 20.55 -30.41 29.78
C ALA C 200 19.59 -29.32 29.32
N LEU C 201 18.31 -29.49 29.64
CA LEU C 201 17.33 -28.48 29.25
C LEU C 201 17.63 -27.16 29.97
N LYS C 202 18.06 -27.26 31.24
CA LYS C 202 18.48 -26.06 31.97
C LYS C 202 19.64 -25.38 31.27
N THR C 203 20.63 -26.16 30.84
CA THR C 203 21.80 -25.60 30.18
C THR C 203 21.40 -24.92 28.87
N LEU C 204 20.58 -25.57 28.05
CA LEU C 204 20.20 -24.97 26.78
C LEU C 204 19.43 -23.69 26.98
N ARG C 205 18.75 -23.54 28.12
CA ARG C 205 18.00 -22.33 28.39
C ARG C 205 18.90 -21.15 28.76
N GLU C 206 20.07 -21.45 29.34
CA GLU C 206 21.04 -20.43 29.78
C GLU C 206 22.14 -20.12 28.76
N ASN C 207 22.40 -21.01 27.82
CA ASN C 207 23.49 -20.86 26.86
C ASN C 207 23.03 -20.35 25.48
N GLY C 208 21.75 -20.01 25.32
CA GLY C 208 21.24 -19.43 24.09
C GLY C 208 20.68 -20.41 23.07
N THR C 209 20.92 -21.71 23.22
CA THR C 209 20.39 -22.65 22.25
C THR C 209 18.87 -22.71 22.29
N TYR C 210 18.28 -22.77 23.48
CA TYR C 210 16.82 -22.85 23.55
C TYR C 210 16.19 -21.68 22.82
N ASN C 211 16.64 -20.45 23.12
CA ASN C 211 16.04 -19.24 22.54
C ASN C 211 16.24 -19.20 21.04
N GLU C 212 17.35 -19.74 20.57
CA GLU C 212 17.64 -19.85 19.15
C GLU C 212 16.66 -20.73 18.43
N ILE C 213 16.42 -21.92 18.98
CA ILE C 213 15.45 -22.82 18.38
C ILE C 213 14.05 -22.21 18.45
N TYR C 214 13.69 -21.63 19.59
CA TYR C 214 12.39 -21.00 19.72
C TYR C 214 12.22 -19.91 18.66
N LYS C 215 13.25 -19.08 18.48
CA LYS C 215 13.12 -18.01 17.48
C LYS C 215 13.00 -18.57 16.07
N LYS C 216 13.74 -19.64 15.77
CA LYS C 216 13.69 -20.23 14.44
C LYS C 216 12.27 -20.65 14.04
N TRP C 217 11.49 -21.21 14.97
CA TRP C 217 10.19 -21.82 14.64
C TRP C 217 9.01 -20.92 15.00
N PHE C 218 9.20 -19.99 15.91
CA PHE C 218 8.11 -19.14 16.39
C PHE C 218 8.36 -17.65 16.17
N GLY C 219 9.51 -17.26 15.61
CA GLY C 219 9.84 -15.88 15.33
C GLY C 219 9.33 -14.91 16.38
N MET D 1 -8.75 -4.63 -23.88
CA MET D 1 -9.09 -4.74 -22.42
C MET D 1 -10.04 -5.90 -22.30
N LEU D 2 -10.11 -6.58 -21.15
CA LEU D 2 -10.96 -7.75 -21.00
C LEU D 2 -12.41 -7.29 -20.83
N VAL D 3 -13.32 -7.88 -21.60
CA VAL D 3 -14.75 -7.55 -21.58
C VAL D 3 -15.54 -8.73 -21.03
N VAL D 4 -16.30 -8.47 -19.97
CA VAL D 4 -17.09 -9.47 -19.28
C VAL D 4 -18.55 -9.14 -19.59
N ALA D 5 -19.22 -10.02 -20.33
CA ALA D 5 -20.65 -9.87 -20.57
C ALA D 5 -21.43 -10.17 -19.28
N THR D 6 -22.50 -9.43 -19.07
CA THR D 6 -23.46 -9.74 -18.02
C THR D 6 -24.86 -9.49 -18.60
N ASP D 7 -25.89 -9.86 -17.82
CA ASP D 7 -27.29 -9.74 -18.21
C ASP D 7 -27.80 -8.32 -18.03
N THR D 8 -28.65 -7.88 -18.93
CA THR D 8 -29.32 -6.58 -18.79
C THR D 8 -30.07 -6.45 -17.46
N ALA D 9 -30.78 -7.50 -17.04
CA ALA D 9 -31.67 -7.38 -15.87
C ALA D 9 -32.06 -8.77 -15.38
N PHE D 10 -31.27 -9.28 -14.38
CA PHE D 10 -31.43 -10.58 -13.74
C PHE D 10 -31.11 -10.32 -12.27
N VAL D 11 -32.07 -9.72 -11.57
CA VAL D 11 -31.93 -9.35 -10.17
C VAL D 11 -31.92 -10.66 -9.39
N PRO D 12 -31.18 -10.77 -8.28
CA PRO D 12 -30.29 -9.71 -7.80
C PRO D 12 -28.85 -9.96 -8.29
N PHE D 13 -28.67 -10.79 -9.32
CA PHE D 13 -27.32 -11.09 -9.77
C PHE D 13 -26.73 -9.94 -10.55
N GLU D 14 -27.51 -9.29 -11.40
CA GLU D 14 -27.00 -8.07 -12.02
C GLU D 14 -28.15 -7.18 -12.48
N PHE D 15 -28.14 -5.93 -12.04
CA PHE D 15 -29.16 -5.02 -12.52
C PHE D 15 -28.81 -3.56 -12.35
N LYS D 16 -29.33 -2.76 -13.30
CA LYS D 16 -29.07 -1.33 -13.38
C LYS D 16 -29.86 -0.57 -12.32
N GLN D 17 -29.19 0.36 -11.66
CA GLN D 17 -29.75 1.16 -10.58
C GLN D 17 -29.58 2.65 -10.91
N GLY D 18 -30.34 3.11 -11.92
CA GLY D 18 -30.20 4.46 -12.44
C GLY D 18 -29.04 4.69 -13.41
N ASP D 19 -27.78 4.67 -12.90
CA ASP D 19 -26.59 4.66 -13.77
C ASP D 19 -25.58 3.61 -13.31
N LEU D 20 -25.97 2.74 -12.41
CA LEU D 20 -25.05 1.76 -11.85
C LEU D 20 -25.51 0.35 -12.24
N TYR D 21 -24.55 -0.55 -12.35
CA TYR D 21 -24.84 -1.98 -12.44
C TYR D 21 -24.35 -2.67 -11.17
N VAL D 22 -25.27 -3.34 -10.48
CA VAL D 22 -25.01 -3.93 -9.18
C VAL D 22 -25.49 -5.38 -9.17
N GLY D 23 -25.03 -6.11 -8.16
CA GLY D 23 -25.52 -7.45 -7.94
C GLY D 23 -24.50 -8.50 -7.54
N PHE D 24 -25.00 -9.68 -7.22
CA PHE D 24 -24.13 -10.76 -6.77
C PHE D 24 -23.09 -11.14 -7.82
N ASP D 25 -23.49 -11.30 -9.09
CA ASP D 25 -22.54 -11.65 -10.14
C ASP D 25 -21.52 -10.52 -10.34
N VAL D 26 -21.98 -9.29 -10.21
CA VAL D 26 -21.12 -8.14 -10.40
C VAL D 26 -20.00 -8.14 -9.37
N ASP D 27 -20.37 -8.21 -8.08
CA ASP D 27 -19.37 -8.11 -7.02
C ASP D 27 -18.49 -9.35 -6.96
N LEU D 28 -19.08 -10.53 -7.18
CA LEU D 28 -18.28 -11.75 -7.19
C LEU D 28 -17.21 -11.71 -8.28
N TRP D 29 -17.57 -11.27 -9.50
CA TRP D 29 -16.54 -11.18 -10.53
C TRP D 29 -15.53 -10.08 -10.18
N ALA D 30 -16.00 -8.94 -9.66
CA ALA D 30 -15.08 -7.87 -9.24
C ALA D 30 -14.03 -8.42 -8.27
N ALA D 31 -14.46 -9.25 -7.33
CA ALA D 31 -13.54 -9.90 -6.42
C ALA D 31 -12.65 -10.89 -7.15
N ILE D 32 -13.18 -11.62 -8.13
CA ILE D 32 -12.33 -12.57 -8.85
C ILE D 32 -11.22 -11.83 -9.57
N ALA D 33 -11.54 -10.67 -10.15
CA ALA D 33 -10.56 -9.89 -10.90
C ALA D 33 -9.49 -9.31 -9.98
N LYS D 34 -9.88 -8.95 -8.74
CA LYS D 34 -8.92 -8.46 -7.76
C LYS D 34 -7.95 -9.56 -7.34
N GLU D 35 -8.45 -10.79 -7.17
CA GLU D 35 -7.60 -11.97 -6.92
C GLU D 35 -6.65 -12.26 -8.10
N LEU D 36 -7.06 -12.02 -9.35
CA LEU D 36 -6.25 -12.29 -10.55
C LEU D 36 -5.51 -11.05 -11.11
N LYS D 37 -5.66 -9.88 -10.47
CA LYS D 37 -5.17 -8.51 -10.85
C LYS D 37 -5.49 -8.24 -12.33
N LEU D 38 -6.76 -8.46 -12.66
CA LEU D 38 -7.29 -8.19 -14.00
C LEU D 38 -8.20 -6.95 -14.07
N ASP D 39 -7.91 -6.09 -15.05
CA ASP D 39 -8.74 -4.95 -15.41
C ASP D 39 -9.76 -5.38 -16.45
N TYR D 40 -10.92 -4.74 -16.42
CA TYR D 40 -12.01 -5.21 -17.26
C TYR D 40 -13.10 -4.16 -17.37
N GLU D 41 -14.02 -4.42 -18.30
CA GLU D 41 -15.26 -3.68 -18.47
C GLU D 41 -16.45 -4.64 -18.54
N LEU D 42 -17.50 -4.32 -17.79
CA LEU D 42 -18.76 -5.05 -17.88
C LEU D 42 -19.55 -4.54 -19.07
N LYS D 43 -20.07 -5.46 -19.88
CA LYS D 43 -20.87 -5.10 -21.05
C LYS D 43 -22.27 -5.68 -20.88
N PRO D 44 -23.17 -4.98 -20.17
CA PRO D 44 -24.53 -5.49 -19.99
C PRO D 44 -25.21 -5.75 -21.33
N MET D 45 -25.89 -6.89 -21.43
CA MET D 45 -26.63 -7.22 -22.65
C MET D 45 -27.67 -8.31 -22.38
N ASP D 46 -28.63 -8.40 -23.30
CA ASP D 46 -29.68 -9.39 -23.19
C ASP D 46 -29.11 -10.79 -23.35
N PHE D 47 -29.66 -11.69 -22.53
CA PHE D 47 -29.06 -13.00 -22.36
C PHE D 47 -28.94 -13.78 -23.65
N SER D 48 -29.96 -13.70 -24.53
CA SER D 48 -30.00 -14.57 -25.72
C SER D 48 -28.74 -14.39 -26.58
N GLY D 49 -28.13 -13.21 -26.53
CA GLY D 49 -26.90 -12.97 -27.26
C GLY D 49 -25.60 -13.30 -26.54
N ILE D 50 -25.63 -13.73 -25.28
CA ILE D 50 -24.38 -13.83 -24.51
C ILE D 50 -23.54 -14.99 -25.02
N ILE D 51 -24.12 -16.18 -25.11
CA ILE D 51 -23.36 -17.35 -25.58
C ILE D 51 -22.89 -17.14 -27.01
N PRO D 52 -23.70 -16.62 -27.94
CA PRO D 52 -23.13 -16.20 -29.24
C PRO D 52 -21.93 -15.27 -29.10
N ALA D 53 -22.00 -14.26 -28.24
CA ALA D 53 -20.89 -13.33 -28.03
C ALA D 53 -19.64 -14.08 -27.58
N LEU D 54 -19.81 -15.12 -26.76
CA LEU D 54 -18.69 -15.95 -26.35
C LEU D 54 -18.12 -16.70 -27.55
N GLN D 55 -19.00 -17.30 -28.36
CA GLN D 55 -18.57 -18.10 -29.52
C GLN D 55 -17.84 -17.25 -30.56
N THR D 56 -18.24 -15.99 -30.71
CA THR D 56 -17.60 -15.08 -31.63
C THR D 56 -16.48 -14.29 -30.98
N LYS D 57 -16.15 -14.60 -29.72
CA LYS D 57 -15.06 -13.94 -29.01
C LYS D 57 -15.24 -12.42 -28.96
N ASN D 58 -16.48 -11.94 -29.02
CA ASN D 58 -16.78 -10.54 -28.78
C ASN D 58 -16.77 -10.21 -27.30
N VAL D 59 -16.77 -11.24 -26.46
CA VAL D 59 -16.62 -11.10 -25.02
C VAL D 59 -15.54 -12.11 -24.61
N ASP D 60 -14.87 -11.81 -23.50
CA ASP D 60 -13.85 -12.71 -23.01
C ASP D 60 -14.42 -13.74 -22.05
N LEU D 61 -15.45 -13.37 -21.31
CA LEU D 61 -16.14 -14.32 -20.45
C LEU D 61 -17.50 -13.71 -20.12
N ALA D 62 -18.30 -14.46 -19.39
CA ALA D 62 -19.59 -13.89 -19.00
C ALA D 62 -20.04 -14.47 -17.66
N LEU D 63 -20.70 -13.59 -16.91
CA LEU D 63 -21.43 -13.96 -15.70
C LEU D 63 -22.87 -13.45 -15.90
N ALA D 64 -23.80 -14.35 -16.05
CA ALA D 64 -25.19 -13.90 -16.19
C ALA D 64 -26.13 -14.96 -15.64
N GLY D 65 -25.77 -15.53 -14.49
CA GLY D 65 -26.50 -16.66 -13.94
C GLY D 65 -26.65 -17.77 -14.94
N ILE D 66 -25.54 -18.15 -15.58
CA ILE D 66 -25.60 -19.06 -16.71
C ILE D 66 -25.53 -20.51 -16.22
N THR D 67 -26.58 -21.28 -16.50
CA THR D 67 -26.65 -22.68 -16.12
C THR D 67 -25.75 -23.55 -17.02
N ILE D 68 -25.05 -24.49 -16.40
CA ILE D 68 -24.24 -25.47 -17.13
C ILE D 68 -25.16 -26.49 -17.80
N THR D 69 -25.08 -26.58 -19.14
CA THR D 69 -25.85 -27.58 -19.89
C THR D 69 -24.90 -28.24 -20.90
N ASP D 70 -25.21 -29.49 -21.26
CA ASP D 70 -24.36 -30.27 -22.18
C ASP D 70 -24.36 -29.69 -23.59
N GLU D 71 -25.54 -29.27 -24.02
CA GLU D 71 -25.81 -28.64 -25.31
C GLU D 71 -24.95 -27.37 -25.45
N ARG D 72 -24.78 -26.66 -24.33
CA ARG D 72 -23.95 -25.49 -24.27
C ARG D 72 -22.47 -25.81 -24.22
N LYS D 73 -22.06 -26.97 -23.67
CA LYS D 73 -20.62 -27.22 -23.66
C LYS D 73 -20.07 -27.59 -25.04
N LYS D 74 -20.95 -27.84 -26.03
CA LYS D 74 -20.53 -28.03 -27.42
C LYS D 74 -20.02 -26.74 -28.05
N ALA D 75 -20.51 -25.60 -27.59
CA ALA D 75 -20.09 -24.30 -28.12
C ALA D 75 -19.16 -23.54 -27.20
N ILE D 76 -19.29 -23.73 -25.88
CA ILE D 76 -18.55 -22.94 -24.90
C ILE D 76 -18.09 -23.86 -23.78
N ASP D 77 -17.23 -23.32 -22.93
CA ASP D 77 -16.71 -24.02 -21.78
C ASP D 77 -17.15 -23.28 -20.53
N PHE D 78 -17.20 -23.98 -19.42
CA PHE D 78 -17.65 -23.42 -18.18
C PHE D 78 -16.59 -23.59 -17.10
N SER D 79 -16.52 -22.58 -16.21
CA SER D 79 -16.01 -22.82 -14.87
C SER D 79 -16.95 -23.83 -14.17
N ASP D 80 -16.48 -24.20 -12.97
CA ASP D 80 -17.07 -24.95 -11.87
C ASP D 80 -18.24 -24.13 -11.26
N GLY D 81 -19.38 -24.76 -10.94
CA GLY D 81 -20.55 -23.98 -10.53
C GLY D 81 -20.25 -23.12 -9.32
N TYR D 82 -20.86 -21.92 -9.27
CA TYR D 82 -20.78 -20.95 -8.18
C TYR D 82 -22.16 -20.67 -7.56
N TYR D 83 -23.22 -21.39 -7.99
CA TYR D 83 -24.55 -21.17 -7.40
C TYR D 83 -25.50 -22.30 -7.79
N LYS D 84 -26.20 -22.84 -6.80
CA LYS D 84 -27.22 -23.87 -7.03
C LYS D 84 -28.57 -23.17 -7.15
N SER D 85 -29.27 -23.46 -8.22
CA SER D 85 -30.47 -22.67 -8.48
C SER D 85 -31.60 -23.63 -8.77
N GLY D 86 -32.69 -23.08 -9.24
CA GLY D 86 -33.79 -23.86 -9.72
C GLY D 86 -34.68 -22.93 -10.51
N LEU D 87 -35.91 -23.38 -10.72
CA LEU D 87 -36.91 -22.61 -11.45
C LEU D 87 -38.12 -22.57 -10.55
N LEU D 88 -38.83 -21.45 -10.56
CA LEU D 88 -39.96 -21.24 -9.67
C LEU D 88 -41.07 -20.63 -10.50
N VAL D 89 -42.29 -20.99 -10.15
CA VAL D 89 -43.48 -20.45 -10.80
C VAL D 89 -43.90 -19.21 -10.03
N MET D 90 -44.26 -18.17 -10.78
CA MET D 90 -44.82 -16.97 -10.22
C MET D 90 -46.18 -16.68 -10.85
N VAL D 91 -47.17 -16.35 -9.99
CA VAL D 91 -48.54 -16.00 -10.41
C VAL D 91 -48.90 -14.72 -9.68
N LYS D 92 -50.01 -14.08 -10.09
CA LYS D 92 -50.61 -13.00 -9.35
C LYS D 92 -51.03 -13.53 -7.97
N ALA D 93 -50.96 -12.64 -6.97
CA ALA D 93 -51.27 -13.08 -5.62
C ALA D 93 -52.74 -13.47 -5.53
N ASP D 94 -53.54 -12.97 -6.45
CA ASP D 94 -54.99 -13.19 -6.44
C ASP D 94 -55.40 -14.52 -7.05
N ASN D 95 -54.45 -15.27 -7.60
CA ASN D 95 -54.70 -16.52 -8.29
C ASN D 95 -54.67 -17.70 -7.32
N ASP D 96 -55.67 -18.56 -7.41
CA ASP D 96 -55.71 -19.82 -6.68
C ASP D 96 -55.82 -21.06 -7.56
N ASP D 97 -56.03 -20.91 -8.88
CA ASP D 97 -56.11 -22.10 -9.73
C ASP D 97 -54.74 -22.80 -9.85
N ILE D 98 -53.64 -22.06 -9.78
CA ILE D 98 -52.33 -22.59 -10.14
C ILE D 98 -51.55 -22.84 -8.84
N LYS D 99 -51.33 -24.12 -8.55
CA LYS D 99 -50.63 -24.53 -7.34
C LYS D 99 -49.21 -24.98 -7.60
N SER D 100 -48.93 -25.45 -8.81
CA SER D 100 -47.61 -25.96 -9.17
C SER D 100 -47.49 -25.90 -10.69
N VAL D 101 -46.31 -26.25 -11.19
CA VAL D 101 -46.10 -26.26 -12.63
C VAL D 101 -47.06 -27.22 -13.30
N LYS D 102 -47.50 -28.26 -12.59
CA LYS D 102 -48.46 -29.20 -13.16
C LYS D 102 -49.75 -28.48 -13.54
N ASP D 103 -50.15 -27.48 -12.76
CA ASP D 103 -51.33 -26.70 -13.09
C ASP D 103 -51.09 -25.73 -14.24
N LEU D 104 -49.88 -25.69 -14.82
CA LEU D 104 -49.62 -24.74 -15.90
C LEU D 104 -50.04 -25.21 -17.27
N ASP D 105 -50.29 -26.50 -17.46
CA ASP D 105 -50.78 -26.98 -18.74
C ASP D 105 -52.09 -26.28 -19.11
N GLY D 106 -52.15 -25.81 -20.35
CA GLY D 106 -53.30 -25.08 -20.85
C GLY D 106 -53.35 -23.63 -20.45
N LYS D 107 -52.24 -23.09 -19.93
CA LYS D 107 -52.16 -21.71 -19.50
C LYS D 107 -51.09 -20.98 -20.32
N VAL D 108 -51.23 -19.67 -20.35
CA VAL D 108 -50.28 -18.81 -21.04
C VAL D 108 -49.16 -18.50 -20.06
N VAL D 109 -47.95 -18.91 -20.42
CA VAL D 109 -46.77 -18.73 -19.59
C VAL D 109 -45.87 -17.72 -20.28
N ALA D 110 -45.36 -16.75 -19.52
CA ALA D 110 -44.37 -15.81 -20.02
C ALA D 110 -42.98 -16.24 -19.53
N VAL D 111 -42.00 -16.23 -20.44
CA VAL D 111 -40.64 -16.66 -20.15
C VAL D 111 -39.65 -15.79 -20.90
N LYS D 112 -38.37 -15.97 -20.58
CA LYS D 112 -37.32 -15.11 -21.13
C LYS D 112 -36.59 -15.86 -22.26
N SER D 113 -36.53 -15.21 -23.42
CA SER D 113 -35.92 -15.83 -24.60
C SER D 113 -34.49 -16.25 -24.30
N GLY D 114 -34.14 -17.46 -24.74
CA GLY D 114 -32.79 -17.93 -24.65
C GLY D 114 -32.41 -18.62 -23.35
N THR D 115 -33.34 -18.79 -22.41
CA THR D 115 -33.04 -19.35 -21.09
C THR D 115 -33.55 -20.78 -21.01
N GLY D 116 -33.06 -21.50 -20.00
CA GLY D 116 -33.52 -22.86 -19.75
C GLY D 116 -34.98 -22.93 -19.38
N SER D 117 -35.57 -21.80 -18.98
CA SER D 117 -37.00 -21.79 -18.72
C SER D 117 -37.78 -22.06 -20.00
N VAL D 118 -37.30 -21.53 -21.13
CA VAL D 118 -37.98 -21.79 -22.38
C VAL D 118 -37.88 -23.27 -22.72
N ASP D 119 -36.68 -23.85 -22.60
CA ASP D 119 -36.51 -25.28 -22.88
C ASP D 119 -37.36 -26.14 -21.95
N TYR D 120 -37.45 -25.77 -20.68
CA TYR D 120 -38.24 -26.55 -19.74
C TYR D 120 -39.73 -26.48 -20.08
N ALA D 121 -40.23 -25.27 -20.37
CA ALA D 121 -41.63 -25.07 -20.77
C ALA D 121 -41.92 -25.80 -22.08
N LYS D 122 -40.96 -25.73 -22.99
CA LYS D 122 -40.96 -26.38 -24.29
C LYS D 122 -41.04 -27.90 -24.15
N ALA D 123 -40.38 -28.44 -23.11
CA ALA D 123 -40.32 -29.86 -22.85
C ALA D 123 -41.49 -30.41 -22.05
N ASN D 124 -42.05 -29.67 -21.10
CA ASN D 124 -42.86 -30.29 -20.06
C ASN D 124 -44.23 -29.69 -19.79
N ILE D 125 -44.65 -28.65 -20.51
CA ILE D 125 -45.88 -27.95 -20.19
C ILE D 125 -46.66 -27.72 -21.47
N LYS D 126 -47.88 -28.24 -21.53
CA LYS D 126 -48.74 -28.08 -22.70
C LYS D 126 -49.38 -26.71 -22.59
N THR D 127 -48.60 -25.68 -22.91
CA THR D 127 -49.12 -24.33 -22.81
C THR D 127 -50.16 -24.07 -23.90
N LYS D 128 -51.14 -23.22 -23.57
CA LYS D 128 -51.98 -22.57 -24.58
C LYS D 128 -51.14 -21.62 -25.39
N ASP D 129 -50.18 -20.98 -24.71
CA ASP D 129 -49.23 -20.14 -25.41
C ASP D 129 -48.03 -19.82 -24.53
N LEU D 130 -46.85 -19.95 -25.11
CA LEU D 130 -45.59 -19.68 -24.42
C LEU D 130 -45.03 -18.40 -25.04
N ARG D 131 -45.16 -17.19 -24.39
CA ARG D 131 -44.72 -15.92 -24.98
C ARG D 131 -43.33 -15.56 -24.42
N GLN D 132 -42.36 -15.55 -25.33
CA GLN D 132 -40.97 -15.33 -25.01
C GLN D 132 -40.72 -13.84 -25.08
N PHE D 133 -39.94 -13.35 -24.16
CA PHE D 133 -39.58 -11.94 -24.05
C PHE D 133 -38.06 -11.86 -23.93
N PRO D 134 -37.46 -10.73 -24.32
CA PRO D 134 -35.97 -10.62 -24.24
C PRO D 134 -35.46 -10.49 -22.82
N ASN D 135 -36.25 -9.85 -21.94
CA ASN D 135 -35.92 -9.67 -20.53
C ASN D 135 -37.08 -10.13 -19.64
N ILE D 136 -36.71 -10.59 -18.44
CA ILE D 136 -37.67 -11.24 -17.58
C ILE D 136 -38.63 -10.22 -16.97
N ASP D 137 -38.16 -8.97 -16.76
CA ASP D 137 -39.06 -7.95 -16.23
C ASP D 137 -40.14 -7.59 -17.24
N ASN D 138 -39.90 -7.83 -18.52
CA ASN D 138 -41.01 -7.79 -19.45
C ASN D 138 -42.02 -8.89 -19.14
N ALA D 139 -41.54 -10.10 -18.83
CA ALA D 139 -42.45 -11.18 -18.52
C ALA D 139 -43.21 -10.85 -17.24
N TYR D 140 -42.53 -10.24 -16.27
CA TYR D 140 -43.24 -9.91 -15.04
C TYR D 140 -44.43 -9.01 -15.32
N MET D 141 -44.23 -7.98 -16.15
CA MET D 141 -45.30 -7.02 -16.37
C MET D 141 -46.43 -7.63 -17.19
N GLU D 142 -46.07 -8.50 -18.12
CA GLU D 142 -47.03 -9.25 -18.89
C GLU D 142 -47.96 -10.05 -17.99
N LEU D 143 -47.41 -10.68 -16.96
CA LEU D 143 -48.24 -11.34 -15.99
C LEU D 143 -49.05 -10.32 -15.19
N GLY D 144 -48.40 -9.25 -14.73
CA GLY D 144 -49.02 -8.29 -13.84
C GLY D 144 -50.21 -7.56 -14.44
N THR D 145 -50.18 -7.31 -15.73
CA THR D 145 -51.30 -6.71 -16.42
C THR D 145 -52.34 -7.73 -16.86
N GLY D 146 -52.16 -9.00 -16.50
CA GLY D 146 -53.07 -10.04 -16.94
C GLY D 146 -52.93 -10.57 -18.35
N ARG D 147 -51.81 -10.35 -19.05
CA ARG D 147 -51.64 -10.91 -20.39
C ARG D 147 -51.06 -12.33 -20.43
N ALA D 148 -50.64 -12.87 -19.29
CA ALA D 148 -50.19 -14.25 -19.15
C ALA D 148 -50.65 -14.74 -17.78
N ASP D 149 -50.76 -16.05 -17.60
CA ASP D 149 -51.21 -16.59 -16.32
C ASP D 149 -50.08 -16.83 -15.33
N ALA D 150 -48.86 -16.98 -15.81
CA ALA D 150 -47.75 -17.31 -14.93
C ALA D 150 -46.47 -16.84 -15.57
N VAL D 151 -45.43 -16.75 -14.77
CA VAL D 151 -44.06 -16.63 -15.25
C VAL D 151 -43.27 -17.77 -14.64
N LEU D 152 -42.43 -18.39 -15.45
CA LEU D 152 -41.52 -19.42 -14.94
C LEU D 152 -40.09 -18.91 -15.12
N HIS D 153 -39.35 -18.81 -14.03
CA HIS D 153 -37.96 -18.39 -14.17
C HIS D 153 -37.18 -18.76 -12.92
N ASP D 154 -35.91 -18.36 -12.93
CA ASP D 154 -34.96 -18.83 -11.92
C ASP D 154 -35.40 -18.43 -10.51
N THR D 155 -35.36 -19.38 -9.61
CA THR D 155 -35.81 -19.16 -8.24
C THR D 155 -35.28 -17.91 -7.54
N PRO D 156 -33.98 -17.70 -7.44
CA PRO D 156 -33.52 -16.48 -6.74
C PRO D 156 -34.03 -15.19 -7.39
N ASN D 157 -34.26 -15.21 -8.71
CA ASN D 157 -34.77 -14.02 -9.39
C ASN D 157 -36.25 -13.79 -9.03
N ILE D 158 -37.05 -14.85 -9.06
CA ILE D 158 -38.50 -14.73 -8.76
C ILE D 158 -38.74 -14.23 -7.33
N LEU D 159 -38.00 -14.83 -6.39
CA LEU D 159 -38.03 -14.49 -4.97
C LEU D 159 -37.57 -13.07 -4.69
N TYR D 160 -36.52 -12.65 -5.38
CA TYR D 160 -36.03 -11.28 -5.17
C TYR D 160 -36.97 -10.26 -5.74
N PHE D 161 -37.52 -10.52 -6.94
CA PHE D 161 -38.48 -9.58 -7.54
C PHE D 161 -39.69 -9.39 -6.63
N ILE D 162 -40.26 -10.49 -6.16
CA ILE D 162 -41.47 -10.43 -5.32
C ILE D 162 -41.19 -9.58 -4.08
N LYS D 163 -40.08 -9.87 -3.41
CA LYS D 163 -39.73 -9.19 -2.16
C LYS D 163 -39.64 -7.69 -2.33
N THR D 164 -39.14 -7.22 -3.47
CA THR D 164 -38.76 -5.83 -3.63
C THR D 164 -39.67 -5.05 -4.55
N ALA D 165 -40.07 -5.60 -5.69
CA ALA D 165 -40.86 -4.84 -6.65
C ALA D 165 -42.24 -5.43 -6.88
N GLY D 166 -42.56 -6.56 -6.25
CA GLY D 166 -43.83 -7.21 -6.46
C GLY D 166 -44.97 -6.42 -5.87
N ASN D 167 -44.71 -5.67 -4.79
CA ASN D 167 -45.72 -4.87 -4.11
C ASN D 167 -46.84 -5.78 -3.60
N GLY D 168 -46.49 -6.95 -3.11
CA GLY D 168 -47.49 -7.87 -2.63
C GLY D 168 -48.53 -8.36 -3.61
N GLN D 169 -48.40 -7.99 -4.88
CA GLN D 169 -49.36 -8.44 -5.90
C GLN D 169 -48.90 -9.65 -6.70
N PHE D 170 -47.75 -10.21 -6.37
CA PHE D 170 -47.29 -11.44 -7.01
C PHE D 170 -46.94 -12.46 -5.95
N LYS D 171 -47.00 -13.74 -6.30
CA LYS D 171 -46.59 -14.75 -5.36
C LYS D 171 -45.96 -15.94 -6.10
N ALA D 172 -45.12 -16.64 -5.38
CA ALA D 172 -44.49 -17.86 -5.85
C ALA D 172 -45.33 -19.04 -5.40
N VAL D 173 -45.40 -20.08 -6.23
CA VAL D 173 -46.13 -21.28 -5.89
C VAL D 173 -45.23 -22.48 -6.12
N GLY D 174 -45.49 -23.56 -5.36
CA GLY D 174 -44.70 -24.77 -5.55
C GLY D 174 -43.28 -24.55 -5.02
N ASP D 175 -42.37 -25.44 -5.41
CA ASP D 175 -40.94 -25.35 -5.06
C ASP D 175 -40.09 -25.47 -6.31
N SER D 176 -38.79 -25.20 -6.14
CA SER D 176 -37.85 -25.09 -7.25
C SER D 176 -37.66 -26.42 -7.97
N LEU D 177 -37.94 -26.39 -9.27
CA LEU D 177 -37.81 -27.48 -10.21
C LEU D 177 -36.44 -27.41 -10.89
N GLU D 178 -36.04 -28.53 -11.48
CA GLU D 178 -34.83 -28.64 -12.32
C GLU D 178 -33.65 -27.98 -11.60
N ALA D 179 -33.34 -28.52 -10.41
CA ALA D 179 -32.20 -28.05 -9.63
C ALA D 179 -30.95 -28.01 -10.51
N GLN D 180 -30.25 -26.89 -10.45
CA GLN D 180 -29.20 -26.61 -11.43
C GLN D 180 -28.21 -25.64 -10.80
N GLN D 181 -27.07 -25.49 -11.46
CA GLN D 181 -26.03 -24.60 -10.98
C GLN D 181 -25.53 -23.71 -12.11
N TYR D 182 -25.10 -22.52 -11.73
CA TYR D 182 -24.55 -21.53 -12.65
C TYR D 182 -23.04 -21.71 -12.75
N GLY D 183 -22.48 -21.48 -13.93
CA GLY D 183 -21.04 -21.45 -14.10
C GLY D 183 -20.65 -20.21 -14.87
N ILE D 184 -19.43 -19.73 -14.62
CA ILE D 184 -18.89 -18.64 -15.46
C ILE D 184 -18.60 -19.23 -16.84
N ALA D 185 -19.01 -18.50 -17.88
CA ALA D 185 -18.95 -19.04 -19.23
C ALA D 185 -17.75 -18.47 -19.96
N PHE D 186 -17.14 -19.31 -20.80
CA PHE D 186 -15.97 -18.91 -21.53
C PHE D 186 -16.07 -19.37 -22.97
N PRO D 187 -15.44 -18.64 -23.88
CA PRO D 187 -15.27 -19.17 -25.23
C PRO D 187 -14.37 -20.40 -25.13
N LYS D 188 -14.57 -21.33 -26.06
CA LYS D 188 -13.69 -22.49 -26.12
C LYS D 188 -12.26 -22.02 -26.39
N GLY D 189 -11.30 -22.76 -25.83
CA GLY D 189 -9.90 -22.44 -26.02
C GLY D 189 -9.34 -21.43 -25.04
N SER D 190 -10.07 -21.09 -23.99
CA SER D 190 -9.65 -20.18 -22.94
C SER D 190 -9.24 -20.94 -21.69
N ASP D 191 -8.61 -22.12 -21.86
CA ASP D 191 -8.39 -23.00 -20.71
C ASP D 191 -7.51 -22.34 -19.64
N GLU D 192 -6.58 -21.47 -20.03
CA GLU D 192 -5.71 -20.85 -19.06
C GLU D 192 -6.49 -19.91 -18.15
N LEU D 193 -7.33 -19.06 -18.73
CA LEU D 193 -8.18 -18.20 -17.93
C LEU D 193 -9.25 -19.00 -17.17
N ARG D 194 -9.86 -19.99 -17.82
CA ARG D 194 -10.84 -20.81 -17.13
C ARG D 194 -10.22 -21.51 -15.93
N ASP D 195 -9.02 -22.08 -16.09
CA ASP D 195 -8.41 -22.77 -14.95
C ASP D 195 -7.95 -21.78 -13.88
N LYS D 196 -7.45 -20.61 -14.28
CA LYS D 196 -7.15 -19.56 -13.30
C LYS D 196 -8.39 -19.08 -12.56
N VAL D 197 -9.51 -18.90 -13.29
CA VAL D 197 -10.73 -18.43 -12.63
C VAL D 197 -11.21 -19.48 -11.65
N ASN D 198 -11.19 -20.76 -12.09
CA ASN D 198 -11.54 -21.86 -11.20
C ASN D 198 -10.68 -21.84 -9.95
N GLY D 199 -9.36 -21.61 -10.12
CA GLY D 199 -8.47 -21.45 -8.98
C GLY D 199 -8.83 -20.25 -8.12
N ALA D 200 -9.16 -19.11 -8.76
CA ALA D 200 -9.60 -17.93 -8.02
C ALA D 200 -10.95 -18.17 -7.36
N LEU D 201 -11.78 -19.06 -7.94
CA LEU D 201 -13.04 -19.42 -7.32
C LEU D 201 -12.82 -20.23 -6.06
N LYS D 202 -11.90 -21.20 -6.06
CA LYS D 202 -11.58 -21.92 -4.82
C LYS D 202 -11.17 -20.95 -3.73
N THR D 203 -10.35 -19.95 -4.07
CA THR D 203 -9.85 -19.00 -3.08
C THR D 203 -10.95 -18.16 -2.46
N LEU D 204 -11.76 -17.49 -3.29
CA LEU D 204 -12.76 -16.58 -2.73
C LEU D 204 -13.81 -17.31 -1.90
N ARG D 205 -14.11 -18.55 -2.23
CA ARG D 205 -15.07 -19.30 -1.44
C ARG D 205 -14.43 -19.78 -0.12
N GLU D 206 -13.11 -20.09 -0.15
CA GLU D 206 -12.37 -20.58 1.01
C GLU D 206 -11.82 -19.46 1.89
N ASN D 207 -11.61 -18.26 1.35
CA ASN D 207 -11.09 -17.14 2.15
C ASN D 207 -12.22 -16.30 2.73
N GLY D 208 -13.49 -16.64 2.42
CA GLY D 208 -14.64 -15.96 3.00
C GLY D 208 -15.20 -14.78 2.20
N THR D 209 -14.54 -14.36 1.12
CA THR D 209 -15.03 -13.22 0.36
C THR D 209 -16.39 -13.53 -0.26
N TYR D 210 -16.59 -14.80 -0.66
CA TYR D 210 -17.84 -15.23 -1.26
C TYR D 210 -19.05 -14.95 -0.36
N ASN D 211 -18.98 -15.35 0.92
CA ASN D 211 -20.16 -15.18 1.78
C ASN D 211 -20.40 -13.71 2.14
N GLU D 212 -19.35 -12.86 2.21
CA GLU D 212 -19.61 -11.44 2.46
C GLU D 212 -20.47 -10.85 1.35
N ILE D 213 -20.19 -11.22 0.09
CA ILE D 213 -21.01 -10.76 -1.05
C ILE D 213 -22.41 -11.41 -1.02
N TYR D 214 -22.49 -12.71 -0.73
CA TYR D 214 -23.75 -13.43 -0.68
C TYR D 214 -24.72 -12.81 0.33
N LYS D 215 -24.24 -12.44 1.52
CA LYS D 215 -25.10 -11.80 2.51
C LYS D 215 -25.58 -10.44 2.03
N LYS D 216 -24.78 -9.72 1.25
CA LYS D 216 -25.18 -8.41 0.75
C LYS D 216 -26.50 -8.48 -0.02
N TRP D 217 -26.66 -9.51 -0.86
CA TRP D 217 -27.78 -9.67 -1.79
C TRP D 217 -28.82 -10.70 -1.36
N PHE D 218 -28.45 -11.65 -0.52
CA PHE D 218 -29.32 -12.73 -0.12
C PHE D 218 -29.59 -12.76 1.39
N GLY D 219 -28.91 -11.94 2.17
CA GLY D 219 -29.14 -11.81 3.60
C GLY D 219 -29.68 -13.02 4.35
N MET E 1 -43.67 36.99 -2.68
CA MET E 1 -42.86 36.21 -3.64
C MET E 1 -42.15 35.03 -2.95
N LEU E 2 -41.71 34.09 -3.76
CA LEU E 2 -40.97 32.94 -3.27
C LEU E 2 -39.52 33.31 -3.00
N VAL E 3 -38.96 32.78 -1.90
CA VAL E 3 -37.57 32.98 -1.55
C VAL E 3 -36.80 31.70 -1.87
N VAL E 4 -35.83 31.80 -2.77
CA VAL E 4 -35.14 30.63 -3.29
C VAL E 4 -33.71 30.69 -2.77
N ALA E 5 -33.36 29.72 -1.92
CA ALA E 5 -32.02 29.63 -1.38
C ALA E 5 -31.06 29.14 -2.46
N THR E 6 -29.85 29.67 -2.43
CA THR E 6 -28.81 29.19 -3.33
C THR E 6 -27.45 29.29 -2.64
N ASP E 7 -26.46 28.70 -3.29
CA ASP E 7 -25.14 28.66 -2.72
C ASP E 7 -24.47 30.00 -2.94
N THR E 8 -23.68 30.41 -1.97
CA THR E 8 -22.88 31.61 -2.15
C THR E 8 -22.01 31.50 -3.41
N ALA E 9 -21.40 30.35 -3.64
CA ALA E 9 -20.43 30.28 -4.74
C ALA E 9 -20.14 28.80 -5.08
N PHE E 10 -20.81 28.33 -6.13
CA PHE E 10 -20.70 26.98 -6.63
C PHE E 10 -20.73 27.02 -8.15
N VAL E 11 -19.57 27.28 -8.73
CA VAL E 11 -19.48 27.44 -10.17
C VAL E 11 -19.70 26.06 -10.76
N PRO E 12 -20.36 25.93 -11.92
CA PRO E 12 -21.03 26.97 -12.70
C PRO E 12 -22.56 27.04 -12.39
N PHE E 13 -22.99 26.51 -11.26
CA PHE E 13 -24.43 26.47 -10.93
C PHE E 13 -24.97 27.78 -10.38
N GLU E 14 -24.22 28.45 -9.48
CA GLU E 14 -24.56 29.76 -9.00
C GLU E 14 -23.30 30.49 -8.52
N PHE E 15 -23.15 31.73 -8.97
CA PHE E 15 -22.03 32.56 -8.54
C PHE E 15 -22.34 34.01 -8.91
N LYS E 16 -21.73 34.93 -8.17
CA LYS E 16 -21.89 36.37 -8.38
C LYS E 16 -21.09 36.81 -9.61
N GLN E 17 -21.75 37.45 -10.56
CA GLN E 17 -21.16 37.98 -11.80
C GLN E 17 -21.55 39.45 -11.81
N GLY E 18 -20.70 40.29 -11.22
CA GLY E 18 -20.97 41.67 -10.86
C GLY E 18 -21.75 41.85 -9.55
N ASP E 19 -23.02 42.26 -9.64
CA ASP E 19 -23.96 42.34 -8.53
C ASP E 19 -25.20 41.52 -8.86
N LEU E 20 -25.07 40.64 -9.85
CA LEU E 20 -26.11 39.71 -10.29
C LEU E 20 -25.63 38.29 -10.03
N TYR E 21 -26.54 37.40 -9.62
CA TYR E 21 -26.21 35.99 -9.53
C TYR E 21 -26.50 35.29 -10.86
N VAL E 22 -25.54 34.51 -11.33
CA VAL E 22 -25.69 33.76 -12.57
C VAL E 22 -25.34 32.31 -12.34
N GLY E 23 -25.73 31.49 -13.32
CA GLY E 23 -25.39 30.08 -13.31
C GLY E 23 -26.43 29.13 -13.88
N PHE E 24 -26.04 27.86 -14.01
CA PHE E 24 -26.95 26.87 -14.52
C PHE E 24 -28.19 26.72 -13.63
N ASP E 25 -28.01 26.69 -12.30
CA ASP E 25 -29.20 26.69 -11.44
C ASP E 25 -29.98 28.00 -11.56
N VAL E 26 -29.27 29.12 -11.63
CA VAL E 26 -29.94 30.41 -11.72
C VAL E 26 -30.77 30.51 -12.99
N ASP E 27 -30.13 30.21 -14.14
CA ASP E 27 -30.77 30.31 -15.45
C ASP E 27 -31.90 29.29 -15.54
N LEU E 28 -31.66 28.11 -14.98
CA LEU E 28 -32.70 27.11 -15.02
C LEU E 28 -33.91 27.54 -14.23
N TRP E 29 -33.71 27.94 -12.98
CA TRP E 29 -34.87 28.28 -12.15
C TRP E 29 -35.61 29.47 -12.76
N ALA E 30 -34.87 30.47 -13.25
CA ALA E 30 -35.48 31.64 -13.89
C ALA E 30 -36.39 31.23 -15.06
N ALA E 31 -35.91 30.34 -15.93
CA ALA E 31 -36.75 29.89 -17.03
C ALA E 31 -37.96 29.12 -16.49
N ILE E 32 -37.76 28.34 -15.43
CA ILE E 32 -38.85 27.59 -14.80
C ILE E 32 -39.91 28.53 -14.24
N ALA E 33 -39.45 29.61 -13.58
CA ALA E 33 -40.37 30.53 -12.94
C ALA E 33 -41.18 31.28 -13.99
N LYS E 34 -40.58 31.58 -15.14
CA LYS E 34 -41.29 32.27 -16.22
C LYS E 34 -42.41 31.43 -16.82
N GLU E 35 -42.18 30.12 -17.01
CA GLU E 35 -43.24 29.25 -17.50
C GLU E 35 -44.41 29.17 -16.53
N LEU E 36 -44.10 29.18 -15.23
CA LEU E 36 -45.14 29.05 -14.20
C LEU E 36 -45.62 30.38 -13.63
N LYS E 37 -45.09 31.51 -14.11
CA LYS E 37 -45.49 32.84 -13.66
C LYS E 37 -45.45 32.94 -12.13
N LEU E 38 -44.36 32.45 -11.54
CA LEU E 38 -44.10 32.60 -10.12
C LEU E 38 -42.96 33.58 -9.98
N ASP E 39 -43.18 34.62 -9.17
CA ASP E 39 -42.22 35.65 -8.83
C ASP E 39 -41.40 35.19 -7.63
N TYR E 40 -40.13 35.62 -7.59
CA TYR E 40 -39.23 35.06 -6.58
C TYR E 40 -38.02 35.95 -6.35
N GLU E 41 -37.30 35.63 -5.27
CA GLU E 41 -36.04 36.29 -4.98
C GLU E 41 -35.01 35.20 -4.71
N LEU E 42 -33.79 35.34 -5.20
CA LEU E 42 -32.71 34.42 -4.85
C LEU E 42 -32.07 34.85 -3.52
N LYS E 43 -31.81 33.88 -2.61
CA LYS E 43 -31.13 34.16 -1.34
C LYS E 43 -29.82 33.38 -1.23
N PRO E 44 -28.72 33.92 -1.79
CA PRO E 44 -27.43 33.20 -1.69
C PRO E 44 -27.08 32.97 -0.22
N MET E 45 -26.60 31.77 0.09
CA MET E 45 -26.17 31.47 1.45
C MET E 45 -25.22 30.28 1.43
N ASP E 46 -24.43 30.15 2.50
CA ASP E 46 -23.47 29.08 2.60
C ASP E 46 -24.16 27.74 2.62
N PHE E 47 -23.58 26.76 1.95
CA PHE E 47 -24.30 25.53 1.75
C PHE E 47 -24.75 24.94 3.08
N SER E 48 -24.08 25.28 4.17
CA SER E 48 -24.38 24.57 5.40
C SER E 48 -25.86 24.59 5.73
N GLY E 49 -26.52 25.73 5.48
CA GLY E 49 -27.87 26.09 5.85
C GLY E 49 -29.00 25.76 4.90
N ILE E 50 -28.74 25.21 3.72
CA ILE E 50 -29.83 25.10 2.76
C ILE E 50 -30.83 24.03 3.19
N ILE E 51 -30.36 22.82 3.53
CA ILE E 51 -31.30 21.76 3.93
C ILE E 51 -32.03 22.12 5.21
N PRO E 52 -31.38 22.58 6.29
CA PRO E 52 -32.10 23.10 7.45
C PRO E 52 -33.16 24.17 7.14
N ALA E 53 -32.80 25.15 6.31
CA ALA E 53 -33.76 26.18 5.96
C ALA E 53 -34.99 25.61 5.29
N LEU E 54 -34.82 24.59 4.44
CA LEU E 54 -35.97 24.01 3.74
C LEU E 54 -36.96 23.40 4.72
N GLN E 55 -36.45 22.63 5.68
CA GLN E 55 -37.29 21.98 6.67
C GLN E 55 -37.99 22.99 7.58
N THR E 56 -37.37 24.14 7.87
CA THR E 56 -37.90 25.10 8.84
C THR E 56 -38.81 26.20 8.25
N LYS E 57 -39.15 26.11 6.96
CA LYS E 57 -40.01 27.09 6.26
C LYS E 57 -39.38 28.50 6.28
N ASN E 58 -38.05 28.57 6.41
CA ASN E 58 -37.32 29.83 6.22
C ASN E 58 -37.12 30.19 4.74
N VAL E 59 -37.18 29.22 3.82
CA VAL E 59 -37.15 29.47 2.38
C VAL E 59 -38.20 28.58 1.73
N ASP E 60 -38.59 28.95 0.51
CA ASP E 60 -39.62 28.22 -0.23
C ASP E 60 -39.06 27.09 -1.08
N LEU E 61 -37.80 27.19 -1.56
CA LEU E 61 -37.15 26.13 -2.34
C LEU E 61 -35.65 26.43 -2.40
N ALA E 62 -34.89 25.54 -3.03
CA ALA E 62 -33.45 25.72 -3.12
C ALA E 62 -32.93 25.11 -4.40
N LEU E 63 -31.93 25.79 -4.97
CA LEU E 63 -31.11 25.27 -6.05
C LEU E 63 -29.68 25.53 -5.62
N ALA E 64 -28.92 24.47 -5.41
CA ALA E 64 -27.55 24.60 -4.97
C ALA E 64 -26.76 23.38 -5.41
N GLY E 65 -27.00 22.95 -6.64
CA GLY E 65 -26.41 21.73 -7.18
C GLY E 65 -26.53 20.54 -6.26
N ILE E 66 -27.73 20.29 -5.77
CA ILE E 66 -27.92 19.31 -4.71
C ILE E 66 -28.08 17.92 -5.31
N THR E 67 -27.23 16.98 -4.88
CA THR E 67 -27.36 15.61 -5.35
C THR E 67 -28.66 15.01 -4.79
N ILE E 68 -29.45 14.41 -5.67
CA ILE E 68 -30.64 13.65 -5.24
C ILE E 68 -30.11 12.36 -4.63
N THR E 69 -30.43 12.12 -3.36
CA THR E 69 -30.03 10.89 -2.68
C THR E 69 -31.25 10.40 -1.88
N ASP E 70 -31.26 9.08 -1.63
CA ASP E 70 -32.23 8.39 -0.76
C ASP E 70 -32.20 8.95 0.67
N GLU E 71 -30.99 9.18 1.19
CA GLU E 71 -30.86 9.62 2.58
C GLU E 71 -31.46 10.99 2.73
N ARG E 72 -31.33 11.82 1.68
CA ARG E 72 -31.93 13.16 1.74
C ARG E 72 -33.43 13.25 1.48
N LYS E 73 -34.01 12.40 0.61
CA LYS E 73 -35.46 12.46 0.38
C LYS E 73 -36.24 12.04 1.62
N LYS E 74 -35.55 11.60 2.69
CA LYS E 74 -36.20 11.41 3.98
C LYS E 74 -36.52 12.77 4.58
N ALA E 75 -35.70 13.78 4.25
CA ALA E 75 -35.78 15.12 4.84
C ALA E 75 -36.42 16.19 3.97
N ILE E 76 -36.34 16.11 2.63
CA ILE E 76 -36.91 17.08 1.70
C ILE E 76 -37.40 16.28 0.49
N ASP E 77 -38.10 16.96 -0.41
CA ASP E 77 -38.58 16.38 -1.66
C ASP E 77 -37.72 16.93 -2.80
N PHE E 78 -37.68 16.21 -3.91
CA PHE E 78 -36.83 16.58 -5.03
C PHE E 78 -37.62 16.58 -6.32
N SER E 79 -37.22 17.47 -7.20
CA SER E 79 -37.71 17.51 -8.58
C SER E 79 -37.28 16.25 -9.33
N ASP E 80 -37.72 16.20 -10.59
CA ASP E 80 -37.02 15.37 -11.57
C ASP E 80 -35.56 15.81 -11.71
N GLY E 81 -34.70 14.82 -11.94
CA GLY E 81 -33.28 15.11 -12.08
C GLY E 81 -33.06 16.01 -13.28
N TYR E 82 -32.24 17.03 -13.10
CA TYR E 82 -32.03 18.01 -14.14
C TYR E 82 -30.60 18.12 -14.62
N TYR E 83 -29.68 17.32 -14.09
CA TYR E 83 -28.29 17.37 -14.50
C TYR E 83 -27.54 16.13 -14.02
N LYS E 84 -26.71 15.51 -14.90
CA LYS E 84 -25.91 14.34 -14.59
C LYS E 84 -24.47 14.74 -14.26
N SER E 85 -24.00 14.32 -13.08
CA SER E 85 -22.75 14.83 -12.52
C SER E 85 -21.82 13.76 -11.93
N GLY E 86 -20.85 14.18 -11.14
CA GLY E 86 -19.81 13.31 -10.62
C GLY E 86 -19.09 13.85 -9.38
N LEU E 87 -17.79 13.59 -9.27
CA LEU E 87 -17.00 14.12 -8.16
C LEU E 87 -15.51 13.97 -8.43
N LEU E 88 -14.69 14.93 -7.95
CA LEU E 88 -13.27 14.88 -8.31
C LEU E 88 -12.28 15.48 -7.32
N VAL E 89 -11.00 15.00 -7.47
CA VAL E 89 -9.81 15.48 -6.78
C VAL E 89 -9.09 16.53 -7.63
N MET E 90 -8.60 17.59 -6.98
CA MET E 90 -7.83 18.61 -7.68
C MET E 90 -6.48 18.89 -7.05
N VAL E 91 -5.47 19.10 -7.89
CA VAL E 91 -4.15 19.39 -7.38
C VAL E 91 -3.48 20.55 -8.12
N LYS E 92 -2.42 21.05 -7.50
CA LYS E 92 -1.55 22.01 -8.17
C LYS E 92 -0.96 21.35 -9.40
N ALA E 93 -0.78 22.15 -10.47
CA ALA E 93 -0.35 21.58 -11.73
C ALA E 93 1.05 20.96 -11.64
N ASP E 94 1.90 21.41 -10.72
CA ASP E 94 3.23 20.81 -10.65
C ASP E 94 3.25 19.52 -9.83
N ASN E 95 2.16 19.18 -9.16
CA ASN E 95 2.18 18.07 -8.22
C ASN E 95 2.40 16.76 -8.98
N ASP E 96 3.33 15.96 -8.45
CA ASP E 96 3.58 14.62 -8.94
C ASP E 96 3.26 13.57 -7.90
N ASP E 97 3.07 13.99 -6.65
CA ASP E 97 2.85 13.04 -5.56
C ASP E 97 1.51 12.32 -5.67
N ILE E 98 0.45 13.01 -6.10
CA ILE E 98 -0.92 12.53 -5.90
C ILE E 98 -1.60 12.22 -7.23
N LYS E 99 -1.82 10.93 -7.48
CA LYS E 99 -2.45 10.42 -8.69
C LYS E 99 -3.88 9.95 -8.48
N SER E 100 -4.27 9.68 -7.24
CA SER E 100 -5.62 9.24 -6.91
C SER E 100 -5.92 9.66 -5.47
N VAL E 101 -7.19 9.53 -5.09
CA VAL E 101 -7.58 9.97 -3.75
C VAL E 101 -6.87 9.17 -2.67
N LYS E 102 -6.49 7.93 -2.96
CA LYS E 102 -5.78 7.13 -1.95
C LYS E 102 -4.46 7.79 -1.56
N ASP E 103 -3.77 8.42 -2.53
CA ASP E 103 -2.51 9.07 -2.18
C ASP E 103 -2.74 10.35 -1.38
N LEU E 104 -4.00 10.68 -1.10
CA LEU E 104 -4.30 11.82 -0.25
C LEU E 104 -4.01 11.49 1.21
N ASP E 105 -3.79 10.20 1.50
CA ASP E 105 -3.36 9.78 2.83
C ASP E 105 -2.08 10.50 3.21
N GLY E 106 -2.08 11.11 4.39
CA GLY E 106 -0.91 11.79 4.84
C GLY E 106 -0.71 13.13 4.20
N LYS E 107 -1.73 13.68 3.54
CA LYS E 107 -1.58 15.00 2.95
C LYS E 107 -2.60 16.02 3.51
N VAL E 108 -2.33 17.30 3.30
CA VAL E 108 -3.27 18.36 3.70
C VAL E 108 -4.32 18.54 2.60
N VAL E 109 -5.59 18.29 2.93
CA VAL E 109 -6.72 18.39 2.01
C VAL E 109 -7.68 19.47 2.49
N ALA E 110 -8.02 20.39 1.61
CA ALA E 110 -9.00 21.42 1.94
C ALA E 110 -10.33 21.06 1.29
N VAL E 111 -11.43 21.20 2.03
CA VAL E 111 -12.77 20.92 1.49
C VAL E 111 -13.82 21.83 2.12
N LYS E 112 -15.05 21.72 1.60
CA LYS E 112 -16.15 22.64 1.92
C LYS E 112 -17.15 22.02 2.87
N SER E 113 -17.45 22.73 3.95
CA SER E 113 -18.34 22.17 4.94
C SER E 113 -19.73 21.83 4.35
N GLY E 114 -20.22 20.65 4.71
CA GLY E 114 -21.58 20.27 4.42
C GLY E 114 -21.83 19.50 3.15
N THR E 115 -20.82 19.06 2.42
CA THR E 115 -21.09 18.50 1.08
C THR E 115 -21.02 16.97 1.04
N GLY E 116 -21.62 16.42 -0.04
CA GLY E 116 -21.69 14.99 -0.30
C GLY E 116 -20.38 14.28 -0.62
N SER E 117 -19.35 15.05 -1.03
CA SER E 117 -17.95 14.63 -1.24
C SER E 117 -17.28 14.24 0.09
N VAL E 118 -17.65 14.96 1.16
CA VAL E 118 -17.10 14.73 2.50
C VAL E 118 -17.53 13.36 2.96
N ASP E 119 -18.73 12.93 2.55
CA ASP E 119 -19.20 11.57 2.80
C ASP E 119 -18.14 10.57 2.36
N TYR E 120 -17.35 10.93 1.33
CA TYR E 120 -16.17 10.17 0.98
C TYR E 120 -15.01 10.44 1.94
N ALA E 121 -14.78 11.71 2.33
CA ALA E 121 -13.59 12.02 3.12
C ALA E 121 -13.58 11.34 4.47
N LYS E 122 -14.66 11.44 5.19
CA LYS E 122 -14.69 10.86 6.50
C LYS E 122 -14.88 9.35 6.46
N ALA E 123 -15.71 8.85 5.54
CA ALA E 123 -15.94 7.41 5.48
C ALA E 123 -14.88 6.65 4.70
N ASN E 124 -14.26 7.27 3.70
CA ASN E 124 -13.55 6.50 2.70
C ASN E 124 -12.13 6.95 2.34
N ILE E 125 -11.61 8.02 2.95
CA ILE E 125 -10.22 8.46 2.71
C ILE E 125 -9.68 8.98 4.05
N LYS E 126 -8.56 8.43 4.57
CA LYS E 126 -7.94 8.85 5.85
C LYS E 126 -7.00 10.04 5.63
N THR E 127 -7.53 11.28 5.77
CA THR E 127 -6.75 12.51 5.57
C THR E 127 -5.62 12.62 6.61
N LYS E 128 -4.56 13.35 6.27
CA LYS E 128 -3.64 13.78 7.32
C LYS E 128 -4.21 14.93 8.15
N ASP E 129 -4.71 15.98 7.49
CA ASP E 129 -5.31 17.13 8.17
C ASP E 129 -6.09 17.93 7.14
N LEU E 130 -7.39 18.15 7.37
CA LEU E 130 -8.24 18.88 6.42
C LEU E 130 -8.59 20.25 6.96
N ARG E 131 -8.13 21.28 6.27
CA ARG E 131 -8.45 22.63 6.67
C ARG E 131 -9.77 22.93 5.92
N GLN E 132 -10.97 22.67 6.52
CA GLN E 132 -12.19 23.01 5.75
C GLN E 132 -12.77 24.38 6.06
N PHE E 133 -13.55 24.81 5.10
CA PHE E 133 -13.87 26.17 4.75
C PHE E 133 -15.36 26.29 4.51
N PRO E 134 -15.86 27.51 4.62
CA PRO E 134 -17.29 27.73 4.39
C PRO E 134 -17.65 27.59 2.93
N ASN E 135 -16.77 28.05 2.02
CA ASN E 135 -17.01 27.97 0.58
C ASN E 135 -15.79 27.45 -0.16
N ILE E 136 -16.05 26.86 -1.33
CA ILE E 136 -15.03 26.08 -2.03
C ILE E 136 -13.96 26.98 -2.66
N ASP E 137 -14.26 28.24 -2.95
CA ASP E 137 -13.19 29.06 -3.48
C ASP E 137 -12.13 29.39 -2.42
N ASN E 138 -12.52 29.44 -1.14
CA ASN E 138 -11.51 29.54 -0.08
C ASN E 138 -10.62 28.31 -0.08
N ALA E 139 -11.19 27.13 -0.21
CA ALA E 139 -10.35 25.96 -0.30
C ALA E 139 -9.46 26.01 -1.55
N TYR E 140 -9.97 26.49 -2.68
CA TYR E 140 -9.12 26.56 -3.87
C TYR E 140 -7.92 27.45 -3.59
N MET E 141 -8.17 28.63 -3.00
CA MET E 141 -7.09 29.60 -2.80
C MET E 141 -6.06 29.09 -1.81
N GLU E 142 -6.50 28.32 -0.80
CA GLU E 142 -5.56 27.66 0.10
C GLU E 142 -4.63 26.74 -0.66
N LEU E 143 -5.15 25.98 -1.63
CA LEU E 143 -4.28 25.13 -2.42
C LEU E 143 -3.29 25.98 -3.22
N GLY E 144 -3.80 26.99 -3.91
CA GLY E 144 -2.99 27.81 -4.80
C GLY E 144 -1.84 28.54 -4.13
N THR E 145 -2.01 28.95 -2.89
CA THR E 145 -0.93 29.58 -2.15
C THR E 145 0.05 28.56 -1.59
N GLY E 146 -0.19 27.28 -1.84
CA GLY E 146 0.63 26.21 -1.32
C GLY E 146 0.38 25.89 0.12
N ARG E 147 -0.77 26.28 0.68
CA ARG E 147 -1.10 26.02 2.08
C ARG E 147 -1.81 24.69 2.32
N ALA E 148 -2.17 23.95 1.27
CA ALA E 148 -2.73 22.61 1.36
C ALA E 148 -2.26 21.89 0.10
N ASP E 149 -2.34 20.56 0.08
CA ASP E 149 -1.86 19.81 -1.07
C ASP E 149 -2.91 19.44 -2.10
N ALA E 150 -4.18 19.38 -1.75
CA ALA E 150 -5.21 19.02 -2.73
C ALA E 150 -6.56 19.53 -2.22
N VAL E 151 -7.52 19.58 -3.13
CA VAL E 151 -8.92 19.91 -2.84
C VAL E 151 -9.80 18.79 -3.40
N LEU E 152 -10.86 18.44 -2.68
CA LEU E 152 -11.85 17.46 -3.15
C LEU E 152 -13.25 18.07 -3.25
N HIS E 153 -13.87 17.97 -4.42
CA HIS E 153 -15.22 18.47 -4.55
C HIS E 153 -15.85 17.99 -5.84
N ASP E 154 -17.10 18.42 -6.05
CA ASP E 154 -17.93 17.98 -7.16
C ASP E 154 -17.26 18.19 -8.52
N THR E 155 -17.42 17.19 -9.38
CA THR E 155 -16.78 17.20 -10.67
C THR E 155 -17.01 18.45 -11.52
N PRO E 156 -18.26 18.79 -11.84
CA PRO E 156 -18.47 19.93 -12.74
C PRO E 156 -17.92 21.22 -12.15
N ASN E 157 -17.87 21.33 -10.82
CA ASN E 157 -17.29 22.49 -10.15
C ASN E 157 -15.77 22.47 -10.30
N ILE E 158 -15.13 21.35 -9.98
CA ILE E 158 -13.69 21.25 -10.15
C ILE E 158 -13.31 21.54 -11.59
N LEU E 159 -14.07 20.97 -12.53
CA LEU E 159 -13.76 21.09 -13.95
C LEU E 159 -14.01 22.49 -14.46
N TYR E 160 -15.13 23.12 -14.03
CA TYR E 160 -15.40 24.47 -14.47
C TYR E 160 -14.40 25.47 -13.86
N PHE E 161 -14.02 25.28 -12.59
CA PHE E 161 -13.00 26.14 -12.00
C PHE E 161 -11.69 26.03 -12.76
N ILE E 162 -11.24 24.83 -13.07
CA ILE E 162 -9.97 24.71 -13.80
C ILE E 162 -10.05 25.49 -15.11
N LYS E 163 -11.16 25.28 -15.85
CA LYS E 163 -11.36 25.91 -17.16
C LYS E 163 -11.37 27.44 -17.10
N THR E 164 -11.90 28.00 -16.01
CA THR E 164 -12.21 29.42 -15.99
C THR E 164 -11.30 30.27 -15.12
N ALA E 165 -10.96 29.78 -13.94
CA ALA E 165 -10.17 30.55 -13.01
C ALA E 165 -8.89 29.83 -12.65
N GLY E 166 -8.72 28.59 -13.12
CA GLY E 166 -7.54 27.86 -12.76
C GLY E 166 -6.29 28.39 -13.43
N ASN E 167 -6.43 28.90 -14.67
CA ASN E 167 -5.32 29.47 -15.45
C ASN E 167 -4.14 28.51 -15.54
N GLY E 168 -4.45 27.24 -15.80
CA GLY E 168 -3.43 26.21 -16.01
C GLY E 168 -2.53 25.89 -14.84
N GLN E 169 -2.82 26.43 -13.67
CA GLN E 169 -2.02 26.14 -12.48
C GLN E 169 -2.64 25.05 -11.60
N PHE E 170 -3.76 24.43 -12.03
CA PHE E 170 -4.39 23.30 -11.34
C PHE E 170 -4.74 22.19 -12.33
N LYS E 171 -4.88 20.98 -11.82
CA LYS E 171 -5.32 19.88 -12.68
C LYS E 171 -6.13 18.87 -11.87
N ALA E 172 -6.97 18.15 -12.57
CA ALA E 172 -7.75 17.09 -11.97
C ALA E 172 -7.08 15.73 -12.15
N VAL E 173 -7.12 14.94 -11.07
CA VAL E 173 -6.58 13.59 -11.04
C VAL E 173 -7.56 12.64 -10.35
N GLY E 174 -7.41 11.36 -10.66
CA GLY E 174 -8.30 10.34 -10.16
C GLY E 174 -9.57 10.26 -10.99
N ASP E 175 -10.59 9.53 -10.49
CA ASP E 175 -11.83 9.29 -11.23
C ASP E 175 -13.11 9.80 -10.56
N SER E 176 -14.08 10.11 -11.44
CA SER E 176 -15.43 10.58 -11.11
C SER E 176 -16.22 9.47 -10.44
N LEU E 177 -16.01 9.34 -9.15
CA LEU E 177 -16.82 8.41 -8.39
C LEU E 177 -18.28 8.88 -8.34
N GLU E 178 -19.17 8.00 -7.91
CA GLU E 178 -20.54 8.45 -7.58
C GLU E 178 -21.15 9.35 -8.63
N ALA E 179 -21.34 8.84 -9.85
CA ALA E 179 -22.17 9.59 -10.81
C ALA E 179 -23.54 9.81 -10.16
N GLN E 180 -24.01 11.05 -10.13
CA GLN E 180 -25.20 11.32 -9.34
C GLN E 180 -25.90 12.50 -9.98
N GLN E 181 -27.17 12.72 -9.63
CA GLN E 181 -28.04 13.66 -10.31
C GLN E 181 -28.33 14.84 -9.40
N TYR E 182 -28.54 16.01 -10.00
CA TYR E 182 -28.96 17.21 -9.29
C TYR E 182 -30.47 17.39 -9.36
N GLY E 183 -31.07 17.84 -8.26
CA GLY E 183 -32.49 18.18 -8.26
C GLY E 183 -32.77 19.47 -7.53
N ILE E 184 -33.87 20.13 -7.94
CA ILE E 184 -34.39 21.27 -7.19
C ILE E 184 -34.99 20.78 -5.89
N ALA E 185 -34.67 21.42 -4.77
CA ALA E 185 -35.15 20.96 -3.47
C ALA E 185 -36.30 21.82 -2.95
N PHE E 186 -37.26 21.19 -2.27
CA PHE E 186 -38.44 21.78 -1.67
C PHE E 186 -38.60 21.21 -0.27
N PRO E 187 -39.31 21.86 0.62
CA PRO E 187 -39.74 21.21 1.87
C PRO E 187 -40.79 20.11 1.65
N LYS E 188 -40.75 19.08 2.52
CA LYS E 188 -41.73 18.01 2.46
C LYS E 188 -43.15 18.54 2.65
N GLY E 189 -44.09 17.94 1.94
CA GLY E 189 -45.49 18.34 2.06
C GLY E 189 -45.89 19.52 1.21
N SER E 190 -44.98 20.01 0.36
CA SER E 190 -45.22 21.12 -0.57
C SER E 190 -45.30 20.67 -2.02
N ASP E 191 -45.88 19.49 -2.17
CA ASP E 191 -46.01 18.62 -3.36
C ASP E 191 -46.79 19.33 -4.48
N GLU E 192 -47.60 20.35 -4.11
CA GLU E 192 -48.28 21.22 -5.07
C GLU E 192 -47.27 22.10 -5.80
N LEU E 193 -46.34 22.70 -5.06
CA LEU E 193 -45.32 23.53 -5.70
C LEU E 193 -44.34 22.71 -6.53
N ARG E 194 -43.88 21.57 -6.02
CA ARG E 194 -42.86 20.81 -6.73
C ARG E 194 -43.33 20.36 -8.11
N ASP E 195 -44.53 19.80 -8.21
CA ASP E 195 -44.96 19.22 -9.48
C ASP E 195 -45.21 20.29 -10.54
N LYS E 196 -45.67 21.48 -10.14
CA LYS E 196 -45.75 22.59 -11.09
C LYS E 196 -44.38 22.85 -11.71
N VAL E 197 -43.32 22.74 -10.92
CA VAL E 197 -41.95 22.86 -11.46
C VAL E 197 -41.64 21.67 -12.36
N ASN E 198 -42.03 20.46 -11.95
CA ASN E 198 -41.77 19.30 -12.78
C ASN E 198 -42.38 19.44 -14.17
N GLY E 199 -43.59 19.97 -14.25
CA GLY E 199 -44.20 20.22 -15.56
C GLY E 199 -43.46 21.26 -16.37
N ALA E 200 -43.04 22.36 -15.72
CA ALA E 200 -42.25 23.42 -16.36
C ALA E 200 -40.85 22.93 -16.70
N LEU E 201 -40.35 21.91 -15.96
CA LEU E 201 -39.07 21.31 -16.29
C LEU E 201 -39.14 20.53 -17.59
N LYS E 202 -40.24 19.79 -17.77
CA LYS E 202 -40.48 19.05 -19.00
C LYS E 202 -40.50 19.96 -20.21
N THR E 203 -41.14 21.12 -20.10
CA THR E 203 -41.20 22.04 -21.24
C THR E 203 -39.79 22.46 -21.67
N LEU E 204 -38.97 22.95 -20.72
CA LEU E 204 -37.68 23.55 -21.05
C LEU E 204 -36.76 22.58 -21.76
N ARG E 205 -36.90 21.27 -21.48
CA ARG E 205 -36.09 20.27 -22.16
C ARG E 205 -36.57 20.02 -23.60
N GLU E 206 -37.86 20.20 -23.87
CA GLU E 206 -38.38 19.95 -25.20
C GLU E 206 -38.50 21.19 -26.06
N ASN E 207 -38.64 22.38 -25.47
CA ASN E 207 -38.85 23.62 -26.22
C ASN E 207 -37.55 24.38 -26.51
N GLY E 208 -36.39 23.79 -26.16
CA GLY E 208 -35.08 24.33 -26.51
C GLY E 208 -34.41 25.24 -25.50
N THR E 209 -35.14 25.75 -24.50
CA THR E 209 -34.55 26.67 -23.54
C THR E 209 -33.50 25.98 -22.67
N TYR E 210 -33.79 24.75 -22.22
CA TYR E 210 -32.83 24.00 -21.43
C TYR E 210 -31.49 23.84 -22.16
N ASN E 211 -31.57 23.47 -23.44
CA ASN E 211 -30.36 23.36 -24.25
C ASN E 211 -29.73 24.72 -24.48
N GLU E 212 -30.51 25.79 -24.63
CA GLU E 212 -29.87 27.10 -24.80
C GLU E 212 -29.04 27.44 -23.56
N ILE E 213 -29.58 27.17 -22.35
CA ILE E 213 -28.87 27.41 -21.09
C ILE E 213 -27.68 26.45 -20.93
N TYR E 214 -27.90 25.16 -21.19
CA TYR E 214 -26.82 24.19 -21.15
C TYR E 214 -25.70 24.56 -22.12
N LYS E 215 -26.03 25.07 -23.30
CA LYS E 215 -24.97 25.48 -24.20
C LYS E 215 -24.20 26.68 -23.64
N LYS E 216 -24.90 27.58 -22.94
CA LYS E 216 -24.27 28.77 -22.36
C LYS E 216 -23.13 28.42 -21.40
N TRP E 217 -23.32 27.40 -20.52
CA TRP E 217 -22.41 27.09 -19.41
C TRP E 217 -21.40 26.00 -19.77
N PHE E 218 -21.71 25.16 -20.78
CA PHE E 218 -20.91 23.97 -21.12
C PHE E 218 -20.33 24.05 -22.54
N GLY E 219 -21.17 24.18 -23.57
CA GLY E 219 -20.74 24.28 -24.95
C GLY E 219 -20.69 22.97 -25.73
N MET F 1 59.03 33.31 -4.71
CA MET F 1 57.84 33.28 -3.81
C MET F 1 57.04 31.98 -4.02
N LEU F 2 56.36 31.54 -2.96
CA LEU F 2 55.49 30.37 -3.02
C LEU F 2 54.09 30.80 -3.44
N VAL F 3 53.49 30.02 -4.32
CA VAL F 3 52.11 30.23 -4.74
C VAL F 3 51.25 29.15 -4.11
N VAL F 4 50.27 29.55 -3.31
CA VAL F 4 49.41 28.59 -2.60
C VAL F 4 47.97 28.77 -3.06
N ALA F 5 47.41 27.73 -3.66
CA ALA F 5 46.00 27.72 -4.02
C ALA F 5 45.12 27.59 -2.77
N THR F 6 43.96 28.21 -2.83
CA THR F 6 42.91 28.01 -1.82
C THR F 6 41.57 28.02 -2.55
N ASP F 7 40.50 27.69 -1.82
CA ASP F 7 39.16 27.63 -2.39
C ASP F 7 38.58 29.02 -2.53
N THR F 8 37.77 29.21 -3.57
CA THR F 8 36.99 30.45 -3.70
C THR F 8 36.09 30.71 -2.50
N ALA F 9 35.42 29.67 -1.97
CA ALA F 9 34.41 29.89 -0.93
C ALA F 9 34.07 28.56 -0.24
N PHE F 10 34.72 28.32 0.90
CA PHE F 10 34.52 27.11 1.69
C PHE F 10 34.67 27.52 3.16
N VAL F 11 33.59 28.09 3.68
CA VAL F 11 33.53 28.64 5.03
C VAL F 11 33.63 27.44 5.96
N PRO F 12 34.26 27.56 7.15
CA PRO F 12 34.97 28.72 7.67
C PRO F 12 36.49 28.62 7.37
N PHE F 13 36.84 27.80 6.41
CA PHE F 13 38.25 27.55 6.14
C PHE F 13 38.88 28.63 5.28
N GLU F 14 38.15 29.08 4.25
CA GLU F 14 38.57 30.22 3.44
C GLU F 14 37.35 30.84 2.78
N PHE F 15 37.24 32.15 2.89
CA PHE F 15 36.16 32.83 2.23
C PHE F 15 36.52 34.29 2.20
N LYS F 16 35.93 35.00 1.22
CA LYS F 16 36.16 36.43 1.07
C LYS F 16 35.37 37.18 2.12
N GLN F 17 36.01 38.10 2.82
CA GLN F 17 35.34 38.96 3.79
C GLN F 17 35.76 40.41 3.53
N GLY F 18 34.85 41.19 2.96
CA GLY F 18 35.24 42.54 2.59
C GLY F 18 36.08 42.46 1.34
N ASP F 19 37.41 42.62 1.37
CA ASP F 19 38.20 42.40 0.19
C ASP F 19 39.36 41.46 0.47
N LEU F 20 39.35 40.76 1.60
CA LEU F 20 40.41 39.85 2.02
C LEU F 20 39.85 38.45 2.18
N TYR F 21 40.70 37.46 1.97
CA TYR F 21 40.36 36.09 2.27
C TYR F 21 40.70 35.76 3.72
N VAL F 22 39.71 35.20 4.44
CA VAL F 22 39.83 34.84 5.85
C VAL F 22 39.37 33.41 6.09
N GLY F 23 39.73 32.89 7.25
CA GLY F 23 39.27 31.57 7.64
C GLY F 23 40.33 30.71 8.34
N PHE F 24 39.91 29.54 8.78
CA PHE F 24 40.83 28.68 9.49
C PHE F 24 42.04 28.27 8.63
N ASP F 25 41.79 27.90 7.37
CA ASP F 25 42.87 27.48 6.48
C ASP F 25 43.85 28.62 6.27
N VAL F 26 43.30 29.82 6.13
CA VAL F 26 44.13 31.00 5.97
C VAL F 26 45.02 31.19 7.18
N ASP F 27 44.45 31.08 8.38
CA ASP F 27 45.25 31.29 9.57
C ASP F 27 46.25 30.17 9.77
N LEU F 28 45.83 28.92 9.55
CA LEU F 28 46.79 27.84 9.74
C LEU F 28 47.96 27.99 8.78
N TRP F 29 47.65 28.26 7.50
CA TRP F 29 48.73 28.45 6.54
C TRP F 29 49.57 29.68 6.90
N ALA F 30 48.94 30.77 7.29
CA ALA F 30 49.72 31.93 7.72
C ALA F 30 50.68 31.57 8.86
N ALA F 31 50.18 30.86 9.87
CA ALA F 31 51.05 30.50 10.98
C ALA F 31 52.15 29.55 10.54
N ILE F 32 51.83 28.61 9.66
CA ILE F 32 52.84 27.66 9.20
C ILE F 32 53.93 28.42 8.48
N ALA F 33 53.55 29.42 7.68
CA ALA F 33 54.51 30.15 6.89
C ALA F 33 55.40 31.06 7.75
N LYS F 34 54.85 31.67 8.79
CA LYS F 34 55.68 32.49 9.67
C LYS F 34 56.74 31.64 10.41
N GLU F 35 56.33 30.43 10.84
CA GLU F 35 57.23 29.50 11.52
C GLU F 35 58.37 29.03 10.61
N LEU F 36 58.10 28.83 9.33
CA LEU F 36 59.09 28.39 8.36
C LEU F 36 59.73 29.56 7.60
N LYS F 37 59.36 30.81 7.93
CA LYS F 37 59.91 32.02 7.31
C LYS F 37 59.75 32.01 5.80
N LEU F 38 58.55 31.66 5.35
CA LEU F 38 58.27 31.60 3.91
C LEU F 38 57.27 32.69 3.54
N ASP F 39 57.61 33.44 2.50
CA ASP F 39 56.70 34.42 1.88
C ASP F 39 55.90 33.76 0.77
N TYR F 40 54.70 34.27 0.55
CA TYR F 40 53.82 33.53 -0.34
C TYR F 40 52.68 34.39 -0.89
N GLU F 41 52.01 33.78 -1.87
CA GLU F 41 50.82 34.28 -2.53
C GLU F 41 49.67 33.28 -2.38
N LEU F 42 48.54 33.78 -1.93
CA LEU F 42 47.29 33.02 -1.94
C LEU F 42 46.60 33.26 -3.29
N LYS F 43 46.20 32.19 -3.99
CA LYS F 43 45.50 32.28 -5.27
C LYS F 43 44.13 31.60 -5.16
N PRO F 44 43.07 32.30 -4.74
CA PRO F 44 41.76 31.62 -4.73
C PRO F 44 41.34 31.13 -6.11
N MET F 45 40.77 29.94 -6.15
CA MET F 45 40.23 29.42 -7.40
C MET F 45 39.17 28.39 -7.05
N ASP F 46 38.35 28.07 -8.04
CA ASP F 46 37.35 27.04 -7.80
C ASP F 46 38.06 25.72 -7.48
N PHE F 47 37.50 24.97 -6.56
CA PHE F 47 38.14 23.75 -6.10
C PHE F 47 38.51 22.86 -7.27
N SER F 48 37.65 22.84 -8.30
CA SER F 48 37.83 21.93 -9.42
C SER F 48 39.21 22.03 -10.05
N GLY F 49 39.82 23.20 -10.07
CA GLY F 49 41.11 23.33 -10.69
C GLY F 49 42.30 23.04 -9.80
N ILE F 50 42.10 22.78 -8.50
CA ILE F 50 43.23 22.79 -7.56
C ILE F 50 44.13 21.58 -7.77
N ILE F 51 43.54 20.38 -7.83
CA ILE F 51 44.40 19.21 -8.02
C ILE F 51 45.06 19.23 -9.37
N PRO F 52 44.40 19.55 -10.49
CA PRO F 52 45.14 19.81 -11.75
C PRO F 52 46.23 20.89 -11.64
N ALA F 53 45.94 22.03 -11.02
CA ALA F 53 46.97 23.05 -10.86
C ALA F 53 48.18 22.47 -10.12
N LEU F 54 47.94 21.65 -9.10
CA LEU F 54 49.05 21.03 -8.39
C LEU F 54 49.79 20.04 -9.28
N GLN F 55 49.07 19.20 -10.03
CA GLN F 55 49.76 18.20 -10.83
C GLN F 55 50.66 18.83 -11.88
N THR F 56 50.24 19.96 -12.46
CA THR F 56 50.96 20.67 -13.50
C THR F 56 51.92 21.71 -12.93
N LYS F 57 52.05 21.74 -11.60
CA LYS F 57 52.98 22.60 -10.87
C LYS F 57 52.78 24.08 -11.14
N ASN F 58 51.55 24.48 -11.46
CA ASN F 58 51.20 25.88 -11.56
C ASN F 58 51.02 26.54 -10.20
N VAL F 59 50.88 25.74 -9.14
CA VAL F 59 50.86 26.19 -7.76
C VAL F 59 51.83 25.27 -7.01
N ASP F 60 52.37 25.78 -5.90
CA ASP F 60 53.34 25.02 -5.11
C ASP F 60 52.71 24.17 -4.02
N LEU F 61 51.55 24.59 -3.50
CA LEU F 61 50.80 23.82 -2.51
C LEU F 61 49.40 24.40 -2.48
N ALA F 62 48.53 23.76 -1.70
CA ALA F 62 47.14 24.19 -1.64
C ALA F 62 46.58 23.94 -0.26
N LEU F 63 45.76 24.89 0.21
CA LEU F 63 44.93 24.72 1.39
C LEU F 63 43.49 25.06 1.00
N ALA F 64 42.67 24.03 0.92
CA ALA F 64 41.28 24.22 0.56
C ALA F 64 40.45 23.10 1.17
N GLY F 65 40.75 22.74 2.43
CA GLY F 65 40.06 21.61 3.01
C GLY F 65 40.09 20.36 2.15
N ILE F 66 41.29 19.99 1.69
CA ILE F 66 41.42 18.92 0.72
C ILE F 66 41.46 17.59 1.49
N THR F 67 40.49 16.73 1.21
CA THR F 67 40.43 15.44 1.89
C THR F 67 41.55 14.55 1.39
N ILE F 68 42.28 13.93 2.32
CA ILE F 68 43.30 12.95 1.96
C ILE F 68 42.60 11.71 1.44
N THR F 69 42.92 11.31 0.21
CA THR F 69 42.29 10.15 -0.39
C THR F 69 43.33 9.25 -1.02
N ASP F 70 43.00 7.96 -1.08
CA ASP F 70 43.95 7.00 -1.65
C ASP F 70 44.18 7.27 -3.12
N GLU F 71 43.10 7.53 -3.83
CA GLU F 71 43.22 7.68 -5.26
C GLU F 71 43.88 9.05 -5.57
N ARG F 72 43.72 10.00 -4.65
CA ARG F 72 44.36 11.33 -4.76
C ARG F 72 45.83 11.21 -4.47
N LYS F 73 46.21 10.16 -3.73
CA LYS F 73 47.62 9.96 -3.44
C LYS F 73 48.40 9.43 -4.66
N LYS F 74 47.70 8.97 -5.70
CA LYS F 74 48.41 8.64 -6.94
C LYS F 74 48.89 9.87 -7.68
N ALA F 75 48.17 10.97 -7.58
CA ALA F 75 48.43 12.16 -8.38
C ALA F 75 49.12 13.28 -7.62
N ILE F 76 48.94 13.34 -6.29
CA ILE F 76 49.49 14.40 -5.45
C ILE F 76 49.89 13.79 -4.12
N ASP F 77 50.62 14.60 -3.35
CA ASP F 77 51.05 14.23 -2.01
C ASP F 77 50.35 15.11 -0.97
N PHE F 78 50.25 14.59 0.24
CA PHE F 78 49.57 15.26 1.33
C PHE F 78 50.49 15.32 2.54
N SER F 79 50.37 16.42 3.28
CA SER F 79 50.89 16.52 4.63
C SER F 79 50.12 15.60 5.59
N ASP F 80 50.50 15.63 6.86
CA ASP F 80 49.68 15.01 7.90
C ASP F 80 48.33 15.71 8.03
N GLY F 81 47.31 14.95 8.41
CA GLY F 81 45.99 15.53 8.55
C GLY F 81 46.01 16.64 9.58
N TYR F 82 45.27 17.73 9.29
CA TYR F 82 45.15 18.86 10.21
C TYR F 82 43.69 19.12 10.61
N TYR F 83 42.74 18.26 10.20
CA TYR F 83 41.35 18.44 10.60
C TYR F 83 40.53 17.19 10.27
N LYS F 84 39.72 16.70 11.21
CA LYS F 84 38.91 15.53 10.95
C LYS F 84 37.53 16.00 10.53
N SER F 85 37.04 15.54 9.39
CA SER F 85 35.79 16.08 8.87
C SER F 85 34.88 14.96 8.39
N GLY F 86 33.80 15.35 7.70
CA GLY F 86 32.88 14.38 7.16
C GLY F 86 31.95 14.99 6.14
N LEU F 87 30.81 14.36 5.96
CA LEU F 87 29.80 14.81 5.02
C LEU F 87 28.44 14.80 5.69
N LEU F 88 27.64 15.81 5.39
CA LEU F 88 26.36 16.01 6.09
C LEU F 88 25.31 16.40 5.06
N VAL F 89 24.09 15.96 5.31
CA VAL F 89 22.95 16.35 4.48
C VAL F 89 22.36 17.63 5.07
N MET F 90 21.95 18.55 4.20
CA MET F 90 21.31 19.80 4.61
C MET F 90 19.98 19.89 3.91
N VAL F 91 18.91 20.26 4.63
CA VAL F 91 17.60 20.41 4.03
C VAL F 91 16.98 21.69 4.53
N LYS F 92 15.91 22.08 3.85
CA LYS F 92 15.12 23.19 4.34
C LYS F 92 14.58 22.81 5.72
N ALA F 93 14.44 23.80 6.59
CA ALA F 93 13.97 23.46 7.92
C ALA F 93 12.53 22.92 7.91
N ASP F 94 11.72 23.27 6.93
CA ASP F 94 10.33 22.80 6.90
C ASP F 94 10.22 21.38 6.36
N ASN F 95 11.35 20.72 6.12
CA ASN F 95 11.33 19.40 5.54
C ASN F 95 11.11 18.37 6.64
N ASP F 96 10.22 17.39 6.37
CA ASP F 96 10.01 16.26 7.24
C ASP F 96 10.28 14.92 6.58
N ASP F 97 10.31 14.87 5.25
CA ASP F 97 10.50 13.61 4.54
C ASP F 97 11.92 13.07 4.64
N ILE F 98 12.91 13.95 4.77
CA ILE F 98 14.30 13.58 4.61
C ILE F 98 14.90 13.58 6.01
N LYS F 99 15.18 12.38 6.54
CA LYS F 99 15.75 12.21 7.86
C LYS F 99 17.20 11.77 7.87
N SER F 100 17.69 11.23 6.76
CA SER F 100 19.06 10.76 6.66
C SER F 100 19.41 10.76 5.18
N VAL F 101 20.64 10.41 4.88
CA VAL F 101 21.05 10.36 3.48
C VAL F 101 20.25 9.30 2.73
N LYS F 102 19.84 8.24 3.44
CA LYS F 102 19.07 7.17 2.84
C LYS F 102 17.80 7.69 2.18
N ASP F 103 17.22 8.75 2.74
CA ASP F 103 16.02 9.40 2.22
C ASP F 103 16.30 10.30 1.01
N LEU F 104 17.57 10.41 0.59
CA LEU F 104 17.93 11.17 -0.60
C LEU F 104 17.72 10.38 -1.88
N ASP F 105 17.46 9.08 -1.76
CA ASP F 105 17.06 8.31 -2.93
C ASP F 105 15.82 8.94 -3.53
N GLY F 106 15.85 9.21 -4.83
CA GLY F 106 14.72 9.80 -5.51
C GLY F 106 14.52 11.28 -5.32
N LYS F 107 15.53 12.00 -4.85
CA LYS F 107 15.45 13.43 -4.61
C LYS F 107 16.45 14.18 -5.50
N VAL F 108 16.20 15.48 -5.67
CA VAL F 108 17.12 16.39 -6.37
C VAL F 108 18.13 16.86 -5.35
N VAL F 109 19.39 16.50 -5.56
CA VAL F 109 20.45 16.84 -4.62
C VAL F 109 21.42 17.76 -5.34
N ALA F 110 21.77 18.87 -4.70
CA ALA F 110 22.72 19.82 -5.26
C ALA F 110 24.05 19.67 -4.54
N VAL F 111 25.15 19.59 -5.30
CA VAL F 111 26.48 19.37 -4.72
C VAL F 111 27.50 20.21 -5.51
N LYS F 112 28.72 20.22 -5.00
CA LYS F 112 29.78 21.07 -5.54
C LYS F 112 30.73 20.25 -6.40
N SER F 113 30.87 20.65 -7.67
CA SER F 113 31.69 19.92 -8.65
C SER F 113 33.13 19.71 -8.19
N GLY F 114 33.65 18.52 -8.42
CA GLY F 114 35.06 18.24 -8.18
C GLY F 114 35.37 17.80 -6.77
N THR F 115 34.37 17.66 -5.92
CA THR F 115 34.61 17.34 -4.52
C THR F 115 34.22 15.90 -4.22
N GLY F 116 34.67 15.43 -3.06
CA GLY F 116 34.28 14.10 -2.64
C GLY F 116 32.79 13.93 -2.46
N SER F 117 32.04 15.04 -2.31
CA SER F 117 30.58 14.92 -2.17
C SER F 117 29.94 14.37 -3.44
N VAL F 118 30.49 14.74 -4.59
CA VAL F 118 29.96 14.21 -5.83
C VAL F 118 30.22 12.71 -5.93
N ASP F 119 31.44 12.29 -5.56
CA ASP F 119 31.80 10.87 -5.59
C ASP F 119 30.88 10.05 -4.70
N TYR F 120 30.52 10.59 -3.54
CA TYR F 120 29.64 9.87 -2.61
C TYR F 120 28.25 9.74 -3.19
N ALA F 121 27.69 10.84 -3.70
CA ALA F 121 26.33 10.77 -4.23
C ALA F 121 26.21 9.78 -5.38
N LYS F 122 27.15 9.76 -6.33
CA LYS F 122 26.85 8.80 -7.39
C LYS F 122 27.23 7.38 -6.91
N ALA F 123 28.14 7.24 -5.95
CA ALA F 123 28.41 5.89 -5.44
C ALA F 123 27.22 5.32 -4.65
N ASN F 124 26.46 6.16 -3.93
CA ASN F 124 25.58 5.66 -2.89
C ASN F 124 24.16 6.17 -2.93
N ILE F 125 23.78 7.02 -3.88
CA ILE F 125 22.47 7.66 -3.82
C ILE F 125 21.79 7.53 -5.16
N LYS F 126 20.57 6.96 -5.16
CA LYS F 126 19.77 6.83 -6.37
C LYS F 126 18.97 8.12 -6.51
N THR F 127 19.66 9.16 -6.98
CA THR F 127 19.04 10.46 -7.11
C THR F 127 18.10 10.50 -8.30
N LYS F 128 17.09 11.36 -8.17
CA LYS F 128 16.34 11.81 -9.34
C LYS F 128 17.21 12.69 -10.23
N ASP F 129 18.03 13.55 -9.61
CA ASP F 129 18.88 14.50 -10.32
C ASP F 129 19.99 14.95 -9.39
N LEU F 130 21.23 14.92 -9.86
CA LEU F 130 22.40 15.36 -9.09
C LEU F 130 22.89 16.63 -9.78
N ARG F 131 22.57 17.79 -9.19
CA ARG F 131 22.87 19.08 -9.78
C ARG F 131 24.20 19.62 -9.23
N GLN F 132 25.20 19.66 -10.11
CA GLN F 132 26.55 20.05 -9.74
C GLN F 132 26.73 21.54 -10.03
N PHE F 133 27.40 22.24 -9.12
CA PHE F 133 27.65 23.66 -9.21
C PHE F 133 29.11 23.85 -8.87
N PRO F 134 29.74 24.93 -9.35
CA PRO F 134 31.19 25.10 -9.08
C PRO F 134 31.49 25.46 -7.64
N ASN F 135 30.54 26.09 -6.96
CA ASN F 135 30.74 26.57 -5.60
C ASN F 135 29.56 26.19 -4.73
N ILE F 136 29.86 26.01 -3.43
CA ILE F 136 28.85 25.40 -2.58
C ILE F 136 27.73 26.38 -2.23
N ASP F 137 28.01 27.67 -2.18
CA ASP F 137 26.96 28.65 -1.94
C ASP F 137 26.00 28.73 -3.12
N ASN F 138 26.40 28.28 -4.33
CA ASN F 138 25.40 28.06 -5.39
C ASN F 138 24.43 26.97 -4.98
N ALA F 139 24.97 25.88 -4.42
CA ALA F 139 24.11 24.79 -4.00
C ALA F 139 23.20 25.22 -2.83
N TYR F 140 23.72 25.98 -1.88
CA TYR F 140 22.82 26.46 -0.84
C TYR F 140 21.65 27.20 -1.47
N MET F 141 21.94 27.99 -2.51
CA MET F 141 20.89 28.78 -3.16
C MET F 141 19.92 27.89 -3.89
N GLU F 142 20.40 26.84 -4.58
CA GLU F 142 19.50 25.92 -5.23
C GLU F 142 18.50 25.32 -4.23
N LEU F 143 18.98 25.01 -3.02
CA LEU F 143 18.10 24.53 -1.97
C LEU F 143 17.14 25.62 -1.50
N GLY F 144 17.64 26.83 -1.27
CA GLY F 144 16.81 27.90 -0.70
C GLY F 144 15.65 28.29 -1.60
N THR F 145 15.88 28.26 -2.92
CA THR F 145 14.85 28.57 -3.89
C THR F 145 13.90 27.40 -4.16
N GLY F 146 14.06 26.24 -3.52
CA GLY F 146 13.24 25.07 -3.78
C GLY F 146 13.56 24.31 -5.06
N ARG F 147 14.71 24.56 -5.67
CA ARG F 147 15.06 23.85 -6.91
C ARG F 147 15.77 22.55 -6.64
N ALA F 148 16.12 22.30 -5.39
CA ALA F 148 16.65 21.02 -4.97
C ALA F 148 16.08 20.74 -3.60
N ASP F 149 16.07 19.46 -3.24
CA ASP F 149 15.57 19.01 -1.95
C ASP F 149 16.65 18.96 -0.87
N ALA F 150 17.90 18.89 -1.25
CA ALA F 150 18.92 18.74 -0.23
C ALA F 150 20.26 19.22 -0.79
N VAL F 151 21.20 19.48 0.10
CA VAL F 151 22.59 19.72 -0.27
C VAL F 151 23.42 18.73 0.53
N LEU F 152 24.41 18.10 -0.10
CA LEU F 152 25.37 17.24 0.61
C LEU F 152 26.76 17.85 0.46
N HIS F 153 27.41 18.11 1.57
CA HIS F 153 28.78 18.61 1.50
C HIS F 153 29.42 18.44 2.87
N ASP F 154 30.69 18.83 2.97
CA ASP F 154 31.48 18.60 4.19
C ASP F 154 30.83 19.19 5.44
N THR F 155 30.90 18.43 6.54
CA THR F 155 30.28 18.77 7.82
C THR F 155 30.57 20.14 8.40
N PRO F 156 31.85 20.53 8.58
CA PRO F 156 32.13 21.87 9.15
C PRO F 156 31.66 23.02 8.27
N ASN F 157 31.57 22.79 6.96
CA ASN F 157 31.04 23.79 6.04
C ASN F 157 29.52 23.92 6.22
N ILE F 158 28.80 22.79 6.20
CA ILE F 158 27.34 22.82 6.38
C ILE F 158 26.99 23.49 7.70
N LEU F 159 27.67 23.09 8.76
CA LEU F 159 27.39 23.58 10.11
C LEU F 159 27.67 25.06 10.25
N TYR F 160 28.79 25.53 9.68
CA TYR F 160 29.09 26.92 9.83
C TYR F 160 28.15 27.76 9.00
N PHE F 161 27.76 27.27 7.81
CA PHE F 161 26.79 28.00 7.01
C PHE F 161 25.48 28.14 7.77
N ILE F 162 24.99 27.04 8.38
CA ILE F 162 23.75 27.11 9.14
C ILE F 162 23.85 28.12 10.28
N LYS F 163 24.92 28.04 11.05
CA LYS F 163 25.10 28.92 12.20
C LYS F 163 25.17 30.40 11.81
N THR F 164 25.73 30.72 10.64
CA THR F 164 26.10 32.09 10.32
C THR F 164 25.25 32.76 9.27
N ALA F 165 24.83 32.04 8.25
CA ALA F 165 24.05 32.62 7.18
C ALA F 165 22.75 31.86 7.01
N GLY F 166 22.53 30.80 7.80
CA GLY F 166 21.33 30.00 7.63
C GLY F 166 20.07 30.71 8.05
N ASN F 167 20.14 31.52 9.10
CA ASN F 167 18.95 32.23 9.57
C ASN F 167 17.80 31.28 9.89
N GLY F 168 18.12 30.17 10.52
CA GLY F 168 17.13 29.20 10.94
C GLY F 168 16.25 28.53 9.89
N GLN F 169 16.54 28.74 8.61
CA GLN F 169 15.73 28.14 7.55
C GLN F 169 16.35 26.89 6.96
N PHE F 170 17.51 26.51 7.47
CA PHE F 170 18.17 25.31 7.00
C PHE F 170 18.50 24.47 8.21
N LYS F 171 18.57 23.17 8.00
CA LYS F 171 18.99 22.31 9.10
C LYS F 171 19.80 21.14 8.58
N ALA F 172 20.64 20.63 9.44
CA ALA F 172 21.38 19.43 9.10
C ALA F 172 20.56 18.24 9.54
N VAL F 173 20.62 17.17 8.80
CA VAL F 173 19.94 15.95 9.20
C VAL F 173 20.93 14.79 9.08
N GLY F 174 20.74 13.77 9.94
CA GLY F 174 21.57 12.58 9.99
C GLY F 174 22.87 12.80 10.74
N ASP F 175 23.77 11.86 10.55
CA ASP F 175 25.04 11.92 11.23
C ASP F 175 26.12 12.35 10.22
N SER F 176 27.28 12.72 10.75
CA SER F 176 28.43 13.03 9.91
C SER F 176 28.83 11.72 9.22
N LEU F 177 28.80 11.69 7.90
CA LEU F 177 29.15 10.54 7.08
C LEU F 177 30.62 10.60 6.66
N GLU F 178 31.17 9.47 6.22
CA GLU F 178 32.55 9.49 5.72
C GLU F 178 33.52 10.28 6.60
N ALA F 179 33.83 9.70 7.74
CA ALA F 179 34.92 10.28 8.47
C ALA F 179 36.16 10.38 7.56
N GLN F 180 36.75 11.57 7.44
CA GLN F 180 37.82 11.83 6.49
C GLN F 180 38.62 12.95 7.13
N GLN F 181 39.82 13.15 6.65
CA GLN F 181 40.75 14.14 7.18
C GLN F 181 41.15 15.08 6.07
N TYR F 182 41.45 16.32 6.45
CA TYR F 182 41.97 17.30 5.51
C TYR F 182 43.47 17.27 5.61
N GLY F 183 44.14 17.41 4.47
CA GLY F 183 45.57 17.60 4.45
C GLY F 183 45.92 18.74 3.52
N ILE F 184 47.08 19.35 3.80
CA ILE F 184 47.70 20.28 2.85
C ILE F 184 48.24 19.47 1.68
N ALA F 185 47.89 19.87 0.47
CA ALA F 185 48.24 19.05 -0.69
C ALA F 185 49.46 19.66 -1.38
N PHE F 186 50.26 18.79 -1.98
CA PHE F 186 51.46 19.20 -2.69
C PHE F 186 51.59 18.47 -4.01
N PRO F 187 52.22 19.10 -4.99
CA PRO F 187 52.62 18.36 -6.19
C PRO F 187 53.71 17.33 -5.87
N LYS F 188 53.73 16.24 -6.63
CA LYS F 188 54.78 15.24 -6.48
C LYS F 188 56.15 15.89 -6.63
N GLY F 189 57.12 15.36 -5.91
CA GLY F 189 58.47 15.91 -5.93
C GLY F 189 58.67 17.01 -4.92
N SER F 190 57.73 17.20 -3.99
CA SER F 190 57.78 18.23 -2.97
C SER F 190 58.14 17.69 -1.59
N ASP F 191 58.97 16.65 -1.51
CA ASP F 191 59.16 16.03 -0.21
C ASP F 191 59.76 17.02 0.77
N GLU F 192 60.68 17.87 0.29
CA GLU F 192 61.41 18.77 1.19
C GLU F 192 60.48 19.77 1.88
N LEU F 193 59.64 20.46 1.12
CA LEU F 193 58.72 21.41 1.77
C LEU F 193 57.66 20.67 2.58
N ARG F 194 57.13 19.57 2.04
CA ARG F 194 56.13 18.80 2.76
C ARG F 194 56.69 18.37 4.12
N ASP F 195 57.98 17.98 4.16
CA ASP F 195 58.53 17.57 5.45
C ASP F 195 58.69 18.76 6.38
N LYS F 196 59.10 19.92 5.85
CA LYS F 196 59.17 21.13 6.65
C LYS F 196 57.78 21.50 7.20
N VAL F 197 56.75 21.37 6.37
CA VAL F 197 55.39 21.73 6.78
C VAL F 197 54.89 20.78 7.87
N ASN F 198 55.10 19.48 7.70
CA ASN F 198 54.70 18.51 8.72
C ASN F 198 55.39 18.80 10.06
N GLY F 199 56.66 19.20 10.01
CA GLY F 199 57.33 19.64 11.23
C GLY F 199 56.72 20.91 11.82
N ALA F 200 56.44 21.91 11.00
CA ALA F 200 55.90 23.16 11.56
C ALA F 200 54.48 23.02 12.08
N LEU F 201 53.65 22.14 11.50
CA LEU F 201 52.31 21.88 12.05
C LEU F 201 52.40 21.09 13.37
N LYS F 202 53.36 20.16 13.48
CA LYS F 202 53.66 19.54 14.77
C LYS F 202 54.03 20.62 15.77
N THR F 203 54.78 21.65 15.33
CA THR F 203 55.11 22.75 16.23
C THR F 203 53.87 23.51 16.71
N LEU F 204 52.99 23.94 15.78
CA LEU F 204 51.86 24.80 16.16
C LEU F 204 50.84 24.09 17.09
N ARG F 205 50.74 22.77 16.98
CA ARG F 205 49.90 21.98 17.87
C ARG F 205 50.49 21.87 19.29
N GLU F 206 51.81 22.02 19.44
CA GLU F 206 52.48 21.92 20.74
C GLU F 206 52.60 23.26 21.47
N ASN F 207 52.71 24.38 20.75
CA ASN F 207 52.86 25.69 21.37
C ASN F 207 51.53 26.42 21.56
N GLY F 208 50.41 25.78 21.21
CA GLY F 208 49.08 26.34 21.44
C GLY F 208 48.49 27.19 20.33
N THR F 209 49.25 27.53 19.29
CA THR F 209 48.72 28.43 18.26
C THR F 209 47.58 27.75 17.48
N TYR F 210 47.75 26.48 17.13
CA TYR F 210 46.70 25.77 16.45
C TYR F 210 45.40 25.81 17.25
N ASN F 211 45.49 25.60 18.56
CA ASN F 211 44.29 25.63 19.37
C ASN F 211 43.65 27.00 19.41
N GLU F 212 44.44 28.06 19.40
CA GLU F 212 43.86 29.41 19.37
C GLU F 212 43.07 29.66 18.08
N ILE F 213 43.60 29.19 16.95
CA ILE F 213 42.91 29.32 15.66
C ILE F 213 41.68 28.43 15.61
N TYR F 214 41.81 27.17 16.06
CA TYR F 214 40.67 26.26 16.09
C TYR F 214 39.54 26.84 16.92
N LYS F 215 39.89 27.45 18.07
CA LYS F 215 38.87 28.07 18.92
C LYS F 215 38.30 29.33 18.28
N LYS F 216 39.12 30.09 17.57
CA LYS F 216 38.60 31.29 16.90
C LYS F 216 37.46 30.94 15.95
N TRP F 217 37.61 29.84 15.18
CA TRP F 217 36.68 29.51 14.10
C TRP F 217 35.64 28.45 14.46
N PHE F 218 35.89 27.60 15.46
CA PHE F 218 34.98 26.50 15.81
C PHE F 218 34.37 26.64 17.19
N GLY F 219 34.93 27.46 18.08
CA GLY F 219 34.37 27.63 19.41
C GLY F 219 34.42 26.43 20.34
N GLN G . 9.92 -0.36 -24.36
CA GLN G . 9.16 -1.49 -24.91
C GLN G . 9.06 -2.53 -23.78
O GLN G . 8.06 -3.29 -23.68
CB GLN G . 9.92 -2.18 -26.06
CG GLN G . 10.18 -1.21 -27.23
CD GLN G . 10.37 -2.15 -28.42
OE1 GLN G . 9.57 -2.34 -29.24
NE2 GLN G . 11.59 -2.90 -28.46
OXT GLN G . 10.02 -2.61 -22.93
H1 GLN G . 10.14 0.27 -25.10
H2 GLN G . 10.78 -0.70 -23.95
H3 GLN G . 9.37 0.10 -23.66
HA GLN G . 8.21 -1.13 -25.28
HB2 GLN G . 10.87 -2.55 -25.69
HB3 GLN G . 9.33 -3.02 -26.42
HG2 GLN G . 11.08 -0.62 -27.06
HG3 GLN G . 9.33 -0.55 -27.39
HE21 GLN G . 11.76 -3.53 -29.21
HE22 GLN G . 12.25 -2.73 -27.73
N GLN H . 4.79 3.08 22.74
CA GLN H . 5.65 2.12 23.43
C GLN H . 5.87 1.00 22.45
O GLN H . 4.99 0.79 21.54
CB GLN H . 4.91 1.51 24.65
CG GLN H . 4.80 2.54 25.74
CD GLN H . 4.49 1.75 27.00
OE1 GLN H . 5.27 1.72 27.90
NE2 GLN H . 3.23 1.04 27.08
OXT GLN H . 6.89 0.25 22.54
H1 GLN H . 3.94 2.63 22.46
H2 GLN H . 5.28 3.44 21.93
H3 GLN H . 4.58 3.85 23.36
HA GLN H . 6.57 2.59 23.77
HB2 GLN H . 3.91 1.19 24.35
HB3 GLN H . 5.46 0.65 25.02
HG2 GLN H . 4.00 3.24 25.51
HG3 GLN H . 5.73 3.09 25.83
HE21 GLN H . 3.00 0.53 27.90
HE22 GLN H . 2.60 1.10 26.31
N GLN I . -0.58 -31.83 23.43
CA GLN I . -1.40 -32.94 22.91
C GLN I . -1.52 -34.05 23.99
O GLN I . -2.52 -34.80 24.00
CB GLN I . -0.72 -33.66 21.76
CG GLN I . -0.48 -32.69 20.61
CD GLN I . -0.16 -33.54 19.38
OE1 GLN I . -0.94 -33.68 18.47
NE2 GLN I . 1.11 -34.19 19.29
OXT GLN I . -0.56 -34.22 24.81
H1 GLN I . 0.31 -32.18 23.72
H2 GLN I . -1.05 -31.40 24.21
H3 GLN I . -0.46 -31.15 22.70
HA GLN I . -2.35 -32.51 22.62
HB2 GLN I . 0.23 -34.07 22.10
HB3 GLN I . -1.36 -34.47 21.41
HG2 GLN I . 0.37 -32.04 20.84
HG3 GLN I . -1.35 -32.07 20.44
HE21 GLN I . 1.35 -34.73 18.49
HE22 GLN I . 1.77 -34.05 20.03
N GLN J . -30.44 -19.74 -15.80
CA GLN J . -30.92 -19.13 -17.02
C GLN J . -30.29 -19.89 -18.19
O GLN J . -30.86 -19.94 -19.30
CB GLN J . -30.43 -17.69 -17.13
CG GLN J . -30.94 -16.83 -15.95
CD GLN J . -31.04 -15.39 -16.47
OE1 GLN J . -32.08 -14.85 -16.79
NE2 GLN J . -29.78 -14.72 -16.65
OXT GLN J . -29.17 -20.43 -17.99
H1 GLN J . -29.46 -19.60 -15.72
H2 GLN J . -30.65 -20.72 -15.81
H3 GLN J . -30.90 -19.31 -15.01
HA GLN J . -32.01 -19.16 -17.02
HB2 GLN J . -29.35 -17.68 -17.13
HB3 GLN J . -30.80 -17.27 -18.06
HG2 GLN J . -30.24 -16.88 -15.13
HG3 GLN J . -31.91 -17.17 -15.63
HE21 GLN J . -29.77 -13.79 -16.98
HE22 GLN J . -28.93 -15.20 -16.40
N GLN K . -22.41 17.99 -4.04
CA GLN K . -22.78 18.63 -2.77
C GLN K . -23.93 17.93 -2.07
O GLN K . -24.77 17.19 -2.71
CB GLN K . -23.13 20.08 -3.10
CG GLN K . -21.95 20.76 -3.85
CD GLN K . -22.00 22.24 -3.53
OE1 GLN K . -21.14 22.88 -2.95
NE2 GLN K . -23.23 22.82 -4.01
OXT GLN K . -23.94 18.17 -0.82
H1 GLN K . -21.43 17.74 -4.02
H2 GLN K . -22.58 18.62 -4.80
H3 GLN K . -22.96 17.16 -4.16
HA GLN K . -21.94 18.58 -2.08
HB2 GLN K . -24.02 20.11 -3.72
HB3 GLN K . -23.32 20.62 -2.17
HG2 GLN K . -22.06 20.61 -4.92
HG3 GLN K . -21.00 20.34 -3.53
HE21 GLN K . -23.87 22.22 -4.47
HE22 GLN K . -23.44 23.79 -3.87
N GLN L . 36.39 17.90 1.03
CA GLN L . 36.30 18.39 -0.34
C GLN L . 37.23 17.50 -1.16
O GLN L . 36.81 16.90 -2.20
CB GLN L . 36.70 19.86 -0.40
CG GLN L . 35.69 20.70 0.44
CD GLN L . 35.61 21.99 -0.34
OE1 GLN L . 34.65 22.36 -0.89
NE2 GLN L . 36.78 22.78 -0.48
OXT GLN L . 38.39 17.40 -0.63
H1 GLN L . 35.48 17.65 1.37
H2 GLN L . 36.76 18.62 1.62
H3 GLN L . 37.00 17.10 1.06
HA GLN L . 35.28 18.35 -0.75
HB2 GLN L . 37.71 19.98 0.00
HB3 GLN L . 36.69 20.21 -1.44
HG2 GLN L . 36.08 20.88 1.45
HG3 GLN L . 34.73 20.21 0.51
HE21 GLN L . 37.62 22.49 -0.03
HE22 GLN L . 36.76 23.63 -1.00
#